data_2EK0
# 
_entry.id   2EK0 
# 
_audit_conform.dict_name       mmcif_pdbx.dic 
_audit_conform.dict_version    5.380 
_audit_conform.dict_location   http://mmcif.pdb.org/dictionaries/ascii/mmcif_pdbx.dic 
# 
loop_
_database_2.database_id 
_database_2.database_code 
_database_2.pdbx_database_accession 
_database_2.pdbx_DOI 
PDB   2EK0         pdb_00002ek0 10.2210/pdb2ek0/pdb 
RCSB  RCSB026758   ?            ?                   
WWPDB D_1000026758 ?            ?                   
# 
_pdbx_database_related.db_name        TargetDB 
_pdbx_database_related.db_id          ttk003001283.3 
_pdbx_database_related.details        . 
_pdbx_database_related.content_type   unspecified 
# 
_pdbx_database_status.entry_id                        2EK0 
_pdbx_database_status.deposit_site                    PDBJ 
_pdbx_database_status.process_site                    PDBJ 
_pdbx_database_status.recvd_initial_deposition_date   2007-03-22 
_pdbx_database_status.status_code                     REL 
_pdbx_database_status.status_code_sf                  REL 
_pdbx_database_status.status_code_mr                  ? 
_pdbx_database_status.SG_entry                        Y 
_pdbx_database_status.pdb_format_compatible           Y 
_pdbx_database_status.status_code_cs                  ? 
_pdbx_database_status.methods_development_category    ? 
_pdbx_database_status.status_code_nmr_data            ? 
# 
loop_
_audit_author.name 
_audit_author.pdbx_ordinal 
'Rehse, P.H.'                                            1 
'Yokoyama, S.'                                           2 
'RIKEN Structural Genomics/Proteomics Initiative (RSGI)' 3 
# 
_citation.id                        primary 
_citation.title                     'Stage V Sporolation Protein S (SPOVS) from Thermus thermophilus Zinc form' 
_citation.journal_abbrev            'To be Published' 
_citation.journal_volume            ? 
_citation.page_first                ? 
_citation.page_last                 ? 
_citation.year                      ? 
_citation.journal_id_ASTM           ? 
_citation.country                   ? 
_citation.journal_id_ISSN           ? 
_citation.journal_id_CSD            0353 
_citation.book_publisher            ? 
_citation.pdbx_database_id_PubMed   ? 
_citation.pdbx_database_id_DOI      ? 
# 
loop_
_citation_author.citation_id 
_citation_author.name 
_citation_author.ordinal 
_citation_author.identifier_ORCID 
primary 'Rehse, P.H.'  1 ? 
primary 'Yokoyama, S.' 2 ? 
# 
_cell.length_a           69.237 
_cell.length_b           72.772 
_cell.length_c           68.438 
_cell.angle_alpha        90.000 
_cell.angle_beta         90.000 
_cell.angle_gamma        90.000 
_cell.entry_id           2EK0 
_cell.pdbx_unique_axis   ? 
_cell.Z_PDB              16 
_cell.length_a_esd       ? 
_cell.length_b_esd       ? 
_cell.length_c_esd       ? 
_cell.angle_alpha_esd    ? 
_cell.angle_beta_esd     ? 
_cell.angle_gamma_esd    ? 
# 
_symmetry.space_group_name_H-M             'C 2 2 21' 
_symmetry.entry_id                         2EK0 
_symmetry.Int_Tables_number                20 
_symmetry.pdbx_full_space_group_name_H-M   ? 
_symmetry.cell_setting                     ? 
_symmetry.space_group_name_Hall            ? 
# 
loop_
_entity.id 
_entity.type 
_entity.src_method 
_entity.pdbx_description 
_entity.formula_weight 
_entity.pdbx_number_of_molecules 
_entity.pdbx_ec 
_entity.pdbx_mutation 
_entity.pdbx_fragment 
_entity.details 
1 polymer     man 'Stage V sporulation protein S (SpoVS) related protein' 9695.244 2  ? K22M ? ? 
2 non-polymer syn 'ZINC ION'                                              65.409   3  ? ?    ? ? 
3 water       nat water                                                   18.015   70 ? ?    ? ? 
# 
_entity_poly.entity_id                      1 
_entity_poly.type                           'polypeptide(L)' 
_entity_poly.nstd_linkage                   no 
_entity_poly.nstd_monomer                   no 
_entity_poly.pdbx_seq_one_letter_code       
;METLRVSSKSRPNSVAGAIAAMLRTKGEVEVQAIGPQAVNQAVKAIAIARGYIAPDNLDLVVKPAFVKLELENEERTALK
FSIKAHPLET
;
_entity_poly.pdbx_seq_one_letter_code_can   
;METLRVSSKSRPNSVAGAIAAMLRTKGEVEVQAIGPQAVNQAVKAIAIARGYIAPDNLDLVVKPAFVKLELENEERTALK
FSIKAHPLET
;
_entity_poly.pdbx_strand_id                 A,B 
_entity_poly.pdbx_target_identifier         ttk003001283.3 
# 
loop_
_entity_poly_seq.entity_id 
_entity_poly_seq.num 
_entity_poly_seq.mon_id 
_entity_poly_seq.hetero 
1 1  MET n 
1 2  GLU n 
1 3  THR n 
1 4  LEU n 
1 5  ARG n 
1 6  VAL n 
1 7  SER n 
1 8  SER n 
1 9  LYS n 
1 10 SER n 
1 11 ARG n 
1 12 PRO n 
1 13 ASN n 
1 14 SER n 
1 15 VAL n 
1 16 ALA n 
1 17 GLY n 
1 18 ALA n 
1 19 ILE n 
1 20 ALA n 
1 21 ALA n 
1 22 MET n 
1 23 LEU n 
1 24 ARG n 
1 25 THR n 
1 26 LYS n 
1 27 GLY n 
1 28 GLU n 
1 29 VAL n 
1 30 GLU n 
1 31 VAL n 
1 32 GLN n 
1 33 ALA n 
1 34 ILE n 
1 35 GLY n 
1 36 PRO n 
1 37 GLN n 
1 38 ALA n 
1 39 VAL n 
1 40 ASN n 
1 41 GLN n 
1 42 ALA n 
1 43 VAL n 
1 44 LYS n 
1 45 ALA n 
1 46 ILE n 
1 47 ALA n 
1 48 ILE n 
1 49 ALA n 
1 50 ARG n 
1 51 GLY n 
1 52 TYR n 
1 53 ILE n 
1 54 ALA n 
1 55 PRO n 
1 56 ASP n 
1 57 ASN n 
1 58 LEU n 
1 59 ASP n 
1 60 LEU n 
1 61 VAL n 
1 62 VAL n 
1 63 LYS n 
1 64 PRO n 
1 65 ALA n 
1 66 PHE n 
1 67 VAL n 
1 68 LYS n 
1 69 LEU n 
1 70 GLU n 
1 71 LEU n 
1 72 GLU n 
1 73 ASN n 
1 74 GLU n 
1 75 GLU n 
1 76 ARG n 
1 77 THR n 
1 78 ALA n 
1 79 LEU n 
1 80 LYS n 
1 81 PHE n 
1 82 SER n 
1 83 ILE n 
1 84 LYS n 
1 85 ALA n 
1 86 HIS n 
1 87 PRO n 
1 88 LEU n 
1 89 GLU n 
1 90 THR n 
# 
_entity_src_gen.entity_id                          1 
_entity_src_gen.pdbx_src_id                        1 
_entity_src_gen.pdbx_alt_source_flag               sample 
_entity_src_gen.pdbx_seq_type                      ? 
_entity_src_gen.pdbx_beg_seq_num                   ? 
_entity_src_gen.pdbx_end_seq_num                   ? 
_entity_src_gen.gene_src_common_name               ? 
_entity_src_gen.gene_src_genus                     Thermus 
_entity_src_gen.pdbx_gene_src_gene                 HB8 
_entity_src_gen.gene_src_species                   ? 
_entity_src_gen.gene_src_strain                    ? 
_entity_src_gen.gene_src_tissue                    ? 
_entity_src_gen.gene_src_tissue_fraction           ? 
_entity_src_gen.gene_src_details                   ? 
_entity_src_gen.pdbx_gene_src_fragment             ? 
_entity_src_gen.pdbx_gene_src_scientific_name      'Thermus thermophilus' 
_entity_src_gen.pdbx_gene_src_ncbi_taxonomy_id     274 
_entity_src_gen.pdbx_gene_src_variant              ? 
_entity_src_gen.pdbx_gene_src_cell_line            ? 
_entity_src_gen.pdbx_gene_src_atcc                 ? 
_entity_src_gen.pdbx_gene_src_organ                ? 
_entity_src_gen.pdbx_gene_src_organelle            ? 
_entity_src_gen.pdbx_gene_src_cell                 ? 
_entity_src_gen.pdbx_gene_src_cellular_location    ? 
_entity_src_gen.host_org_common_name               ? 
_entity_src_gen.pdbx_host_org_scientific_name      'Escherichia coli BL21(DE3)' 
_entity_src_gen.pdbx_host_org_ncbi_taxonomy_id     469008 
_entity_src_gen.host_org_genus                     Escherichia 
_entity_src_gen.pdbx_host_org_gene                 ? 
_entity_src_gen.pdbx_host_org_organ                ? 
_entity_src_gen.host_org_species                   'Escherichia coli' 
_entity_src_gen.pdbx_host_org_tissue               ? 
_entity_src_gen.pdbx_host_org_tissue_fraction      ? 
_entity_src_gen.pdbx_host_org_strain               'BL21 (DE3)' 
_entity_src_gen.pdbx_host_org_variant              ? 
_entity_src_gen.pdbx_host_org_cell_line            ? 
_entity_src_gen.pdbx_host_org_atcc                 ? 
_entity_src_gen.pdbx_host_org_culture_collection   ? 
_entity_src_gen.pdbx_host_org_cell                 ? 
_entity_src_gen.pdbx_host_org_organelle            ? 
_entity_src_gen.pdbx_host_org_cellular_location    ? 
_entity_src_gen.pdbx_host_org_vector_type          plasmid 
_entity_src_gen.pdbx_host_org_vector               ? 
_entity_src_gen.host_org_details                   ? 
_entity_src_gen.expression_system_id               ? 
_entity_src_gen.plasmid_name                       pET-11a 
_entity_src_gen.plasmid_details                    ? 
_entity_src_gen.pdbx_description                   ? 
# 
_struct_ref.id                         1 
_struct_ref.db_name                    UNP 
_struct_ref.db_code                    Q5SK02_THET8 
_struct_ref.pdbx_db_accession          Q5SK02 
_struct_ref.entity_id                  1 
_struct_ref.pdbx_seq_one_letter_code   
;METLRVSSKSRPNSVAGAIAALLRTKGEVEVQAIGPQAVNQAVKAIAIARGYIAPDNLDLVVKPAFVKLELENEERTALK
FSIKAHPLET
;
_struct_ref.pdbx_align_begin           1 
_struct_ref.pdbx_db_isoform            ? 
# 
loop_
_struct_ref_seq.align_id 
_struct_ref_seq.ref_id 
_struct_ref_seq.pdbx_PDB_id_code 
_struct_ref_seq.pdbx_strand_id 
_struct_ref_seq.seq_align_beg 
_struct_ref_seq.pdbx_seq_align_beg_ins_code 
_struct_ref_seq.seq_align_end 
_struct_ref_seq.pdbx_seq_align_end_ins_code 
_struct_ref_seq.pdbx_db_accession 
_struct_ref_seq.db_align_beg 
_struct_ref_seq.pdbx_db_align_beg_ins_code 
_struct_ref_seq.db_align_end 
_struct_ref_seq.pdbx_db_align_end_ins_code 
_struct_ref_seq.pdbx_auth_seq_align_beg 
_struct_ref_seq.pdbx_auth_seq_align_end 
1 1 2EK0 A 1 ? 90 ? Q5SK02 1 ? 90 ? 1 90 
2 1 2EK0 B 1 ? 90 ? Q5SK02 1 ? 90 ? 1 90 
# 
loop_
_struct_ref_seq_dif.align_id 
_struct_ref_seq_dif.pdbx_pdb_id_code 
_struct_ref_seq_dif.mon_id 
_struct_ref_seq_dif.pdbx_pdb_strand_id 
_struct_ref_seq_dif.seq_num 
_struct_ref_seq_dif.pdbx_pdb_ins_code 
_struct_ref_seq_dif.pdbx_seq_db_name 
_struct_ref_seq_dif.pdbx_seq_db_accession_code 
_struct_ref_seq_dif.db_mon_id 
_struct_ref_seq_dif.pdbx_seq_db_seq_num 
_struct_ref_seq_dif.details 
_struct_ref_seq_dif.pdbx_auth_seq_num 
_struct_ref_seq_dif.pdbx_ordinal 
1 2EK0 MET A 22 ? UNP Q5SK02 LEU 22 'engineered mutation' 22 1 
2 2EK0 MET B 22 ? UNP Q5SK02 LEU 22 'engineered mutation' 22 2 
# 
loop_
_chem_comp.id 
_chem_comp.type 
_chem_comp.mon_nstd_flag 
_chem_comp.name 
_chem_comp.pdbx_synonyms 
_chem_comp.formula 
_chem_comp.formula_weight 
ALA 'L-peptide linking' y ALANINE         ? 'C3 H7 N O2'     89.093  
ARG 'L-peptide linking' y ARGININE        ? 'C6 H15 N4 O2 1' 175.209 
ASN 'L-peptide linking' y ASPARAGINE      ? 'C4 H8 N2 O3'    132.118 
ASP 'L-peptide linking' y 'ASPARTIC ACID' ? 'C4 H7 N O4'     133.103 
GLN 'L-peptide linking' y GLUTAMINE       ? 'C5 H10 N2 O3'   146.144 
GLU 'L-peptide linking' y 'GLUTAMIC ACID' ? 'C5 H9 N O4'     147.129 
GLY 'peptide linking'   y GLYCINE         ? 'C2 H5 N O2'     75.067  
HIS 'L-peptide linking' y HISTIDINE       ? 'C6 H10 N3 O2 1' 156.162 
HOH non-polymer         . WATER           ? 'H2 O'           18.015  
ILE 'L-peptide linking' y ISOLEUCINE      ? 'C6 H13 N O2'    131.173 
LEU 'L-peptide linking' y LEUCINE         ? 'C6 H13 N O2'    131.173 
LYS 'L-peptide linking' y LYSINE          ? 'C6 H15 N2 O2 1' 147.195 
MET 'L-peptide linking' y METHIONINE      ? 'C5 H11 N O2 S'  149.211 
PHE 'L-peptide linking' y PHENYLALANINE   ? 'C9 H11 N O2'    165.189 
PRO 'L-peptide linking' y PROLINE         ? 'C5 H9 N O2'     115.130 
SER 'L-peptide linking' y SERINE          ? 'C3 H7 N O3'     105.093 
THR 'L-peptide linking' y THREONINE       ? 'C4 H9 N O3'     119.119 
TYR 'L-peptide linking' y TYROSINE        ? 'C9 H11 N O3'    181.189 
VAL 'L-peptide linking' y VALINE          ? 'C5 H11 N O2'    117.146 
ZN  non-polymer         . 'ZINC ION'      ? 'Zn 2'           65.409  
# 
_exptl.crystals_number   1 
_exptl.entry_id          2EK0 
_exptl.method            'X-RAY DIFFRACTION' 
# 
_exptl_crystal.id                    1 
_exptl_crystal.density_Matthews      2.22 
_exptl_crystal.density_meas          ? 
_exptl_crystal.density_percent_sol   44.64 
_exptl_crystal.description           ? 
_exptl_crystal.F_000                 ? 
_exptl_crystal.preparation           ? 
# 
_exptl_crystal_grow.crystal_id      1 
_exptl_crystal_grow.method          'VAPOR DIFFUSION, HANGING DROP' 
_exptl_crystal_grow.pH              7.3 
_exptl_crystal_grow.temp            293 
_exptl_crystal_grow.temp_details    ? 
_exptl_crystal_grow.pdbx_details    
'100mM Na cacodylate, 0.2M Zn Acetate, 35% PEG 200 , pH 7.3, VAPOR DIFFUSION, HANGING DROP, temperature 293K' 
_exptl_crystal_grow.pdbx_pH_range   . 
# 
_diffrn.id                     1 
_diffrn.ambient_temp           100 
_diffrn.ambient_temp_details   ? 
_diffrn.crystal_id             1 
# 
_diffrn_detector.diffrn_id              1 
_diffrn_detector.detector               CCD 
_diffrn_detector.type                   'ADSC QUANTUM 210' 
_diffrn_detector.pdbx_collection_date   2006-04-13 
_diffrn_detector.details                mirrors 
# 
_diffrn_radiation.diffrn_id                        1 
_diffrn_radiation.wavelength_id                    1 
_diffrn_radiation.pdbx_diffrn_protocol             'SINGLE WAVELENGTH' 
_diffrn_radiation.monochromator                    'Si 111' 
_diffrn_radiation.pdbx_monochromatic_or_laue_m_l   M 
_diffrn_radiation.pdbx_scattering_type             x-ray 
# 
_diffrn_radiation_wavelength.id           1 
_diffrn_radiation_wavelength.wavelength   1.00000 
_diffrn_radiation_wavelength.wt           1.0 
# 
_diffrn_source.diffrn_id                   1 
_diffrn_source.source                      SYNCHROTRON 
_diffrn_source.type                        'SPRING-8 BEAMLINE BL26B1' 
_diffrn_source.pdbx_wavelength             ? 
_diffrn_source.pdbx_wavelength_list        1.00000 
_diffrn_source.pdbx_synchrotron_site       SPring-8 
_diffrn_source.pdbx_synchrotron_beamline   BL26B1 
# 
_reflns.entry_id                     2EK0 
_reflns.d_resolution_high            1.860 
_reflns.d_resolution_low             40.500 
_reflns.number_obs                   14671 
_reflns.pdbx_Rmerge_I_obs            0.066 
_reflns.pdbx_netI_over_sigmaI        23.500 
_reflns.pdbx_chi_squared             1.000 
_reflns.pdbx_redundancy              6.400 
_reflns.percent_possible_obs         98.800 
_reflns.observed_criterion_sigma_F   0.0 
_reflns.observed_criterion_sigma_I   0.0 
_reflns.number_all                   14849 
_reflns.pdbx_Rsym_value              ? 
_reflns.B_iso_Wilson_estimate        ? 
_reflns.R_free_details               ? 
_reflns.limit_h_max                  ? 
_reflns.limit_h_min                  ? 
_reflns.limit_k_max                  ? 
_reflns.limit_k_min                  ? 
_reflns.limit_l_max                  ? 
_reflns.limit_l_min                  ? 
_reflns.observed_criterion_F_max     ? 
_reflns.observed_criterion_F_min     ? 
_reflns.pdbx_scaling_rejects         ? 
_reflns.pdbx_ordinal                 1 
_reflns.pdbx_diffrn_id               1 
# 
_reflns_shell.d_res_high             1.86 
_reflns_shell.d_res_low              1.93 
_reflns_shell.number_measured_obs    ? 
_reflns_shell.number_measured_all    ? 
_reflns_shell.number_unique_obs      ? 
_reflns_shell.Rmerge_I_obs           0.494 
_reflns_shell.meanI_over_sigI_obs    2.49 
_reflns_shell.pdbx_Rsym_value        ? 
_reflns_shell.pdbx_chi_squared       1.000 
_reflns_shell.pdbx_redundancy        3.20 
_reflns_shell.percent_possible_obs   ? 
_reflns_shell.number_unique_all      1357 
_reflns_shell.percent_possible_all   92.60 
_reflns_shell.pdbx_ordinal           1 
_reflns_shell.pdbx_diffrn_id         1 
# 
_refine.entry_id                                 2EK0 
_refine.ls_d_res_high                            1.900 
_refine.ls_d_res_low                             40.460 
_refine.pdbx_ls_sigma_F                          0.00 
_refine.ls_percent_reflns_obs                    96.700 
_refine.ls_number_reflns_obs                     13512 
_refine.ls_R_factor_R_work                       0.229 
_refine.ls_R_factor_R_free                       0.255 
_refine.ls_percent_reflns_R_free                 4.900 
_refine.ls_number_reflns_R_free                  682 
_refine.B_iso_mean                               36.964 
_refine.solvent_model_param_bsol                 94.256 
_refine.aniso_B[1][1]                            2.239 
_refine.aniso_B[2][2]                            -0.862 
_refine.aniso_B[3][3]                            -1.377 
_refine.aniso_B[1][2]                            0.000 
_refine.aniso_B[1][3]                            0.000 
_refine.aniso_B[2][3]                            0.000 
_refine.pdbx_ls_sigma_I                          0.0 
_refine.ls_number_reflns_all                     13973 
_refine.ls_R_factor_all                          ? 
_refine.ls_R_factor_obs                          0.229 
_refine.ls_redundancy_reflns_obs                 ? 
_refine.pdbx_data_cutoff_high_absF               ? 
_refine.pdbx_data_cutoff_low_absF                ? 
_refine.ls_number_parameters                     ? 
_refine.ls_number_restraints                     ? 
_refine.ls_R_factor_R_free_error                 ? 
_refine.ls_R_factor_R_free_error_details         ? 
_refine.pdbx_method_to_determine_struct          'MOLECULAR REPLACEMENT' 
_refine.pdbx_starting_model                      2EH1 
_refine.pdbx_ls_cross_valid_method               THROUGHOUT 
_refine.pdbx_R_Free_selection_details            random 
_refine.pdbx_stereochem_target_val_spec_case     ? 
_refine.pdbx_stereochemistry_target_values       'Engh & Huber' 
_refine.solvent_model_details                    ? 
_refine.solvent_model_param_ksol                 ? 
_refine.occupancy_max                            ? 
_refine.occupancy_min                            ? 
_refine.pdbx_isotropic_thermal_model             anisotropic 
_refine.details                                  ? 
_refine.B_iso_min                                ? 
_refine.B_iso_max                                ? 
_refine.correlation_coeff_Fo_to_Fc               ? 
_refine.correlation_coeff_Fo_to_Fc_free          ? 
_refine.pdbx_solvent_vdw_probe_radii             ? 
_refine.pdbx_solvent_ion_probe_radii             ? 
_refine.pdbx_solvent_shrinkage_radii             ? 
_refine.overall_SU_R_Cruickshank_DPI             ? 
_refine.overall_SU_R_free                        ? 
_refine.overall_SU_ML                            ? 
_refine.overall_SU_B                             ? 
_refine.pdbx_overall_ESU_R_Free                  ? 
_refine.pdbx_data_cutoff_high_rms_absF           ? 
_refine.pdbx_overall_ESU_R                       ? 
_refine.ls_wR_factor_R_free                      ? 
_refine.ls_wR_factor_R_work                      ? 
_refine.overall_FOM_free_R_set                   ? 
_refine.overall_FOM_work_R_set                   ? 
_refine.pdbx_refine_id                           'X-RAY DIFFRACTION' 
_refine.pdbx_diffrn_id                           1 
_refine.pdbx_TLS_residual_ADP_flag               ? 
_refine.pdbx_overall_phase_error                 ? 
_refine.pdbx_overall_SU_R_free_Cruickshank_DPI   ? 
_refine.pdbx_overall_SU_R_Blow_DPI               ? 
_refine.pdbx_overall_SU_R_free_Blow_DPI          ? 
# 
_refine_analyze.entry_id                        2EK0 
_refine_analyze.Luzzati_coordinate_error_obs    0.22 
_refine_analyze.Luzzati_sigma_a_obs             0.13 
_refine_analyze.Luzzati_d_res_low_obs           5.0 
_refine_analyze.Luzzati_coordinate_error_free   0.25 
_refine_analyze.Luzzati_sigma_a_free            0.19 
_refine_analyze.Luzzati_d_res_low_free          ? 
_refine_analyze.number_disordered_residues      ? 
_refine_analyze.occupancy_sum_non_hydrogen      ? 
_refine_analyze.occupancy_sum_hydrogen          ? 
_refine_analyze.pdbx_Luzzati_d_res_high_obs     ? 
_refine_analyze.pdbx_refine_id                  'X-RAY DIFFRACTION' 
# 
_refine_hist.pdbx_refine_id                   'X-RAY DIFFRACTION' 
_refine_hist.cycle_id                         LAST 
_refine_hist.pdbx_number_atoms_protein        1348 
_refine_hist.pdbx_number_atoms_nucleic_acid   0 
_refine_hist.pdbx_number_atoms_ligand         3 
_refine_hist.number_atoms_solvent             70 
_refine_hist.number_atoms_total               1421 
_refine_hist.d_res_high                       1.900 
_refine_hist.d_res_low                        40.460 
# 
loop_
_refine_ls_restr.type 
_refine_ls_restr.number 
_refine_ls_restr.dev_ideal 
_refine_ls_restr.dev_ideal_target 
_refine_ls_restr.weight 
_refine_ls_restr.pdbx_refine_id 
_refine_ls_restr.pdbx_restraint_function 
c_bond_d           ? 0.009718 1.500 ? 'X-RAY DIFFRACTION' ? 
c_angle_deg        ? 1.63907  2.000 ? 'X-RAY DIFFRACTION' ? 
c_dihedral_angle_d ? 24.53473 2.000 ? 'X-RAY DIFFRACTION' ? 
c_improper_angle_d ? 1.00900  2.500 ? 'X-RAY DIFFRACTION' ? 
# 
_refine_ls_shell.d_res_high                       1.90 
_refine_ls_shell.d_res_low                        1.97 
_refine_ls_shell.number_reflns_obs                1215 
_refine_ls_shell.number_reflns_R_free             49 
_refine_ls_shell.R_factor_R_work                  0.2406 
_refine_ls_shell.R_factor_R_free                  0.2612 
_refine_ls_shell.R_factor_R_free_error            ? 
_refine_ls_shell.percent_reflns_obs               87.67 
_refine_ls_shell.percent_reflns_R_free            ? 
_refine_ls_shell.pdbx_total_number_of_bins_used   ? 
_refine_ls_shell.number_reflns_R_work             ? 
_refine_ls_shell.redundancy_reflns_obs            ? 
_refine_ls_shell.number_reflns_all                ? 
_refine_ls_shell.R_factor_all                     ? 
_refine_ls_shell.pdbx_refine_id                   'X-RAY DIFFRACTION' 
# 
loop_
_pdbx_xplor_file.serial_no 
_pdbx_xplor_file.param_file 
_pdbx_xplor_file.topol_file 
_pdbx_xplor_file.pdbx_refine_id 
1 protein_rep.param ? 'X-RAY DIFFRACTION' 
2 water_rep.param   ? 'X-RAY DIFFRACTION' 
3 ion.param         ? 'X-RAY DIFFRACTION' 
# 
_struct.entry_id                  2EK0 
_struct.title                     'Stage V Sporolation Protein S (SPOVS) from Thermus thermophilus Zinc form' 
_struct.pdbx_model_details        ? 
_struct.pdbx_CASP_flag            ? 
_struct.pdbx_model_type_details   ? 
# 
_struct_keywords.entry_id        2EK0 
_struct_keywords.pdbx_keywords   'METAL BINDING PROTEIN' 
_struct_keywords.text            
;Sporulation, Structural Genomics, NPPSFA, National Project on Protein Structural and Functional Analyses, RIKEN Structural Genomics/Proteomics Initiative, RSGI, METAL BINDING PROTEIN
;
# 
loop_
_struct_asym.id 
_struct_asym.pdbx_blank_PDB_chainid_flag 
_struct_asym.pdbx_modified 
_struct_asym.entity_id 
_struct_asym.details 
A N N 1 ? 
B N N 1 ? 
C N N 2 ? 
D N N 2 ? 
E N N 2 ? 
F N N 3 ? 
G N N 3 ? 
# 
_struct_biol.id   1 
# 
loop_
_struct_conf.conf_type_id 
_struct_conf.id 
_struct_conf.pdbx_PDB_helix_id 
_struct_conf.beg_label_comp_id 
_struct_conf.beg_label_asym_id 
_struct_conf.beg_label_seq_id 
_struct_conf.pdbx_beg_PDB_ins_code 
_struct_conf.end_label_comp_id 
_struct_conf.end_label_asym_id 
_struct_conf.end_label_seq_id 
_struct_conf.pdbx_end_PDB_ins_code 
_struct_conf.beg_auth_comp_id 
_struct_conf.beg_auth_asym_id 
_struct_conf.beg_auth_seq_id 
_struct_conf.end_auth_comp_id 
_struct_conf.end_auth_asym_id 
_struct_conf.end_auth_seq_id 
_struct_conf.pdbx_PDB_helix_class 
_struct_conf.details 
_struct_conf.pdbx_PDB_helix_length 
HELX_P HELX_P1 1 ARG A 11 ? GLY A 27 ? ARG A 11 GLY A 27 1 ? 17 
HELX_P HELX_P2 2 GLY A 35 ? ALA A 54 ? GLY A 35 ALA A 54 1 ? 20 
HELX_P HELX_P3 3 ARG B 11 ? LYS B 26 ? ARG B 11 LYS B 26 1 ? 16 
HELX_P HELX_P4 4 GLY B 35 ? ALA B 54 ? GLY B 35 ALA B 54 1 ? 20 
# 
_struct_conf_type.id          HELX_P 
_struct_conf_type.criteria    ? 
_struct_conf_type.reference   ? 
# 
loop_
_struct_conn.id 
_struct_conn.conn_type_id 
_struct_conn.pdbx_leaving_atom_flag 
_struct_conn.pdbx_PDB_id 
_struct_conn.ptnr1_label_asym_id 
_struct_conn.ptnr1_label_comp_id 
_struct_conn.ptnr1_label_seq_id 
_struct_conn.ptnr1_label_atom_id 
_struct_conn.pdbx_ptnr1_label_alt_id 
_struct_conn.pdbx_ptnr1_PDB_ins_code 
_struct_conn.pdbx_ptnr1_standard_comp_id 
_struct_conn.ptnr1_symmetry 
_struct_conn.ptnr2_label_asym_id 
_struct_conn.ptnr2_label_comp_id 
_struct_conn.ptnr2_label_seq_id 
_struct_conn.ptnr2_label_atom_id 
_struct_conn.pdbx_ptnr2_label_alt_id 
_struct_conn.pdbx_ptnr2_PDB_ins_code 
_struct_conn.ptnr1_auth_asym_id 
_struct_conn.ptnr1_auth_comp_id 
_struct_conn.ptnr1_auth_seq_id 
_struct_conn.ptnr2_auth_asym_id 
_struct_conn.ptnr2_auth_comp_id 
_struct_conn.ptnr2_auth_seq_id 
_struct_conn.ptnr2_symmetry 
_struct_conn.pdbx_ptnr3_label_atom_id 
_struct_conn.pdbx_ptnr3_label_seq_id 
_struct_conn.pdbx_ptnr3_label_comp_id 
_struct_conn.pdbx_ptnr3_label_asym_id 
_struct_conn.pdbx_ptnr3_label_alt_id 
_struct_conn.pdbx_ptnr3_PDB_ins_code 
_struct_conn.details 
_struct_conn.pdbx_dist_value 
_struct_conn.pdbx_value_order 
_struct_conn.pdbx_role 
metalc1  metalc ? ? A GLU 30 OE1 ? ? ? 6_555 D ZN  .  ZN  ? ? A GLU 30  B ZN  101 1_555 ? ? ? ? ? ? ? 2.233 ? ? 
metalc2  metalc ? ? A GLU 30 OE2 ? ? ? 6_555 D ZN  .  ZN  ? ? A GLU 30  B ZN  101 1_555 ? ? ? ? ? ? ? 2.608 ? ? 
metalc3  metalc ? ? A GLU 72 OE2 ? ? ? 1_555 C ZN  .  ZN  ? ? A GLU 72  A ZN  102 1_555 ? ? ? ? ? ? ? 2.511 ? ? 
metalc4  metalc ? ? A GLU 74 OE2 ? ? ? 1_555 C ZN  .  ZN  ? ? A GLU 74  A ZN  102 1_555 ? ? ? ? ? ? ? 2.058 ? ? 
metalc5  metalc ? ? A GLU 74 OE1 ? ? ? 1_555 C ZN  .  ZN  ? ? A GLU 74  A ZN  102 1_555 ? ? ? ? ? ? ? 2.410 ? ? 
metalc6  metalc ? ? A GLU 75 OE1 ? ? ? 8_555 E ZN  .  ZN  ? ? A GLU 75  B ZN  103 1_555 ? ? ? ? ? ? ? 2.269 ? ? 
metalc7  metalc ? ? A GLU 75 OE1 ? ? ? 6_555 E ZN  .  ZN  ? ? A GLU 75  B ZN  103 1_555 ? ? ? ? ? ? ? 2.266 ? ? 
metalc8  metalc ? ? A LYS 80 NZ  ? ? ? 6_555 D ZN  .  ZN  ? ? A LYS 80  B ZN  101 1_555 ? ? ? ? ? ? ? 2.176 ? ? 
metalc9  metalc ? ? C ZN  .  ZN  ? ? ? 1_555 B GLU 30 OE1 ? ? A ZN  102 B GLU 30  8_455 ? ? ? ? ? ? ? 2.138 ? ? 
metalc10 metalc ? ? C ZN  .  ZN  ? ? ? 1_555 B GLU 30 OE2 ? ? A ZN  102 B GLU 30  8_455 ? ? ? ? ? ? ? 2.495 ? ? 
metalc11 metalc ? ? C ZN  .  ZN  ? ? ? 1_555 B LYS 80 NZ  ? ? A ZN  102 B LYS 80  8_455 ? ? ? ? ? ? ? 2.233 ? ? 
metalc12 metalc ? ? B GLU 74 OE2 ? ? ? 1_555 D ZN  .  ZN  ? ? B GLU 74  B ZN  101 1_555 ? ? ? ? ? ? ? 2.036 ? ? 
metalc13 metalc ? ? B GLU 74 OE1 ? ? ? 1_555 D ZN  .  ZN  ? ? B GLU 74  B ZN  101 1_555 ? ? ? ? ? ? ? 2.654 ? ? 
metalc14 metalc ? ? B GLU 75 OE1 ? ? ? 1_555 E ZN  .  ZN  ? ? B GLU 75  B ZN  103 1_555 ? ? ? ? ? ? ? 2.331 ? ? 
metalc15 metalc ? ? B GLU 75 OE1 ? ? ? 3_655 E ZN  .  ZN  ? ? B GLU 75  B ZN  103 1_555 ? ? ? ? ? ? ? 2.325 ? ? 
metalc16 metalc ? ? E ZN  .  ZN  ? ? ? 1_555 G HOH .  O   ? ? B ZN  103 B HOH 110 1_555 ? ? ? ? ? ? ? 2.758 ? ? 
metalc17 metalc ? ? E ZN  .  ZN  ? ? ? 1_555 G HOH .  O   ? ? B ZN  103 B HOH 110 3_655 ? ? ? ? ? ? ? 2.756 ? ? 
# 
_struct_conn_type.id          metalc 
_struct_conn_type.criteria    ? 
_struct_conn_type.reference   ? 
# 
loop_
_struct_sheet.id 
_struct_sheet.type 
_struct_sheet.number_strands 
_struct_sheet.details 
A ? 4 ? 
B ? 4 ? 
# 
loop_
_struct_sheet_order.sheet_id 
_struct_sheet_order.range_id_1 
_struct_sheet_order.range_id_2 
_struct_sheet_order.offset 
_struct_sheet_order.sense 
A 1 2 ? parallel      
A 2 3 ? anti-parallel 
A 3 4 ? anti-parallel 
B 1 2 ? parallel      
B 2 3 ? anti-parallel 
B 3 4 ? anti-parallel 
# 
loop_
_struct_sheet_range.sheet_id 
_struct_sheet_range.id 
_struct_sheet_range.beg_label_comp_id 
_struct_sheet_range.beg_label_asym_id 
_struct_sheet_range.beg_label_seq_id 
_struct_sheet_range.pdbx_beg_PDB_ins_code 
_struct_sheet_range.end_label_comp_id 
_struct_sheet_range.end_label_asym_id 
_struct_sheet_range.end_label_seq_id 
_struct_sheet_range.pdbx_end_PDB_ins_code 
_struct_sheet_range.beg_auth_comp_id 
_struct_sheet_range.beg_auth_asym_id 
_struct_sheet_range.beg_auth_seq_id 
_struct_sheet_range.end_auth_comp_id 
_struct_sheet_range.end_auth_asym_id 
_struct_sheet_range.end_auth_seq_id 
A 1 THR A 3  ? VAL A 6  ? THR A 3  VAL A 6  
A 2 GLU A 28 ? ALA A 33 ? GLU A 28 ALA A 33 
A 3 GLU A 74 ? PRO A 87 ? GLU A 74 PRO A 87 
A 4 LEU A 58 ? LEU A 71 ? LEU A 58 LEU A 71 
B 1 THR B 3  ? ARG B 5  ? THR B 3  ARG B 5  
B 2 GLU B 28 ? ALA B 33 ? GLU B 28 ALA B 33 
B 3 GLU B 74 ? HIS B 86 ? GLU B 74 HIS B 86 
B 4 ASP B 59 ? LEU B 71 ? ASP B 59 LEU B 71 
# 
loop_
_pdbx_struct_sheet_hbond.sheet_id 
_pdbx_struct_sheet_hbond.range_id_1 
_pdbx_struct_sheet_hbond.range_id_2 
_pdbx_struct_sheet_hbond.range_1_label_atom_id 
_pdbx_struct_sheet_hbond.range_1_label_comp_id 
_pdbx_struct_sheet_hbond.range_1_label_asym_id 
_pdbx_struct_sheet_hbond.range_1_label_seq_id 
_pdbx_struct_sheet_hbond.range_1_PDB_ins_code 
_pdbx_struct_sheet_hbond.range_1_auth_atom_id 
_pdbx_struct_sheet_hbond.range_1_auth_comp_id 
_pdbx_struct_sheet_hbond.range_1_auth_asym_id 
_pdbx_struct_sheet_hbond.range_1_auth_seq_id 
_pdbx_struct_sheet_hbond.range_2_label_atom_id 
_pdbx_struct_sheet_hbond.range_2_label_comp_id 
_pdbx_struct_sheet_hbond.range_2_label_asym_id 
_pdbx_struct_sheet_hbond.range_2_label_seq_id 
_pdbx_struct_sheet_hbond.range_2_PDB_ins_code 
_pdbx_struct_sheet_hbond.range_2_auth_atom_id 
_pdbx_struct_sheet_hbond.range_2_auth_comp_id 
_pdbx_struct_sheet_hbond.range_2_auth_asym_id 
_pdbx_struct_sheet_hbond.range_2_auth_seq_id 
A 1 2 N LEU A 4  ? N LEU A 4  O GLU A 30 ? O GLU A 30 
A 2 3 N VAL A 31 ? N VAL A 31 O PHE A 81 ? O PHE A 81 
A 3 4 O ARG A 76 ? O ARG A 76 N LEU A 69 ? N LEU A 69 
B 1 2 N LEU B 4  ? N LEU B 4  O GLN B 32 ? O GLN B 32 
B 2 3 N VAL B 29 ? N VAL B 29 O ILE B 83 ? O ILE B 83 
B 3 4 O ARG B 76 ? O ARG B 76 N LEU B 69 ? N LEU B 69 
# 
_atom_sites.entry_id                    2EK0 
_atom_sites.fract_transf_matrix[1][1]   -0.00011388 
_atom_sites.fract_transf_matrix[1][2]   0.01426212 
_atom_sites.fract_transf_matrix[1][3]   0.00227579 
_atom_sites.fract_transf_matrix[2][1]   -0.00646742 
_atom_sites.fract_transf_matrix[2][2]   0.00186022 
_atom_sites.fract_transf_matrix[2][3]   -0.01198143 
_atom_sites.fract_transf_matrix[3][1]   -0.01289209 
_atom_sites.fract_transf_matrix[3][2]   -0.00118404 
_atom_sites.fract_transf_matrix[3][3]   0.00677515 
_atom_sites.fract_transf_vector[1]      0.313484 
_atom_sites.fract_transf_vector[2]      0.243909 
_atom_sites.fract_transf_vector[3]      -0.063504 
# 
loop_
_atom_type.symbol 
C  
N  
O  
S  
ZN 
# 
loop_
_atom_site.group_PDB 
_atom_site.id 
_atom_site.type_symbol 
_atom_site.label_atom_id 
_atom_site.label_alt_id 
_atom_site.label_comp_id 
_atom_site.label_asym_id 
_atom_site.label_entity_id 
_atom_site.label_seq_id 
_atom_site.pdbx_PDB_ins_code 
_atom_site.Cartn_x 
_atom_site.Cartn_y 
_atom_site.Cartn_z 
_atom_site.occupancy 
_atom_site.B_iso_or_equiv 
_atom_site.pdbx_formal_charge 
_atom_site.auth_seq_id 
_atom_site.auth_comp_id 
_atom_site.auth_asym_id 
_atom_site.auth_atom_id 
_atom_site.pdbx_PDB_model_num 
ATOM   1    N  N   . MET A 1 1  ? 16.024  -3.247  4.710   1.00 43.32 ? 1   MET A N   1 
ATOM   2    C  CA  . MET A 1 1  ? 14.974  -2.862  5.690   1.00 36.61 ? 1   MET A CA  1 
ATOM   3    C  C   . MET A 1 1  ? 14.692  -3.988  6.678   1.00 34.44 ? 1   MET A C   1 
ATOM   4    O  O   . MET A 1 1  ? 14.695  -5.166  6.315   1.00 33.77 ? 1   MET A O   1 
ATOM   5    C  CB  . MET A 1 1  ? 13.675  -2.524  4.956   1.00 27.44 ? 1   MET A CB  1 
ATOM   6    C  CG  . MET A 1 1  ? 13.807  -1.385  3.996   1.00 44.67 ? 1   MET A CG  1 
ATOM   7    S  SD  . MET A 1 1  ? 12.201  -0.913  3.379   1.00 41.78 ? 1   MET A SD  1 
ATOM   8    C  CE  . MET A 1 1  ? 11.900  -2.255  2.250   1.00 56.71 ? 1   MET A CE  1 
ATOM   9    N  N   . GLU A 1 2  ? 14.459  -3.669  7.941   1.00 28.21 ? 2   GLU A N   1 
ATOM   10   C  CA  . GLU A 1 2  ? 14.140  -4.789  8.798   1.00 32.77 ? 2   GLU A CA  1 
ATOM   11   C  C   . GLU A 1 2  ? 12.725  -5.187  8.404   1.00 35.19 ? 2   GLU A C   1 
ATOM   12   O  O   . GLU A 1 2  ? 11.979  -4.367  7.862   1.00 29.75 ? 2   GLU A O   1 
ATOM   13   C  CB  . GLU A 1 2  ? 14.361  -4.441  10.265  1.00 46.13 ? 2   GLU A CB  1 
ATOM   14   C  CG  . GLU A 1 2  ? 15.889  -4.500  10.511  1.00 52.44 ? 2   GLU A CG  1 
ATOM   15   C  CD  . GLU A 1 2  ? 16.331  -4.304  11.942  1.00 69.71 ? 2   GLU A CD  1 
ATOM   16   O  OE1 . GLU A 1 2  ? 15.950  -3.262  12.534  1.00 64.04 ? 2   GLU A OE1 1 
ATOM   17   O  OE2 . GLU A 1 2  ? 17.077  -5.188  12.457  1.00 47.67 ? 2   GLU A OE2 1 
ATOM   18   N  N   . THR A 1 3  ? 12.399  -6.458  8.618   1.00 27.70 ? 3   THR A N   1 
ATOM   19   C  CA  . THR A 1 3  ? 11.131  -7.031  8.199   1.00 32.01 ? 3   THR A CA  1 
ATOM   20   C  C   . THR A 1 3  ? 10.112  -7.381  9.268   1.00 26.39 ? 3   THR A C   1 
ATOM   21   O  O   . THR A 1 3  ? 10.426  -8.064  10.242  1.00 32.18 ? 3   THR A O   1 
ATOM   22   C  CB  . THR A 1 3  ? 11.403  -8.322  7.387   1.00 33.52 ? 3   THR A CB  1 
ATOM   23   O  OG1 . THR A 1 3  ? 12.361  -8.039  6.362   1.00 35.74 ? 3   THR A OG1 1 
ATOM   24   C  CG2 . THR A 1 3  ? 10.113  -8.861  6.763   1.00 32.41 ? 3   THR A CG2 1 
ATOM   25   N  N   . LEU A 1 4  ? 8.890   -6.909  9.072   1.00 25.81 ? 4   LEU A N   1 
ATOM   26   C  CA  . LEU A 1 4  ? 7.789   -7.228  9.971   1.00 23.93 ? 4   LEU A CA  1 
ATOM   27   C  C   . LEU A 1 4  ? 6.929   -8.196  9.166   1.00 28.01 ? 4   LEU A C   1 
ATOM   28   O  O   . LEU A 1 4  ? 6.544   -7.882  8.040   1.00 33.83 ? 4   LEU A O   1 
ATOM   29   C  CB  . LEU A 1 4  ? 6.957   -5.979  10.316  1.00 22.68 ? 4   LEU A CB  1 
ATOM   30   C  CG  . LEU A 1 4  ? 7.570   -4.946  11.267  1.00 37.77 ? 4   LEU A CG  1 
ATOM   31   C  CD1 . LEU A 1 4  ? 6.596   -3.793  11.515  1.00 24.01 ? 4   LEU A CD1 1 
ATOM   32   C  CD2 . LEU A 1 4  ? 7.900   -5.620  12.593  1.00 31.85 ? 4   LEU A CD2 1 
ATOM   33   N  N   . ARG A 1 5  ? 6.645   -9.372  9.718   1.00 27.55 ? 5   ARG A N   1 
ATOM   34   C  CA  . ARG A 1 5  ? 5.817   -10.334 9.005   1.00 31.59 ? 5   ARG A CA  1 
ATOM   35   C  C   . ARG A 1 5  ? 4.409   -10.241 9.557   1.00 31.37 ? 5   ARG A C   1 
ATOM   36   O  O   . ARG A 1 5  ? 4.210   -10.262 10.767  1.00 33.69 ? 5   ARG A O   1 
ATOM   37   C  CB  . ARG A 1 5  ? 6.395   -11.743 9.163   1.00 39.19 ? 5   ARG A CB  1 
ATOM   38   C  CG  . ARG A 1 5  ? 7.793   -11.840 8.564   1.00 33.93 ? 5   ARG A CG  1 
ATOM   39   C  CD  . ARG A 1 5  ? 8.098   -13.229 8.015   1.00 53.83 ? 5   ARG A CD  1 
ATOM   40   N  NE  . ARG A 1 5  ? 8.069   -14.248 9.057   1.00 59.84 ? 5   ARG A NE  1 
ATOM   41   C  CZ  . ARG A 1 5  ? 8.436   -15.513 8.876   1.00 72.64 ? 5   ARG A CZ  1 
ATOM   42   N  NH1 . ARG A 1 5  ? 8.867   -15.924 7.689   1.00 72.03 ? 5   ARG A NH1 1 
ATOM   43   N  NH2 . ARG A 1 5  ? 8.370   -16.370 9.885   1.00 65.52 ? 5   ARG A NH2 1 
ATOM   44   N  N   . VAL A 1 6  ? 3.426   -10.125 8.678   1.00 22.70 ? 6   VAL A N   1 
ATOM   45   C  CA  . VAL A 1 6  ? 2.048   -9.994  9.130   1.00 20.21 ? 6   VAL A CA  1 
ATOM   46   C  C   . VAL A 1 6  ? 1.186   -11.223 8.791   1.00 33.56 ? 6   VAL A C   1 
ATOM   47   O  O   . VAL A 1 6  ? 1.360   -11.827 7.750   1.00 28.68 ? 6   VAL A O   1 
ATOM   48   C  CB  . VAL A 1 6  ? 1.415   -8.718  8.511   1.00 30.07 ? 6   VAL A CB  1 
ATOM   49   C  CG1 . VAL A 1 6  ? -0.056  -8.631  8.889   1.00 41.48 ? 6   VAL A CG1 1 
ATOM   50   C  CG2 . VAL A 1 6  ? 2.160   -7.464  9.007   1.00 32.24 ? 6   VAL A CG2 1 
ATOM   51   N  N   . SER A 1 7  ? 0.275   -11.605 9.684   1.00 33.13 ? 7   SER A N   1 
ATOM   52   C  CA  . SER A 1 7  ? -0.599  -12.747 9.414   1.00 34.62 ? 7   SER A CA  1 
ATOM   53   C  C   . SER A 1 7  ? -2.068  -12.333 9.479   1.00 37.98 ? 7   SER A C   1 
ATOM   54   O  O   . SER A 1 7  ? -2.395  -11.186 9.802   1.00 29.55 ? 7   SER A O   1 
ATOM   55   C  CB  . SER A 1 7  ? -0.338  -13.881 10.414  1.00 50.09 ? 7   SER A CB  1 
ATOM   56   O  OG  . SER A 1 7  ? -0.662  -13.484 11.730  1.00 48.53 ? 7   SER A OG  1 
ATOM   57   N  N   . SER A 1 8  ? -2.957  -13.278 9.181   1.00 41.73 ? 8   SER A N   1 
ATOM   58   C  CA  . SER A 1 8  ? -4.386  -13.003 9.199   1.00 41.47 ? 8   SER A CA  1 
ATOM   59   C  C   . SER A 1 8  ? -4.862  -12.559 10.574  1.00 41.79 ? 8   SER A C   1 
ATOM   60   O  O   . SER A 1 8  ? -5.839  -11.816 10.689  1.00 36.99 ? 8   SER A O   1 
ATOM   61   C  CB  . SER A 1 8  ? -5.151  -14.254 8.764   1.00 49.43 ? 8   SER A CB  1 
ATOM   62   O  OG  . SER A 1 8  ? -4.677  -14.654 7.472   1.00 51.76 ? 8   SER A OG  1 
ATOM   63   N  N   . LYS A 1 9  ? -4.153  -12.992 11.614  1.00 38.30 ? 9   LYS A N   1 
ATOM   64   C  CA  . LYS A 1 9  ? -4.541  -12.654 12.980  1.00 42.48 ? 9   LYS A CA  1 
ATOM   65   C  C   . LYS A 1 9  ? -3.843  -11.438 13.592  1.00 44.24 ? 9   LYS A C   1 
ATOM   66   O  O   . LYS A 1 9  ? -4.221  -10.983 14.669  1.00 34.92 ? 9   LYS A O   1 
ATOM   67   C  CB  . LYS A 1 9  ? -4.379  -13.891 13.884  1.00 51.87 ? 9   LYS A CB  1 
ATOM   68   C  CG  . LYS A 1 9  ? -5.377  -15.007 13.548  1.00 38.59 ? 9   LYS A CG  1 
ATOM   69   C  CD  . LYS A 1 9  ? -5.307  -16.179 14.516  1.00 57.25 ? 9   LYS A CD  1 
ATOM   70   C  CE  . LYS A 1 9  ? -6.177  -17.337 14.031  1.00 57.17 ? 9   LYS A CE  1 
ATOM   71   N  NZ  . LYS A 1 9  ? -7.053  -16.954 12.874  1.00 68.08 ? 9   LYS A NZ  1 
ATOM   72   N  N   . SER A 1 10 ? -2.837  -10.911 12.896  1.00 36.34 ? 10  SER A N   1 
ATOM   73   C  CA  . SER A 1 10 ? -2.119  -9.733  13.363  1.00 30.41 ? 10  SER A CA  1 
ATOM   74   C  C   . SER A 1 10 ? -3.136  -8.627  13.602  1.00 30.47 ? 10  SER A C   1 
ATOM   75   O  O   . SER A 1 10 ? -4.121  -8.507  12.863  1.00 37.59 ? 10  SER A O   1 
ATOM   76   C  CB  . SER A 1 10 ? -1.125  -9.258  12.299  1.00 28.95 ? 10  SER A CB  1 
ATOM   77   O  OG  . SER A 1 10 ? -0.087  -10.199 12.100  1.00 31.80 ? 10  SER A OG  1 
ATOM   78   N  N   . ARG A 1 11 ? -2.930  -7.840  14.646  1.00 26.59 ? 11  ARG A N   1 
ATOM   79   C  CA  . ARG A 1 11 ? -3.836  -6.728  14.928  1.00 29.08 ? 11  ARG A CA  1 
ATOM   80   C  C   . ARG A 1 11 ? -3.226  -5.460  14.365  1.00 30.54 ? 11  ARG A C   1 
ATOM   81   O  O   . ARG A 1 11 ? -2.110  -5.086  14.729  1.00 28.61 ? 11  ARG A O   1 
ATOM   82   C  CB  . ARG A 1 11 ? -4.033  -6.582  16.423  1.00 37.05 ? 11  ARG A CB  1 
ATOM   83   C  CG  . ARG A 1 11 ? -4.663  -7.812  16.998  1.00 48.10 ? 11  ARG A CG  1 
ATOM   84   C  CD  . ARG A 1 11 ? -4.630  -7.797  18.493  1.00 68.98 ? 11  ARG A CD  1 
ATOM   85   N  NE  . ARG A 1 11 ? -5.373  -8.908  19.106  1.00 79.42 ? 11  ARG A NE  1 
ATOM   86   C  CZ  . ARG A 1 11 ? -5.949  -9.921  18.458  1.00 58.87 ? 11  ARG A CZ  1 
ATOM   87   N  NH1 . ARG A 1 11 ? -5.897  -10.014 17.141  1.00 74.92 ? 11  ARG A NH1 1 
ATOM   88   N  NH2 . ARG A 1 11 ? -6.585  -10.857 19.143  1.00 70.12 ? 11  ARG A NH2 1 
ATOM   89   N  N   . PRO A 1 12 ? -3.952  -4.780  13.474  1.00 32.82 ? 12  PRO A N   1 
ATOM   90   C  CA  . PRO A 1 12 ? -3.462  -3.551  12.852  1.00 26.80 ? 12  PRO A CA  1 
ATOM   91   C  C   . PRO A 1 12 ? -2.833  -2.523  13.761  1.00 27.62 ? 12  PRO A C   1 
ATOM   92   O  O   . PRO A 1 12 ? -1.807  -1.966  13.429  1.00 24.32 ? 12  PRO A O   1 
ATOM   93   C  CB  . PRO A 1 12 ? -4.697  -2.994  12.145  1.00 30.12 ? 12  PRO A CB  1 
ATOM   94   C  CG  . PRO A 1 12 ? -5.448  -4.257  11.763  1.00 39.34 ? 12  PRO A CG  1 
ATOM   95   C  CD  . PRO A 1 12 ? -5.330  -5.078  13.042  1.00 25.37 ? 12  PRO A CD  1 
ATOM   96   N  N   . ASN A 1 13 ? -3.465  -2.251  14.892  1.00 24.06 ? 13  ASN A N   1 
ATOM   97   C  CA  . ASN A 1 13 ? -2.941  -1.238  15.808  1.00 25.59 ? 13  ASN A CA  1 
ATOM   98   C  C   . ASN A 1 13 ? -1.611  -1.639  16.442  1.00 23.78 ? 13  ASN A C   1 
ATOM   99   O  O   . ASN A 1 13 ? -0.723  -0.797  16.586  1.00 26.32 ? 13  ASN A O   1 
ATOM   100  C  CB  . ASN A 1 13 ? -3.971  -0.923  16.893  1.00 29.28 ? 13  ASN A CB  1 
ATOM   101  C  CG  . ASN A 1 13 ? -3.670  0.376   17.648  1.00 38.94 ? 13  ASN A CG  1 
ATOM   102  O  OD1 . ASN A 1 13 ? -3.946  0.481   18.844  1.00 39.48 ? 13  ASN A OD1 1 
ATOM   103  N  ND2 . ASN A 1 13 ? -3.128  1.370   16.953  1.00 27.72 ? 13  ASN A ND2 1 
ATOM   104  N  N   . SER A 1 14 ? -1.444  -2.913  16.793  1.00 23.26 ? 14  SER A N   1 
ATOM   105  C  CA  . SER A 1 14 ? -0.167  -3.317  17.387  1.00 29.86 ? 14  SER A CA  1 
ATOM   106  C  C   . SER A 1 14 ? 0.903   -3.313  16.295  1.00 27.75 ? 14  SER A C   1 
ATOM   107  O  O   . SER A 1 14 ? 2.010   -2.859  16.515  1.00 25.69 ? 14  SER A O   1 
ATOM   108  C  CB  . SER A 1 14 ? -0.274  -4.677  18.092  1.00 32.02 ? 14  SER A CB  1 
ATOM   109  O  OG  . SER A 1 14 ? -0.217  -5.776  17.201  1.00 59.43 ? 14  SER A OG  1 
ATOM   110  N  N   . VAL A 1 15 ? 0.558   -3.766  15.100  1.00 20.94 ? 15  VAL A N   1 
ATOM   111  C  CA  . VAL A 1 15 ? 1.540   -3.727  14.004  1.00 25.17 ? 15  VAL A CA  1 
ATOM   112  C  C   . VAL A 1 15 ? 1.870   -2.264  13.649  1.00 21.21 ? 15  VAL A C   1 
ATOM   113  O  O   . VAL A 1 15 ? 3.037   -1.924  13.375  1.00 19.59 ? 15  VAL A O   1 
ATOM   114  C  CB  . VAL A 1 15 ? 1.012   -4.446  12.745  1.00 18.07 ? 15  VAL A CB  1 
ATOM   115  C  CG1 . VAL A 1 15 ? 1.999   -4.304  11.599  1.00 23.50 ? 15  VAL A CG1 1 
ATOM   116  C  CG2 . VAL A 1 15 ? 0.790   -5.928  13.056  1.00 24.27 ? 15  VAL A CG2 1 
ATOM   117  N  N   . ALA A 1 16 ? 0.853   -1.398  13.661  1.00 21.44 ? 16  ALA A N   1 
ATOM   118  C  CA  . ALA A 1 16 ? 1.066   0.023   13.357  1.00 20.38 ? 16  ALA A CA  1 
ATOM   119  C  C   . ALA A 1 16 ? 2.069   0.632   14.337  1.00 21.16 ? 16  ALA A C   1 
ATOM   120  O  O   . ALA A 1 16 ? 2.880   1.489   13.958  1.00 17.87 ? 16  ALA A O   1 
ATOM   121  C  CB  . ALA A 1 16 ? -0.253  0.789   13.441  1.00 14.22 ? 16  ALA A CB  1 
ATOM   122  N  N   . GLY A 1 17 ? 1.996   0.213   15.597  1.00 17.58 ? 17  GLY A N   1 
ATOM   123  C  CA  . GLY A 1 17 ? 2.912   0.740   16.598  1.00 20.18 ? 17  GLY A CA  1 
ATOM   124  C  C   . GLY A 1 17 ? 4.345   0.327   16.273  1.00 19.80 ? 17  GLY A C   1 
ATOM   125  O  O   . GLY A 1 17 ? 5.273   1.143   16.382  1.00 18.71 ? 17  GLY A O   1 
ATOM   126  N  N   . ALA A 1 18 ? 4.519   -0.930  15.882  1.00 15.43 ? 18  ALA A N   1 
ATOM   127  C  CA  . ALA A 1 18 ? 5.839   -1.448  15.536  1.00 19.18 ? 18  ALA A CA  1 
ATOM   128  C  C   . ALA A 1 18 ? 6.408   -0.721  14.328  1.00 18.75 ? 18  ALA A C   1 
ATOM   129  O  O   . ALA A 1 18 ? 7.561   -0.288  14.342  1.00 19.03 ? 18  ALA A O   1 
ATOM   130  C  CB  . ALA A 1 18 ? 5.765   -2.951  15.258  1.00 17.28 ? 18  ALA A CB  1 
ATOM   131  N  N   . ILE A 1 19 ? 5.587   -0.576  13.286  1.00 19.73 ? 19  ILE A N   1 
ATOM   132  C  CA  . ILE A 1 19 ? 5.996   0.118   12.053  1.00 17.98 ? 19  ILE A CA  1 
ATOM   133  C  C   . ILE A 1 19 ? 6.448   1.532   12.422  1.00 22.57 ? 19  ILE A C   1 
ATOM   134  O  O   . ILE A 1 19 ? 7.524   1.990   12.032  1.00 21.71 ? 19  ILE A O   1 
ATOM   135  C  CB  . ILE A 1 19 ? 4.801   0.226   11.060  1.00 16.69 ? 19  ILE A CB  1 
ATOM   136  C  CG1 . ILE A 1 19 ? 4.493   -1.151  10.458  1.00 18.19 ? 19  ILE A CG1 1 
ATOM   137  C  CG2 . ILE A 1 19 ? 5.112   1.267   9.972   1.00 18.99 ? 19  ILE A CG2 1 
ATOM   138  C  CD1 . ILE A 1 19 ? 3.168   -1.173  9.653   1.00 19.03 ? 19  ILE A CD1 1 
ATOM   139  N  N   . ALA A 1 20 ? 5.611   2.210   13.200  1.00 19.26 ? 20  ALA A N   1 
ATOM   140  C  CA  . ALA A 1 20 ? 5.908   3.572   13.619  1.00 17.22 ? 20  ALA A CA  1 
ATOM   141  C  C   . ALA A 1 20 ? 7.248   3.665   14.357  1.00 18.56 ? 20  ALA A C   1 
ATOM   142  O  O   . ALA A 1 20 ? 8.045   4.561   14.106  1.00 20.93 ? 20  ALA A O   1 
ATOM   143  C  CB  . ALA A 1 20 ? 4.788   4.095   14.506  1.00 21.34 ? 20  ALA A CB  1 
ATOM   144  N  N   . ALA A 1 21 ? 7.491   2.739   15.273  1.00 16.98 ? 21  ALA A N   1 
ATOM   145  C  CA  . ALA A 1 21 ? 8.755   2.745   16.017  1.00 23.06 ? 21  ALA A CA  1 
ATOM   146  C  C   . ALA A 1 21 ? 9.955   2.494   15.102  1.00 23.49 ? 21  ALA A C   1 
ATOM   147  O  O   . ALA A 1 21 ? 11.011  3.128   15.263  1.00 22.07 ? 21  ALA A O   1 
ATOM   148  C  CB  . ALA A 1 21 ? 8.718   1.689   17.145  1.00 22.93 ? 21  ALA A CB  1 
ATOM   149  N  N   . MET A 1 22 ? 9.810   1.585   14.139  1.00 18.76 ? 22  MET A N   1 
ATOM   150  C  CA  . MET A 1 22 ? 10.925  1.313   13.230  1.00 20.45 ? 22  MET A CA  1 
ATOM   151  C  C   . MET A 1 22 ? 11.176  2.496   12.319  1.00 22.48 ? 22  MET A C   1 
ATOM   152  O  O   . MET A 1 22 ? 12.325  2.787   11.972  1.00 25.18 ? 22  MET A O   1 
ATOM   153  C  CB  . MET A 1 22 ? 10.663  0.065   12.366  1.00 22.65 ? 22  MET A CB  1 
ATOM   154  C  CG  . MET A 1 22 ? 10.631  -1.232  13.140  1.00 42.76 ? 22  MET A CG  1 
ATOM   155  S  SD  . MET A 1 22 ? 12.056  -1.360  14.178  1.00 74.87 ? 22  MET A SD  1 
ATOM   156  C  CE  . MET A 1 22 ? 13.370  -1.349  12.949  1.00 55.90 ? 22  MET A CE  1 
ATOM   157  N  N   . LEU A 1 23 ? 10.109  3.191   11.926  1.00 20.45 ? 23  LEU A N   1 
ATOM   158  C  CA  . LEU A 1 23 ? 10.274  4.339   11.036  1.00 22.54 ? 23  LEU A CA  1 
ATOM   159  C  C   . LEU A 1 23 ? 10.937  5.487   11.793  1.00 29.55 ? 23  LEU A C   1 
ATOM   160  O  O   . LEU A 1 23 ? 11.769  6.205   11.255  1.00 26.31 ? 23  LEU A O   1 
ATOM   161  C  CB  . LEU A 1 23 ? 8.923   4.806   10.472  1.00 22.23 ? 23  LEU A CB  1 
ATOM   162  C  CG  . LEU A 1 23 ? 8.266   3.881   9.444   1.00 21.74 ? 23  LEU A CG  1 
ATOM   163  C  CD1 . LEU A 1 23 ? 6.967   4.513   8.906   1.00 18.13 ? 23  LEU A CD1 1 
ATOM   164  C  CD2 . LEU A 1 23 ? 9.246   3.625   8.305   1.00 22.07 ? 23  LEU A CD2 1 
ATOM   165  N  N   . ARG A 1 24 ? 10.565  5.640   13.054  1.00 23.73 ? 24  ARG A N   1 
ATOM   166  C  CA  . ARG A 1 24 ? 11.118  6.698   13.892  1.00 25.91 ? 24  ARG A CA  1 
ATOM   167  C  C   . ARG A 1 24 ? 12.606  6.439   14.204  1.00 26.19 ? 24  ARG A C   1 
ATOM   168  O  O   . ARG A 1 24 ? 13.403  7.375   14.338  1.00 32.11 ? 24  ARG A O   1 
ATOM   169  C  CB  . ARG A 1 24 ? 10.299  6.765   15.189  1.00 32.49 ? 24  ARG A CB  1 
ATOM   170  C  CG  . ARG A 1 24 ? 10.785  7.797   16.202  1.00 49.01 ? 24  ARG A CG  1 
ATOM   171  C  CD  . ARG A 1 24 ? 10.443  9.239   15.812  1.00 40.95 ? 24  ARG A CD  1 
ATOM   172  N  NE  . ARG A 1 24 ? 10.870  10.170  16.853  1.00 42.41 ? 24  ARG A NE  1 
ATOM   173  C  CZ  . ARG A 1 24 ? 12.139  10.472  17.109  1.00 50.08 ? 24  ARG A CZ  1 
ATOM   174  N  NH1 . ARG A 1 24 ? 13.112  9.920   16.393  1.00 55.47 ? 24  ARG A NH1 1 
ATOM   175  N  NH2 . ARG A 1 24 ? 12.436  11.327  18.079  1.00 63.05 ? 24  ARG A NH2 1 
ATOM   176  N  N   . THR A 1 25 ? 12.983  5.168   14.292  1.00 21.92 ? 25  THR A N   1 
ATOM   177  C  CA  . THR A 1 25 ? 14.363  4.793   14.622  1.00 35.25 ? 25  THR A CA  1 
ATOM   178  C  C   . THR A 1 25 ? 15.311  4.533   13.440  1.00 40.91 ? 25  THR A C   1 
ATOM   179  O  O   . THR A 1 25 ? 16.454  4.999   13.434  1.00 36.81 ? 25  THR A O   1 
ATOM   180  C  CB  . THR A 1 25 ? 14.367  3.549   15.530  1.00 37.47 ? 25  THR A CB  1 
ATOM   181  O  OG1 . THR A 1 25 ? 13.754  2.455   14.838  1.00 61.56 ? 25  THR A OG1 1 
ATOM   182  C  CG2 . THR A 1 25 ? 13.583  3.829   16.804  1.00 27.49 ? 25  THR A CG2 1 
ATOM   183  N  N   . LYS A 1 26 ? 14.833  3.789   12.447  1.00 29.56 ? 26  LYS A N   1 
ATOM   184  C  CA  . LYS A 1 26 ? 15.639  3.448   11.281  1.00 27.58 ? 26  LYS A CA  1 
ATOM   185  C  C   . LYS A 1 26 ? 15.210  4.174   10.007  1.00 32.42 ? 26  LYS A C   1 
ATOM   186  O  O   . LYS A 1 26 ? 15.927  4.153   9.005   1.00 34.29 ? 26  LYS A O   1 
ATOM   187  C  CB  . LYS A 1 26 ? 15.576  1.941   11.032  1.00 24.23 ? 26  LYS A CB  1 
ATOM   188  C  CG  . LYS A 1 26 ? 15.995  1.068   12.218  1.00 33.87 ? 26  LYS A CG  1 
ATOM   189  C  CD  . LYS A 1 26 ? 17.531  0.942   12.315  1.00 40.74 ? 26  LYS A CD  1 
ATOM   190  N  N   . GLY A 1 27 ? 14.040  4.801   10.023  1.00 28.06 ? 27  GLY A N   1 
ATOM   191  C  CA  . GLY A 1 27 ? 13.589  5.516   8.833   1.00 24.87 ? 27  GLY A CA  1 
ATOM   192  C  C   . GLY A 1 27 ? 12.949  4.682   7.723   1.00 21.34 ? 27  GLY A C   1 
ATOM   193  O  O   . GLY A 1 27 ? 12.482  5.239   6.738   1.00 22.77 ? 27  GLY A O   1 
ATOM   194  N  N   . GLU A 1 28 ? 12.923  3.359   7.879   1.00 19.14 ? 28  GLU A N   1 
ATOM   195  C  CA  . GLU A 1 28 ? 12.322  2.485   6.876   1.00 21.42 ? 28  GLU A CA  1 
ATOM   196  C  C   . GLU A 1 28 ? 12.035  1.133   7.493   1.00 22.78 ? 28  GLU A C   1 
ATOM   197  O  O   . GLU A 1 28 ? 12.614  0.769   8.516   1.00 26.38 ? 28  GLU A O   1 
ATOM   198  C  CB  . GLU A 1 28 ? 13.269  2.283   5.690   1.00 31.93 ? 28  GLU A CB  1 
ATOM   199  C  CG  . GLU A 1 28 ? 14.534  1.533   6.067   1.00 30.25 ? 28  GLU A CG  1 
ATOM   200  C  CD  . GLU A 1 28 ? 15.541  1.486   4.931   1.00 32.69 ? 28  GLU A CD  1 
ATOM   201  O  OE1 . GLU A 1 28 ? 15.120  1.637   3.764   1.00 45.49 ? 28  GLU A OE1 1 
ATOM   202  O  OE2 . GLU A 1 28 ? 16.741  1.297   5.207   1.00 55.19 ? 28  GLU A OE2 1 
ATOM   203  N  N   . VAL A 1 29 ? 11.142  0.386   6.863   1.00 20.57 ? 29  VAL A N   1 
ATOM   204  C  CA  . VAL A 1 29 ? 10.795  -0.938  7.359   1.00 22.00 ? 29  VAL A CA  1 
ATOM   205  C  C   . VAL A 1 29 ? 10.024  -1.602  6.239   1.00 22.13 ? 29  VAL A C   1 
ATOM   206  O  O   . VAL A 1 29 ? 9.460   -0.918  5.383   1.00 20.59 ? 29  VAL A O   1 
ATOM   207  C  CB  . VAL A 1 29 ? 9.897   -0.849  8.619   1.00 24.98 ? 29  VAL A CB  1 
ATOM   208  C  CG1 . VAL A 1 29 ? 8.645   -0.080  8.306   1.00 23.37 ? 29  VAL A CG1 1 
ATOM   209  C  CG2 . VAL A 1 29 ? 9.529   -2.259  9.134   1.00 23.11 ? 29  VAL A CG2 1 
ATOM   210  N  N   . GLU A 1 30 ? 10.022  -2.928  6.221   1.00 21.76 ? 30  GLU A N   1 
ATOM   211  C  CA  . GLU A 1 30 ? 9.266   -3.630  5.209   1.00 22.92 ? 30  GLU A CA  1 
ATOM   212  C  C   . GLU A 1 30 ? 8.272   -4.572  5.899   1.00 21.19 ? 30  GLU A C   1 
ATOM   213  O  O   . GLU A 1 30 ? 8.539   -5.127  6.973   1.00 24.57 ? 30  GLU A O   1 
ATOM   214  C  CB  . GLU A 1 30 ? 10.203  -4.401  4.273   1.00 26.33 ? 30  GLU A CB  1 
ATOM   215  C  CG  . GLU A 1 30 ? 10.352  -5.859  4.563   1.00 45.56 ? 30  GLU A CG  1 
ATOM   216  C  CD  . GLU A 1 30 ? 11.026  -6.592  3.423   1.00 43.74 ? 30  GLU A CD  1 
ATOM   217  O  OE1 . GLU A 1 30 ? 10.899  -6.132  2.268   1.00 42.61 ? 30  GLU A OE1 1 
ATOM   218  O  OE2 . GLU A 1 30 ? 11.668  -7.629  3.677   1.00 43.67 ? 30  GLU A OE2 1 
ATOM   219  N  N   . VAL A 1 31 ? 7.108   -4.710  5.290   1.00 20.04 ? 31  VAL A N   1 
ATOM   220  C  CA  . VAL A 1 31 ? 6.079   -5.595  5.827   1.00 24.15 ? 31  VAL A CA  1 
ATOM   221  C  C   . VAL A 1 31 ? 5.813   -6.651  4.770   1.00 26.02 ? 31  VAL A C   1 
ATOM   222  O  O   . VAL A 1 31 ? 5.593   -6.318  3.588   1.00 26.09 ? 31  VAL A O   1 
ATOM   223  C  CB  . VAL A 1 31 ? 4.765   -4.814  6.093   1.00 24.96 ? 31  VAL A CB  1 
ATOM   224  C  CG1 . VAL A 1 31 ? 3.666   -5.787  6.475   1.00 27.54 ? 31  VAL A CG1 1 
ATOM   225  C  CG2 . VAL A 1 31 ? 4.986   -3.779  7.196   1.00 25.79 ? 31  VAL A CG2 1 
ATOM   226  N  N   . GLN A 1 32 ? 5.853   -7.911  5.179   1.00 20.74 ? 32  GLN A N   1 
ATOM   227  C  CA  . GLN A 1 32 ? 5.587   -9.018  4.274   1.00 22.08 ? 32  GLN A CA  1 
ATOM   228  C  C   . GLN A 1 32 ? 4.237   -9.613  4.666   1.00 28.48 ? 32  GLN A C   1 
ATOM   229  O  O   . GLN A 1 32 ? 3.961   -9.823  5.853   1.00 25.85 ? 32  GLN A O   1 
ATOM   230  C  CB  . GLN A 1 32 ? 6.676   -10.091 4.376   1.00 23.22 ? 32  GLN A CB  1 
ATOM   231  C  CG  . GLN A 1 32 ? 8.070   -9.647  3.916   1.00 25.03 ? 32  GLN A CG  1 
ATOM   232  C  CD  . GLN A 1 32 ? 9.104   -10.747 4.039   1.00 24.12 ? 32  GLN A CD  1 
ATOM   233  O  OE1 . GLN A 1 32 ? 8.926   -11.696 4.800   1.00 29.84 ? 32  GLN A OE1 1 
ATOM   234  N  NE2 . GLN A 1 32 ? 10.202  -10.619 3.302   1.00 29.71 ? 32  GLN A NE2 1 
ATOM   235  N  N   . ALA A 1 33 ? 3.395   -9.873  3.672   1.00 19.84 ? 33  ALA A N   1 
ATOM   236  C  CA  . ALA A 1 33 ? 2.079   -10.442 3.927   1.00 18.99 ? 33  ALA A CA  1 
ATOM   237  C  C   . ALA A 1 33 ? 1.726   -11.503 2.887   1.00 27.57 ? 33  ALA A C   1 
ATOM   238  O  O   . ALA A 1 33 ? 2.028   -11.351 1.702   1.00 28.21 ? 33  ALA A O   1 
ATOM   239  C  CB  . ALA A 1 33 ? 1.013   -9.338  3.902   1.00 20.48 ? 33  ALA A CB  1 
ATOM   240  N  N   . ILE A 1 34 ? 1.058   -12.560 3.324   1.00 32.57 ? 34  ILE A N   1 
ATOM   241  C  CA  . ILE A 1 34 ? 0.641   -13.618 2.407   1.00 32.54 ? 34  ILE A CA  1 
ATOM   242  C  C   . ILE A 1 34 ? -0.840  -13.904 2.608   1.00 33.03 ? 34  ILE A C   1 
ATOM   243  O  O   . ILE A 1 34 ? -1.283  -14.189 3.715   1.00 34.89 ? 34  ILE A O   1 
ATOM   244  C  CB  . ILE A 1 34 ? 1.411   -14.888 2.660   1.00 42.21 ? 34  ILE A CB  1 
ATOM   245  C  CG1 . ILE A 1 34 ? 2.908   -14.588 2.599   1.00 51.99 ? 34  ILE A CG1 1 
ATOM   246  C  CG2 . ILE A 1 34 ? 1.033   -15.925 1.619   1.00 56.55 ? 34  ILE A CG2 1 
ATOM   247  C  CD1 . ILE A 1 34 ? 3.771   -15.722 3.033   1.00 48.15 ? 34  ILE A CD1 1 
ATOM   248  N  N   . GLY A 1 35 ? -1.611  -13.832 1.539   1.00 35.09 ? 35  GLY A N   1 
ATOM   249  C  CA  . GLY A 1 35 ? -3.026  -14.093 1.698   1.00 42.81 ? 35  GLY A CA  1 
ATOM   250  C  C   . GLY A 1 35 ? -3.807  -12.808 1.875   1.00 38.05 ? 35  GLY A C   1 
ATOM   251  O  O   . GLY A 1 35 ? -3.297  -11.820 2.413   1.00 43.43 ? 35  GLY A O   1 
ATOM   252  N  N   . PRO A 1 36 ? -5.065  -12.800 1.430   1.00 35.56 ? 36  PRO A N   1 
ATOM   253  C  CA  . PRO A 1 36 ? -5.995  -11.669 1.491   1.00 38.78 ? 36  PRO A CA  1 
ATOM   254  C  C   . PRO A 1 36 ? -6.120  -10.949 2.825   1.00 28.56 ? 36  PRO A C   1 
ATOM   255  O  O   . PRO A 1 36 ? -5.906  -9.746  2.902   1.00 28.47 ? 36  PRO A O   1 
ATOM   256  C  CB  . PRO A 1 36 ? -7.320  -12.292 1.065   1.00 45.04 ? 36  PRO A CB  1 
ATOM   257  C  CG  . PRO A 1 36 ? -6.894  -13.318 0.086   1.00 38.46 ? 36  PRO A CG  1 
ATOM   258  C  CD  . PRO A 1 36 ? -5.682  -13.942 0.736   1.00 49.35 ? 36  PRO A CD  1 
ATOM   259  N  N   . GLN A 1 37 ? -6.481  -11.678 3.875   1.00 28.31 ? 37  GLN A N   1 
ATOM   260  C  CA  . GLN A 1 37 ? -6.677  -11.045 5.181   1.00 27.80 ? 37  GLN A CA  1 
ATOM   261  C  C   . GLN A 1 37 ? -5.399  -10.397 5.715   1.00 22.10 ? 37  GLN A C   1 
ATOM   262  O  O   . GLN A 1 37 ? -5.449  -9.315  6.275   1.00 26.69 ? 37  GLN A O   1 
ATOM   263  C  CB  . GLN A 1 37 ? -7.216  -12.053 6.195   1.00 27.54 ? 37  GLN A CB  1 
ATOM   264  C  CG  . GLN A 1 37 ? -7.879  -11.425 7.404   1.00 43.01 ? 37  GLN A CG  1 
ATOM   265  C  CD  . GLN A 1 37 ? -9.076  -10.551 7.033   1.00 53.76 ? 37  GLN A CD  1 
ATOM   266  O  OE1 . GLN A 1 37 ? -9.841  -10.876 6.121   1.00 73.57 ? 37  GLN A OE1 1 
ATOM   267  N  NE2 . GLN A 1 37 ? -9.248  -9.446  7.749   1.00 62.03 ? 37  GLN A NE2 1 
ATOM   268  N  N   . ALA A 1 38 ? -4.271  -11.068 5.550   1.00 19.82 ? 38  ALA A N   1 
ATOM   269  C  CA  . ALA A 1 38 ? -3.003  -10.526 6.019   1.00 25.15 ? 38  ALA A CA  1 
ATOM   270  C  C   . ALA A 1 38 ? -2.655  -9.235  5.261   1.00 27.92 ? 38  ALA A C   1 
ATOM   271  O  O   . ALA A 1 38 ? -2.119  -8.291  5.846   1.00 21.49 ? 38  ALA A O   1 
ATOM   272  C  CB  . ALA A 1 38 ? -1.906  -11.546 5.839   1.00 24.52 ? 38  ALA A CB  1 
ATOM   273  N  N   . VAL A 1 39 ? -2.953  -9.198  3.962   1.00 24.48 ? 39  VAL A N   1 
ATOM   274  C  CA  . VAL A 1 39 ? -2.662  -7.996  3.182   1.00 19.48 ? 39  VAL A CA  1 
ATOM   275  C  C   . VAL A 1 39 ? -3.544  -6.876  3.709   1.00 19.30 ? 39  VAL A C   1 
ATOM   276  O  O   . VAL A 1 39 ? -3.093  -5.759  3.915   1.00 22.56 ? 39  VAL A O   1 
ATOM   277  C  CB  . VAL A 1 39 ? -2.933  -8.222  1.672   1.00 22.34 ? 39  VAL A CB  1 
ATOM   278  C  CG1 . VAL A 1 39 ? -2.953  -6.887  0.933   1.00 22.92 ? 39  VAL A CG1 1 
ATOM   279  C  CG2 . VAL A 1 39 ? -1.859  -9.121  1.086   1.00 25.62 ? 39  VAL A CG2 1 
ATOM   280  N  N   . ASN A 1 40 ? -4.810  -7.190  3.957   1.00 22.40 ? 40  ASN A N   1 
ATOM   281  C  CA  . ASN A 1 40 ? -5.741  -6.203  4.482   1.00 23.67 ? 40  ASN A CA  1 
ATOM   282  C  C   . ASN A 1 40 ? -5.214  -5.701  5.843   1.00 23.69 ? 40  ASN A C   1 
ATOM   283  O  O   . ASN A 1 40 ? -5.204  -4.499  6.105   1.00 24.87 ? 40  ASN A O   1 
ATOM   284  C  CB  . ASN A 1 40 ? -7.131  -6.845  4.627   1.00 26.94 ? 40  ASN A CB  1 
ATOM   285  C  CG  . ASN A 1 40 ? -8.228  -5.831  4.937   1.00 44.08 ? 40  ASN A CG  1 
ATOM   286  O  OD1 . ASN A 1 40 ? -8.432  -4.863  4.199   1.00 39.05 ? 40  ASN A OD1 1 
ATOM   287  N  ND2 . ASN A 1 40 ? -8.943  -6.056  6.033   1.00 44.33 ? 40  ASN A ND2 1 
ATOM   288  N  N   . GLN A 1 41 ? -4.746  -6.613  6.701   1.00 22.00 ? 41  GLN A N   1 
ATOM   289  C  CA  . GLN A 1 41 ? -4.237  -6.198  8.013   1.00 25.13 ? 41  GLN A CA  1 
ATOM   290  C  C   . GLN A 1 41 ? -3.021  -5.273  7.860   1.00 21.18 ? 41  GLN A C   1 
ATOM   291  O  O   . GLN A 1 41 ? -2.906  -4.256  8.545   1.00 20.27 ? 41  GLN A O   1 
ATOM   292  C  CB  . GLN A 1 41 ? -3.848  -7.423  8.850   1.00 37.04 ? 41  GLN A CB  1 
ATOM   293  C  CG  . GLN A 1 41 ? -5.012  -8.378  9.171   1.00 34.12 ? 41  GLN A CG  1 
ATOM   294  C  CD  . GLN A 1 41 ? -6.110  -7.725  9.995   1.00 43.17 ? 41  GLN A CD  1 
ATOM   295  O  OE1 . GLN A 1 41 ? -6.698  -6.723  9.592   1.00 53.52 ? 41  GLN A OE1 1 
ATOM   296  N  NE2 . GLN A 1 41 ? -6.396  -8.299  11.154  1.00 64.47 ? 41  GLN A NE2 1 
ATOM   297  N  N   . ALA A 1 42 ? -2.121  -5.628  6.956   1.00 22.36 ? 42  ALA A N   1 
ATOM   298  C  CA  . ALA A 1 42 ? -0.939  -4.813  6.716   1.00 21.89 ? 42  ALA A CA  1 
ATOM   299  C  C   . ALA A 1 42 ? -1.287  -3.405  6.239   1.00 21.74 ? 42  ALA A C   1 
ATOM   300  O  O   . ALA A 1 42 ? -0.715  -2.424  6.725   1.00 19.39 ? 42  ALA A O   1 
ATOM   301  C  CB  . ALA A 1 42 ? -0.037  -5.493  5.694   1.00 20.18 ? 42  ALA A CB  1 
ATOM   302  N  N   . VAL A 1 43 ? -2.204  -3.293  5.273   1.00 16.00 ? 43  VAL A N   1 
ATOM   303  C  CA  . VAL A 1 43 ? -2.562  -1.968  4.744   1.00 15.78 ? 43  VAL A CA  1 
ATOM   304  C  C   . VAL A 1 43 ? -3.175  -1.123  5.845   1.00 17.32 ? 43  VAL A C   1 
ATOM   305  O  O   . VAL A 1 43 ? -2.853  0.049   5.999   1.00 18.11 ? 43  VAL A O   1 
ATOM   306  C  CB  . VAL A 1 43 ? -3.589  -2.052  3.578   1.00 24.28 ? 43  VAL A CB  1 
ATOM   307  C  CG1 . VAL A 1 43 ? -4.019  -0.647  3.152   1.00 26.00 ? 43  VAL A CG1 1 
ATOM   308  C  CG2 . VAL A 1 43 ? -2.979  -2.787  2.409   1.00 25.75 ? 43  VAL A CG2 1 
ATOM   309  N  N   . LYS A 1 44 ? -4.069  -1.721  6.614   1.00 19.46 ? 44  LYS A N   1 
ATOM   310  C  CA  . LYS A 1 44 ? -4.674  -0.989  7.714   1.00 22.96 ? 44  LYS A CA  1 
ATOM   311  C  C   . LYS A 1 44 ? -3.595  -0.533  8.700   1.00 22.65 ? 44  LYS A C   1 
ATOM   312  O  O   . LYS A 1 44 ? -3.643  0.591   9.195   1.00 19.11 ? 44  LYS A O   1 
ATOM   313  C  CB  . LYS A 1 44 ? -5.695  -1.868  8.443   1.00 19.01 ? 44  LYS A CB  1 
ATOM   314  C  CG  . LYS A 1 44 ? -6.934  -2.158  7.610   1.00 26.70 ? 44  LYS A CG  1 
ATOM   315  C  CD  . LYS A 1 44 ? -7.923  -3.008  8.384   1.00 36.22 ? 44  LYS A CD  1 
ATOM   316  C  CE  . LYS A 1 44 ? -9.137  -3.345  7.507   1.00 44.19 ? 44  LYS A CE  1 
ATOM   317  N  NZ  . LYS A 1 44 ? -10.198 -4.005  8.308   1.00 49.33 ? 44  LYS A NZ  1 
ATOM   318  N  N   . ALA A 1 45 ? -2.612  -1.388  8.968   1.00 18.41 ? 45  ALA A N   1 
ATOM   319  C  CA  . ALA A 1 45 ? -1.561  -1.017  9.942   1.00 17.84 ? 45  ALA A CA  1 
ATOM   320  C  C   . ALA A 1 45 ? -0.742  0.183   9.481   1.00 17.28 ? 45  ALA A C   1 
ATOM   321  O  O   . ALA A 1 45 ? -0.383  1.063   10.277  1.00 17.82 ? 45  ALA A O   1 
ATOM   322  C  CB  . ALA A 1 45 ? -0.632  -2.219  10.199  1.00 17.44 ? 45  ALA A CB  1 
ATOM   323  N  N   . ILE A 1 46 ? -0.440  0.198   8.186   1.00 18.62 ? 46  ILE A N   1 
ATOM   324  C  CA  . ILE A 1 46 ? 0.334   1.272   7.579   1.00 18.29 ? 46  ILE A CA  1 
ATOM   325  C  C   . ILE A 1 46 ? -0.463  2.575   7.660   1.00 16.97 ? 46  ILE A C   1 
ATOM   326  O  O   . ILE A 1 46 ? 0.084   3.623   8.026   1.00 20.28 ? 46  ILE A O   1 
ATOM   327  C  CB  . ILE A 1 46 ? 0.672   0.929   6.093   1.00 17.71 ? 46  ILE A CB  1 
ATOM   328  C  CG1 . ILE A 1 46 ? 1.623   -0.278  6.062   1.00 21.04 ? 46  ILE A CG1 1 
ATOM   329  C  CG2 . ILE A 1 46 ? 1.308   2.150   5.392   1.00 22.74 ? 46  ILE A CG2 1 
ATOM   330  C  CD1 . ILE A 1 46 ? 1.798   -0.946  4.712   1.00 23.26 ? 46  ILE A CD1 1 
ATOM   331  N  N   . ALA A 1 47 ? -1.754  2.527   7.339   1.00 21.78 ? 47  ALA A N   1 
ATOM   332  C  CA  . ALA A 1 47 ? -2.560  3.745   7.446   1.00 20.67 ? 47  ALA A CA  1 
ATOM   333  C  C   . ALA A 1 47 ? -2.578  4.245   8.905   1.00 24.20 ? 47  ALA A C   1 
ATOM   334  O  O   . ALA A 1 47 ? -2.451  5.442   9.169   1.00 23.52 ? 47  ALA A O   1 
ATOM   335  C  CB  . ALA A 1 47 ? -3.991  3.489   6.974   1.00 21.62 ? 47  ALA A CB  1 
ATOM   336  N  N   . ILE A 1 48 ? -2.753  3.334   9.857   1.00 24.55 ? 48  ILE A N   1 
ATOM   337  C  CA  . ILE A 1 48 ? -2.766  3.767   11.263  1.00 18.84 ? 48  ILE A CA  1 
ATOM   338  C  C   . ILE A 1 48 ? -1.397  4.327   11.670  1.00 20.51 ? 48  ILE A C   1 
ATOM   339  O  O   . ILE A 1 48 ? -1.310  5.337   12.365  1.00 22.18 ? 48  ILE A O   1 
ATOM   340  C  CB  . ILE A 1 48 ? -3.143  2.607   12.224  1.00 19.37 ? 48  ILE A CB  1 
ATOM   341  C  CG1 . ILE A 1 48 ? -4.627  2.226   12.020  1.00 20.59 ? 48  ILE A CG1 1 
ATOM   342  C  CG2 . ILE A 1 48 ? -2.946  3.059   13.682  1.00 24.35 ? 48  ILE A CG2 1 
ATOM   343  C  CD1 . ILE A 1 48 ? -5.022  0.934   12.723  1.00 22.77 ? 48  ILE A CD1 1 
ATOM   344  N  N   . ALA A 1 49 ? -0.324  3.683   11.227  1.00 19.00 ? 49  ALA A N   1 
ATOM   345  C  CA  . ALA A 1 49 ? 1.021   4.152   11.573  1.00 19.28 ? 49  ALA A CA  1 
ATOM   346  C  C   . ALA A 1 49 ? 1.252   5.616   11.168  1.00 21.96 ? 49  ALA A C   1 
ATOM   347  O  O   . ALA A 1 49 ? 2.002   6.333   11.840  1.00 21.16 ? 49  ALA A O   1 
ATOM   348  C  CB  . ALA A 1 49 ? 2.101   3.259   10.909  1.00 16.68 ? 49  ALA A CB  1 
ATOM   349  N  N   . ARG A 1 50 ? 0.611   6.061   10.087  1.00 18.48 ? 50  ARG A N   1 
ATOM   350  C  CA  . ARG A 1 50 ? 0.810   7.443   9.638   1.00 23.35 ? 50  ARG A CA  1 
ATOM   351  C  C   . ARG A 1 50 ? 0.386   8.400   10.737  1.00 27.38 ? 50  ARG A C   1 
ATOM   352  O  O   . ARG A 1 50 ? 0.994   9.452   10.917  1.00 27.66 ? 50  ARG A O   1 
ATOM   353  C  CB  . ARG A 1 50 ? 0.002   7.740   8.381   1.00 22.56 ? 50  ARG A CB  1 
ATOM   354  C  CG  . ARG A 1 50 ? 0.452   6.987   7.158   1.00 22.56 ? 50  ARG A CG  1 
ATOM   355  C  CD  . ARG A 1 50 ? -0.420  7.362   5.979   1.00 28.95 ? 50  ARG A CD  1 
ATOM   356  N  NE  . ARG A 1 50 ? -0.219  8.755   5.588   1.00 30.03 ? 50  ARG A NE  1 
ATOM   357  C  CZ  . ARG A 1 50 ? -1.004  9.412   4.743   1.00 38.81 ? 50  ARG A CZ  1 
ATOM   358  N  NH1 . ARG A 1 50 ? -2.049  8.800   4.208   1.00 31.27 ? 50  ARG A NH1 1 
ATOM   359  N  NH2 . ARG A 1 50 ? -0.735  10.670  4.424   1.00 29.39 ? 50  ARG A NH2 1 
ATOM   360  N  N   . GLY A 1 51 ? -0.664  8.024   11.459  1.00 27.06 ? 51  GLY A N   1 
ATOM   361  C  CA  . GLY A 1 51 ? -1.143  8.846   12.553  1.00 30.88 ? 51  GLY A CA  1 
ATOM   362  C  C   . GLY A 1 51 ? -0.164  8.892   13.727  1.00 29.60 ? 51  GLY A C   1 
ATOM   363  O  O   . GLY A 1 51 ? -0.138  9.884   14.453  1.00 31.17 ? 51  GLY A O   1 
ATOM   364  N  N   . TYR A 1 52 ? 0.640   7.844   13.927  1.00 21.75 ? 52  TYR A N   1 
ATOM   365  C  CA  . TYR A 1 52 ? 1.593   7.844   15.033  1.00 25.68 ? 52  TYR A CA  1 
ATOM   366  C  C   . TYR A 1 52 ? 2.908   8.606   14.756  1.00 29.85 ? 52  TYR A C   1 
ATOM   367  O  O   . TYR A 1 52 ? 3.539   9.100   15.686  1.00 28.82 ? 52  TYR A O   1 
ATOM   368  C  CB  . TYR A 1 52 ? 1.939   6.404   15.459  1.00 22.41 ? 52  TYR A CB  1 
ATOM   369  C  CG  . TYR A 1 52 ? 0.829   5.632   16.161  1.00 23.87 ? 52  TYR A CG  1 
ATOM   370  C  CD1 . TYR A 1 52 ? 0.181   6.162   17.284  1.00 31.04 ? 52  TYR A CD1 1 
ATOM   371  C  CD2 . TYR A 1 52 ? 0.446   4.371   15.723  1.00 18.59 ? 52  TYR A CD2 1 
ATOM   372  C  CE1 . TYR A 1 52 ? -0.816  5.452   17.945  1.00 26.08 ? 52  TYR A CE1 1 
ATOM   373  C  CE2 . TYR A 1 52 ? -0.562  3.638   16.383  1.00 22.82 ? 52  TYR A CE2 1 
ATOM   374  C  CZ  . TYR A 1 52 ? -1.188  4.197   17.501  1.00 27.56 ? 52  TYR A CZ  1 
ATOM   375  O  OH  . TYR A 1 52 ? -2.182  3.514   18.182  1.00 29.03 ? 52  TYR A OH  1 
ATOM   376  N  N   . ILE A 1 53 ? 3.347   8.678   13.500  1.00 25.42 ? 53  ILE A N   1 
ATOM   377  C  CA  . ILE A 1 53 ? 4.616   9.365   13.212  1.00 22.85 ? 53  ILE A CA  1 
ATOM   378  C  C   . ILE A 1 53 ? 4.454   10.843  12.844  1.00 24.71 ? 53  ILE A C   1 
ATOM   379  O  O   . ILE A 1 53 ? 5.428   11.604  12.862  1.00 30.28 ? 53  ILE A O   1 
ATOM   380  C  CB  . ILE A 1 53 ? 5.381   8.664   12.070  1.00 23.46 ? 53  ILE A CB  1 
ATOM   381  C  CG1 . ILE A 1 53 ? 4.531   8.682   10.792  1.00 26.11 ? 53  ILE A CG1 1 
ATOM   382  C  CG2 . ILE A 1 53 ? 5.737   7.256   12.492  1.00 27.65 ? 53  ILE A CG2 1 
ATOM   383  C  CD1 . ILE A 1 53 ? 5.168   7.993   9.579   1.00 30.27 ? 53  ILE A CD1 1 
ATOM   384  N  N   . ALA A 1 54 ? 3.228   11.248  12.518  1.00 25.09 ? 54  ALA A N   1 
ATOM   385  C  CA  . ALA A 1 54 ? 2.968   12.631  12.129  1.00 35.26 ? 54  ALA A CA  1 
ATOM   386  C  C   . ALA A 1 54 ? 3.402   13.670  13.165  1.00 32.56 ? 54  ALA A C   1 
ATOM   387  O  O   . ALA A 1 54 ? 4.009   14.686  12.811  1.00 36.48 ? 54  ALA A O   1 
ATOM   388  C  CB  . ALA A 1 54 ? 1.490   12.811  11.782  1.00 29.39 ? 54  ALA A CB  1 
ATOM   389  N  N   . PRO A 1 55 ? 3.103   13.433  14.456  1.00 42.95 ? 55  PRO A N   1 
ATOM   390  C  CA  . PRO A 1 55 ? 3.487   14.379  15.515  1.00 32.78 ? 55  PRO A CA  1 
ATOM   391  C  C   . PRO A 1 55 ? 5.004   14.461  15.645  1.00 44.92 ? 55  PRO A C   1 
ATOM   392  O  O   . PRO A 1 55 ? 5.542   15.399  16.238  1.00 41.20 ? 55  PRO A O   1 
ATOM   393  C  CB  . PRO A 1 55 ? 2.844   13.781  16.767  1.00 44.96 ? 55  PRO A CB  1 
ATOM   394  C  CG  . PRO A 1 55 ? 1.661   13.034  16.226  1.00 47.87 ? 55  PRO A CG  1 
ATOM   395  C  CD  . PRO A 1 55 ? 2.231   12.372  15.000  1.00 40.79 ? 55  PRO A CD  1 
ATOM   396  N  N   . ASP A 1 56 ? 5.689   13.461  15.097  1.00 42.55 ? 56  ASP A N   1 
ATOM   397  C  CA  . ASP A 1 56 ? 7.147   13.417  15.130  1.00 33.76 ? 56  ASP A CA  1 
ATOM   398  C  C   . ASP A 1 56 ? 7.729   13.999  13.859  1.00 30.46 ? 56  ASP A C   1 
ATOM   399  O  O   . ASP A 1 56 ? 8.876   13.741  13.534  1.00 34.11 ? 56  ASP A O   1 
ATOM   400  C  CB  . ASP A 1 56 ? 7.634   11.984  15.307  1.00 40.32 ? 56  ASP A CB  1 
ATOM   401  C  CG  . ASP A 1 56 ? 7.421   11.477  16.710  1.00 52.43 ? 56  ASP A CG  1 
ATOM   402  O  OD1 . ASP A 1 56 ? 6.327   11.722  17.263  1.00 70.69 ? 56  ASP A OD1 1 
ATOM   403  O  OD2 . ASP A 1 56 ? 8.338   10.835  17.257  1.00 56.58 ? 56  ASP A OD2 1 
ATOM   404  N  N   . ASN A 1 57 ? 6.907   14.756  13.138  1.00 29.37 ? 57  ASN A N   1 
ATOM   405  C  CA  . ASN A 1 57 ? 7.322   15.422  11.911  1.00 35.06 ? 57  ASN A CA  1 
ATOM   406  C  C   . ASN A 1 57 ? 7.724   14.449  10.795  1.00 38.52 ? 57  ASN A C   1 
ATOM   407  O  O   . ASN A 1 57 ? 8.672   14.691  10.045  1.00 31.14 ? 57  ASN A O   1 
ATOM   408  C  CB  . ASN A 1 57 ? 8.469   16.387  12.252  1.00 35.65 ? 57  ASN A CB  1 
ATOM   409  C  CG  . ASN A 1 57 ? 8.969   17.159  11.055  1.00 34.59 ? 57  ASN A CG  1 
ATOM   410  O  OD1 . ASN A 1 57 ? 8.200   17.559  10.179  1.00 40.31 ? 57  ASN A OD1 1 
ATOM   411  N  ND2 . ASN A 1 57 ? 10.272  17.385  11.016  1.00 33.56 ? 57  ASN A ND2 1 
ATOM   412  N  N   . LEU A 1 58 ? 6.991   13.345  10.689  1.00 36.69 ? 58  LEU A N   1 
ATOM   413  C  CA  . LEU A 1 58 ? 7.269   12.347  9.670   1.00 29.03 ? 58  LEU A CA  1 
ATOM   414  C  C   . LEU A 1 58 ? 6.001   11.848  9.008   1.00 31.95 ? 58  LEU A C   1 
ATOM   415  O  O   . LEU A 1 58 ? 4.920   11.879  9.603   1.00 28.12 ? 58  LEU A O   1 
ATOM   416  C  CB  . LEU A 1 58 ? 7.990   11.135  10.291  1.00 30.82 ? 58  LEU A CB  1 
ATOM   417  C  CG  . LEU A 1 58 ? 9.374   11.254  10.940  1.00 41.09 ? 58  LEU A CG  1 
ATOM   418  C  CD1 . LEU A 1 58 ? 9.695   9.960   11.698  1.00 42.91 ? 58  LEU A CD1 1 
ATOM   419  C  CD2 . LEU A 1 58 ? 10.446  11.530  9.876   1.00 30.67 ? 58  LEU A CD2 1 
ATOM   420  N  N   . ASP A 1 59 ? 6.119   11.446  7.746   1.00 28.93 ? 59  ASP A N   1 
ATOM   421  C  CA  . ASP A 1 59 ? 5.006   10.802  7.076   1.00 32.30 ? 59  ASP A CA  1 
ATOM   422  C  C   . ASP A 1 59 ? 5.726   9.664   6.374   1.00 25.75 ? 59  ASP A C   1 
ATOM   423  O  O   . ASP A 1 59 ? 6.960   9.572   6.439   1.00 28.15 ? 59  ASP A O   1 
ATOM   424  C  CB  . ASP A 1 59 ? 4.270   11.673  6.054   1.00 38.55 ? 59  ASP A CB  1 
ATOM   425  C  CG  . ASP A 1 59 ? 2.873   11.097  5.694   1.00 63.55 ? 59  ASP A CG  1 
ATOM   426  O  OD1 . ASP A 1 59 ? 2.544   9.953   6.119   1.00 42.10 ? 59  ASP A OD1 1 
ATOM   427  O  OD2 . ASP A 1 59 ? 2.103   11.778  4.983   1.00 57.50 ? 59  ASP A OD2 1 
ATOM   428  N  N   . LEU A 1 60 ? 4.979   8.795   5.714   1.00 25.11 ? 60  LEU A N   1 
ATOM   429  C  CA  . LEU A 1 60 ? 5.611   7.670   5.049   1.00 27.50 ? 60  LEU A CA  1 
ATOM   430  C  C   . LEU A 1 60 ? 5.132   7.511   3.624   1.00 23.59 ? 60  LEU A C   1 
ATOM   431  O  O   . LEU A 1 60 ? 4.111   8.070   3.227   1.00 25.03 ? 60  LEU A O   1 
ATOM   432  C  CB  . LEU A 1 60 ? 5.310   6.386   5.832   1.00 25.14 ? 60  LEU A CB  1 
ATOM   433  C  CG  . LEU A 1 60 ? 3.825   6.133   6.141   1.00 23.62 ? 60  LEU A CG  1 
ATOM   434  C  CD1 . LEU A 1 60 ? 3.095   5.595   4.904   1.00 22.82 ? 60  LEU A CD1 1 
ATOM   435  C  CD2 . LEU A 1 60 ? 3.718   5.143   7.290   1.00 20.15 ? 60  LEU A CD2 1 
ATOM   436  N  N   . VAL A 1 61 ? 5.887   6.741   2.861   1.00 22.65 ? 61  VAL A N   1 
ATOM   437  C  CA  . VAL A 1 61 ? 5.519   6.423   1.489   1.00 22.02 ? 61  VAL A CA  1 
ATOM   438  C  C   . VAL A 1 61 ? 5.720   4.927   1.415   1.00 22.83 ? 61  VAL A C   1 
ATOM   439  O  O   . VAL A 1 61 ? 6.601   4.396   2.073   1.00 21.86 ? 61  VAL A O   1 
ATOM   440  C  CB  . VAL A 1 61 ? 6.424   7.123   0.468   1.00 29.77 ? 61  VAL A CB  1 
ATOM   441  C  CG1 . VAL A 1 61 ? 6.025   8.590   0.375   1.00 28.96 ? 61  VAL A CG1 1 
ATOM   442  C  CG2 . VAL A 1 61 ? 7.885   6.983   0.884   1.00 26.22 ? 61  VAL A CG2 1 
ATOM   443  N  N   . VAL A 1 62 ? 4.902   4.255   0.610   1.00 23.61 ? 62  VAL A N   1 
ATOM   444  C  CA  . VAL A 1 62 ? 4.973   2.807   0.498   1.00 24.08 ? 62  VAL A CA  1 
ATOM   445  C  C   . VAL A 1 62 ? 5.110   2.363   -0.955  1.00 23.08 ? 62  VAL A C   1 
ATOM   446  O  O   . VAL A 1 62 ? 4.517   2.967   -1.853  1.00 23.66 ? 62  VAL A O   1 
ATOM   447  C  CB  . VAL A 1 62 ? 3.657   2.158   1.058   1.00 22.10 ? 62  VAL A CB  1 
ATOM   448  C  CG1 . VAL A 1 62 ? 3.740   0.638   0.963   1.00 30.61 ? 62  VAL A CG1 1 
ATOM   449  C  CG2 . VAL A 1 62 ? 3.430   2.604   2.501   1.00 26.96 ? 62  VAL A CG2 1 
ATOM   450  N  N   . LYS A 1 63 ? 5.884   1.310   -1.182  1.00 28.36 ? 63  LYS A N   1 
ATOM   451  C  CA  . LYS A 1 63 ? 5.993   0.733   -2.521  1.00 23.15 ? 63  LYS A CA  1 
ATOM   452  C  C   . LYS A 1 63 ? 5.673   -0.763  -2.414  1.00 21.88 ? 63  LYS A C   1 
ATOM   453  O  O   . LYS A 1 63 ? 6.434   -1.510  -1.789  1.00 23.15 ? 63  LYS A O   1 
ATOM   454  C  CB  . LYS A 1 63 ? 7.405   0.910   -3.083  1.00 26.21 ? 63  LYS A CB  1 
ATOM   455  C  CG  . LYS A 1 63 ? 7.736   2.337   -3.480  1.00 35.08 ? 63  LYS A CG  1 
ATOM   456  C  CD  . LYS A 1 63 ? 9.114   2.410   -4.094  1.00 50.78 ? 63  LYS A CD  1 
ATOM   457  C  CE  . LYS A 1 63 ? 9.486   3.832   -4.485  1.00 50.76 ? 63  LYS A CE  1 
ATOM   458  N  NZ  . LYS A 1 63 ? 10.970  4.007   -4.449  1.00 67.75 ? 63  LYS A NZ  1 
ATOM   459  N  N   . PRO A 1 64 ? 4.535   -1.213  -2.995  1.00 21.21 ? 64  PRO A N   1 
ATOM   460  C  CA  . PRO A 1 64 ? 4.168   -2.631  -2.938  1.00 24.34 ? 64  PRO A CA  1 
ATOM   461  C  C   . PRO A 1 64 ? 4.864   -3.397  -4.051  1.00 27.20 ? 64  PRO A C   1 
ATOM   462  O  O   . PRO A 1 64 ? 5.156   -2.838  -5.111  1.00 26.00 ? 64  PRO A O   1 
ATOM   463  C  CB  . PRO A 1 64 ? 2.666   -2.608  -3.148  1.00 26.14 ? 64  PRO A CB  1 
ATOM   464  C  CG  . PRO A 1 64 ? 2.542   -1.557  -4.178  1.00 34.13 ? 64  PRO A CG  1 
ATOM   465  C  CD  . PRO A 1 64 ? 3.475   -0.449  -3.674  1.00 28.35 ? 64  PRO A CD  1 
ATOM   466  N  N   . ALA A 1 65 ? 5.107   -4.677  -3.807  1.00 24.66 ? 65  ALA A N   1 
ATOM   467  C  CA  . ALA A 1 65 ? 5.761   -5.531  -4.788  1.00 27.10 ? 65  ALA A CA  1 
ATOM   468  C  C   . ALA A 1 65 ? 5.489   -7.012  -4.509  1.00 27.52 ? 65  ALA A C   1 
ATOM   469  O  O   . ALA A 1 65 ? 5.264   -7.412  -3.372  1.00 23.04 ? 65  ALA A O   1 
ATOM   470  C  CB  . ALA A 1 65 ? 7.266   -5.269  -4.775  1.00 27.87 ? 65  ALA A CB  1 
ATOM   471  N  N   . PHE A 1 66 ? 5.470   -7.813  -5.569  1.00 25.68 ? 66  PHE A N   1 
ATOM   472  C  CA  . PHE A 1 66 ? 5.311   -9.246  -5.430  1.00 24.15 ? 66  PHE A CA  1 
ATOM   473  C  C   . PHE A 1 66 ? 6.700   -9.786  -5.160  1.00 27.81 ? 66  PHE A C   1 
ATOM   474  O  O   . PHE A 1 66 ? 7.680   -9.319  -5.741  1.00 25.58 ? 66  PHE A O   1 
ATOM   475  C  CB  . PHE A 1 66 ? 4.800   -9.877  -6.715  1.00 30.96 ? 66  PHE A CB  1 
ATOM   476  C  CG  . PHE A 1 66 ? 3.333   -9.706  -6.925  1.00 26.43 ? 66  PHE A CG  1 
ATOM   477  C  CD1 . PHE A 1 66 ? 2.423   -10.451 -6.190  1.00 32.91 ? 66  PHE A CD1 1 
ATOM   478  C  CD2 . PHE A 1 66 ? 2.866   -8.792  -7.843  1.00 35.70 ? 66  PHE A CD2 1 
ATOM   479  C  CE1 . PHE A 1 66 ? 1.060   -10.284 -6.378  1.00 53.67 ? 66  PHE A CE1 1 
ATOM   480  C  CE2 . PHE A 1 66 ? 1.498   -8.619  -8.037  1.00 33.87 ? 66  PHE A CE2 1 
ATOM   481  C  CZ  . PHE A 1 66 ? 0.599   -9.362  -7.306  1.00 30.57 ? 66  PHE A CZ  1 
ATOM   482  N  N   . VAL A 1 67 ? 6.789   -10.765 -4.283  1.00 19.91 ? 67  VAL A N   1 
ATOM   483  C  CA  . VAL A 1 67 ? 8.083   -11.370 -3.986  1.00 27.20 ? 67  VAL A CA  1 
ATOM   484  C  C   . VAL A 1 67 ? 7.885   -12.848 -3.667  1.00 29.27 ? 67  VAL A C   1 
ATOM   485  O  O   . VAL A 1 67 ? 6.826   -13.252 -3.174  1.00 25.87 ? 67  VAL A O   1 
ATOM   486  C  CB  . VAL A 1 67 ? 8.792   -10.657 -2.794  1.00 30.90 ? 67  VAL A CB  1 
ATOM   487  C  CG1 . VAL A 1 67 ? 8.004   -10.846 -1.503  1.00 28.78 ? 67  VAL A CG1 1 
ATOM   488  C  CG2 . VAL A 1 67 ? 10.213  -11.186 -2.647  1.00 35.93 ? 67  VAL A CG2 1 
ATOM   489  N  N   . LYS A 1 68 ? 8.869   -13.661 -4.026  1.00 21.60 ? 68  LYS A N   1 
ATOM   490  C  CA  . LYS A 1 68 ? 8.804   -15.077 -3.709  1.00 28.99 ? 68  LYS A CA  1 
ATOM   491  C  C   . LYS A 1 68 ? 9.558   -15.193 -2.384  1.00 25.03 ? 68  LYS A C   1 
ATOM   492  O  O   . LYS A 1 68 ? 10.661  -14.656 -2.257  1.00 25.71 ? 68  LYS A O   1 
ATOM   493  C  CB  . LYS A 1 68 ? 9.483   -15.884 -4.818  1.00 32.97 ? 68  LYS A CB  1 
ATOM   494  C  CG  . LYS A 1 68 ? 8.774   -15.723 -6.168  1.00 39.93 ? 68  LYS A CG  1 
ATOM   495  C  CD  . LYS A 1 68 ? 9.553   -16.461 -7.242  1.00 50.30 ? 68  LYS A CD  1 
ATOM   496  N  N   . LEU A 1 69 ? 8.951   -15.848 -1.392  1.00 20.81 ? 69  LEU A N   1 
ATOM   497  C  CA  . LEU A 1 69 ? 9.573   -16.002 -0.064  1.00 22.62 ? 69  LEU A CA  1 
ATOM   498  C  C   . LEU A 1 69 ? 9.603   -17.468 0.349   1.00 27.66 ? 69  LEU A C   1 
ATOM   499  O  O   . LEU A 1 69 ? 8.802   -18.253 -0.114  1.00 32.47 ? 69  LEU A O   1 
ATOM   500  C  CB  . LEU A 1 69 ? 8.741   -15.298 1.011   1.00 32.59 ? 69  LEU A CB  1 
ATOM   501  C  CG  . LEU A 1 69 ? 8.380   -13.823 0.966   1.00 45.52 ? 69  LEU A CG  1 
ATOM   502  C  CD1 . LEU A 1 69 ? 7.261   -13.549 1.974   1.00 42.90 ? 69  LEU A CD1 1 
ATOM   503  C  CD2 . LEU A 1 69 ? 9.597   -13.006 1.273   1.00 43.98 ? 69  LEU A CD2 1 
ATOM   504  N  N   . GLU A 1 70 ? 10.517  -17.823 1.240   1.00 21.57 ? 70  GLU A N   1 
ATOM   505  C  CA  . GLU A 1 70 ? 10.552  -19.171 1.748   1.00 32.30 ? 70  GLU A CA  1 
ATOM   506  C  C   . GLU A 1 70 ? 9.832   -19.181 3.087   1.00 37.54 ? 70  GLU A C   1 
ATOM   507  O  O   . GLU A 1 70 ? 10.030  -18.300 3.913   1.00 45.38 ? 70  GLU A O   1 
ATOM   508  C  CB  . GLU A 1 70 ? 11.973  -19.685 1.971   1.00 43.24 ? 70  GLU A CB  1 
ATOM   509  C  CG  . GLU A 1 70 ? 11.943  -21.037 2.658   1.00 51.92 ? 70  GLU A CG  1 
ATOM   510  C  CD  . GLU A 1 70 ? 13.289  -21.696 2.814   1.00 68.84 ? 70  GLU A CD  1 
ATOM   511  O  OE1 . GLU A 1 70 ? 14.291  -21.184 2.276   1.00 71.19 ? 70  GLU A OE1 1 
ATOM   512  O  OE2 . GLU A 1 70 ? 13.336  -22.752 3.482   1.00 74.73 ? 70  GLU A OE2 1 
ATOM   513  N  N   . LEU A 1 71 ? 8.973   -20.172 3.277   1.00 33.60 ? 71  LEU A N   1 
ATOM   514  C  CA  . LEU A 1 71 ? 8.229   -20.361 4.537   1.00 46.40 ? 71  LEU A CA  1 
ATOM   515  C  C   . LEU A 1 71 ? 8.028   -21.879 4.704   1.00 42.92 ? 71  LEU A C   1 
ATOM   516  O  O   . LEU A 1 71 ? 7.561   -22.529 3.761   1.00 37.44 ? 71  LEU A O   1 
ATOM   517  C  CB  . LEU A 1 71 ? 6.868   -19.681 4.430   1.00 44.68 ? 71  LEU A CB  1 
ATOM   518  C  CG  . LEU A 1 71 ? 6.817   -18.285 3.826   1.00 59.58 ? 71  LEU A CG  1 
ATOM   519  C  CD1 . LEU A 1 71 ? 5.495   -18.190 3.133   1.00 54.65 ? 71  LEU A CD1 1 
ATOM   520  C  CD2 . LEU A 1 71 ? 6.982   -17.210 4.876   1.00 59.16 ? 71  LEU A CD2 1 
ATOM   521  N  N   . GLU A 1 72 ? 8.354   -22.433 5.873   1.00 62.06 ? 72  GLU A N   1 
ATOM   522  C  CA  . GLU A 1 72 ? 8.241   -23.874 6.089   1.00 56.34 ? 72  GLU A CA  1 
ATOM   523  C  C   . GLU A 1 72 ? 8.750   -24.664 4.882   1.00 55.47 ? 72  GLU A C   1 
ATOM   524  O  O   . GLU A 1 72 ? 8.054   -25.532 4.346   1.00 59.70 ? 72  GLU A O   1 
ATOM   525  C  CB  . GLU A 1 72 ? 6.783   -24.284 6.431   1.00 59.79 ? 72  GLU A CB  1 
ATOM   526  C  CG  . GLU A 1 72 ? 5.643   -23.909 5.451   1.00 64.04 ? 72  GLU A CG  1 
ATOM   527  C  CD  . GLU A 1 72 ? 4.216   -24.160 6.000   1.00 57.50 ? 72  GLU A CD  1 
ATOM   528  O  OE1 . GLU A 1 72 ? 4.052   -24.242 7.228   1.00 76.63 ? 72  GLU A OE1 1 
ATOM   529  O  OE2 . GLU A 1 72 ? 3.249   -24.246 5.210   1.00 39.31 ? 72  GLU A OE2 1 
ATOM   530  N  N   . ASN A 1 73 ? 9.985   -24.380 4.491   1.00 41.82 ? 73  ASN A N   1 
ATOM   531  C  CA  . ASN A 1 73 ? 10.644  -25.018 3.353   1.00 52.06 ? 73  ASN A CA  1 
ATOM   532  C  C   . ASN A 1 73 ? 9.822   -24.962 2.052   1.00 43.88 ? 73  ASN A C   1 
ATOM   533  O  O   . ASN A 1 73 ? 10.145  -25.641 1.074   1.00 41.93 ? 73  ASN A O   1 
ATOM   534  C  CB  . ASN A 1 73 ? 11.028  -26.476 3.675   1.00 63.04 ? 73  ASN A CB  1 
ATOM   535  C  CG  . ASN A 1 73 ? 9.850   -27.444 3.578   1.00 72.83 ? 73  ASN A CG  1 
ATOM   536  O  OD1 . ASN A 1 73 ? 9.116   -27.453 2.589   1.00 87.74 ? 73  ASN A OD1 1 
ATOM   537  N  ND2 . ASN A 1 73 ? 9.687   -28.287 4.595   1.00 83.78 ? 73  ASN A ND2 1 
ATOM   538  N  N   . GLU A 1 74 ? 8.764   -24.152 2.048   1.00 35.07 ? 74  GLU A N   1 
ATOM   539  C  CA  . GLU A 1 74 ? 7.918   -23.986 0.866   1.00 35.72 ? 74  GLU A CA  1 
ATOM   540  C  C   . GLU A 1 74 ? 8.226   -22.641 0.255   1.00 31.94 ? 74  GLU A C   1 
ATOM   541  O  O   . GLU A 1 74 ? 8.583   -21.706 0.963   1.00 41.64 ? 74  GLU A O   1 
ATOM   542  C  CB  . GLU A 1 74 ? 6.433   -23.958 1.217   1.00 33.60 ? 74  GLU A CB  1 
ATOM   543  C  CG  . GLU A 1 74 ? 5.914   -25.101 2.019   1.00 48.39 ? 74  GLU A CG  1 
ATOM   544  C  CD  . GLU A 1 74 ? 4.416   -25.013 2.202   1.00 47.60 ? 74  GLU A CD  1 
ATOM   545  O  OE1 . GLU A 1 74 ? 3.825   -23.958 1.877   1.00 41.75 ? 74  GLU A OE1 1 
ATOM   546  O  OE2 . GLU A 1 74 ? 3.825   -26.003 2.674   1.00 47.75 ? 74  GLU A OE2 1 
ATOM   547  N  N   . GLU A 1 75 ? 8.087   -22.530 -1.051  1.00 28.98 ? 75  GLU A N   1 
ATOM   548  C  CA  . GLU A 1 75 ? 8.315   -21.253 -1.700  1.00 29.87 ? 75  GLU A CA  1 
ATOM   549  C  C   . GLU A 1 75 ? 6.927   -20.671 -1.901  1.00 36.32 ? 75  GLU A C   1 
ATOM   550  O  O   . GLU A 1 75 ? 6.061   -21.312 -2.480  1.00 33.36 ? 75  GLU A O   1 
ATOM   551  C  CB  . GLU A 1 75 ? 9.022   -21.445 -3.042  1.00 37.44 ? 75  GLU A CB  1 
ATOM   552  C  CG  . GLU A 1 75 ? 9.233   -20.167 -3.843  1.00 52.90 ? 75  GLU A CG  1 
ATOM   553  C  CD  . GLU A 1 75 ? 10.215  -20.361 -4.985  1.00 49.34 ? 75  GLU A CD  1 
ATOM   554  O  OE1 . GLU A 1 75 ? 11.416  -20.504 -4.693  1.00 39.54 ? 75  GLU A OE1 1 
ATOM   555  O  OE2 . GLU A 1 75 ? 9.789   -20.378 -6.161  1.00 71.15 ? 75  GLU A OE2 1 
ATOM   556  N  N   . ARG A 1 76 ? 6.687   -19.472 -1.385  1.00 26.97 ? 76  ARG A N   1 
ATOM   557  C  CA  . ARG A 1 76 ? 5.374   -18.876 -1.562  1.00 28.13 ? 76  ARG A CA  1 
ATOM   558  C  C   . ARG A 1 76 ? 5.486   -17.454 -2.098  1.00 29.61 ? 76  ARG A C   1 
ATOM   559  O  O   . ARG A 1 76 ? 6.435   -16.708 -1.757  1.00 29.89 ? 76  ARG A O   1 
ATOM   560  C  CB  . ARG A 1 76 ? 4.554   -18.895 -0.244  1.00 29.04 ? 76  ARG A CB  1 
ATOM   561  C  CG  . ARG A 1 76 ? 3.936   -20.301 0.097   1.00 48.21 ? 76  ARG A CG  1 
ATOM   562  C  CD  . ARG A 1 76 ? 2.738   -20.263 1.060   1.00 57.93 ? 76  ARG A CD  1 
ATOM   563  N  NE  . ARG A 1 76 ? 1.442   -20.078 0.371   1.00 56.71 ? 76  ARG A NE  1 
ATOM   564  C  CZ  . ARG A 1 76 ? 1.133   -19.063 -0.450  1.00 63.05 ? 76  ARG A CZ  1 
ATOM   565  N  NH1 . ARG A 1 76 ? 1.982   -18.077 -0.729  1.00 51.60 ? 76  ARG A NH1 1 
ATOM   566  N  NH2 . ARG A 1 76 ? -0.046  -19.033 -1.040  1.00 58.15 ? 76  ARG A NH2 1 
ATOM   567  N  N   . THR A 1 77 ? 4.521   -17.084 -2.939  1.00 35.99 ? 77  THR A N   1 
ATOM   568  C  CA  . THR A 1 77 ? 4.438   -15.742 -3.504  1.00 41.72 ? 77  THR A CA  1 
ATOM   569  C  C   . THR A 1 77 ? 3.713   -14.844 -2.500  1.00 32.53 ? 77  THR A C   1 
ATOM   570  O  O   . THR A 1 77 ? 2.610   -15.146 -2.061  1.00 33.66 ? 77  THR A O   1 
ATOM   571  C  CB  . THR A 1 77 ? 3.669   -15.753 -4.853  1.00 40.18 ? 77  THR A CB  1 
ATOM   572  O  OG1 . THR A 1 77 ? 4.443   -16.467 -5.820  1.00 46.66 ? 77  THR A OG1 1 
ATOM   573  C  CG2 . THR A 1 77 ? 3.441   -14.323 -5.368  1.00 49.33 ? 77  THR A CG2 1 
ATOM   574  N  N   . ALA A 1 78 ? 4.339   -13.742 -2.124  1.00 26.66 ? 78  ALA A N   1 
ATOM   575  C  CA  . ALA A 1 78 ? 3.714   -12.851 -1.164  1.00 24.40 ? 78  ALA A CA  1 
ATOM   576  C  C   . ALA A 1 78 ? 3.753   -11.430 -1.657  1.00 25.60 ? 78  ALA A C   1 
ATOM   577  O  O   . ALA A 1 78 ? 4.313   -11.131 -2.707  1.00 27.64 ? 78  ALA A O   1 
ATOM   578  C  CB  . ALA A 1 78 ? 4.439   -12.933 0.167   1.00 27.47 ? 78  ALA A CB  1 
ATOM   579  N  N   . LEU A 1 79 ? 3.131   -10.554 -0.889  1.00 22.40 ? 79  LEU A N   1 
ATOM   580  C  CA  . LEU A 1 79 ? 3.181   -9.148  -1.220  1.00 20.41 ? 79  LEU A CA  1 
ATOM   581  C  C   . LEU A 1 79 ? 4.095   -8.536  -0.165  1.00 32.04 ? 79  LEU A C   1 
ATOM   582  O  O   . LEU A 1 79 ? 4.027   -8.894  1.027   1.00 27.19 ? 79  LEU A O   1 
ATOM   583  C  CB  . LEU A 1 79 ? 1.784   -8.521  -1.153  1.00 25.74 ? 79  LEU A CB  1 
ATOM   584  C  CG  . LEU A 1 79 ? 1.004   -8.685  -2.463  1.00 35.65 ? 79  LEU A CG  1 
ATOM   585  C  CD1 . LEU A 1 79 ? -0.454  -8.330  -2.243  1.00 36.19 ? 79  LEU A CD1 1 
ATOM   586  C  CD2 . LEU A 1 79 ? 1.623   -7.791  -3.556  1.00 27.98 ? 79  LEU A CD2 1 
ATOM   587  N  N   . LYS A 1 80 ? 4.988   -7.661  -0.601  1.00 21.99 ? 80  LYS A N   1 
ATOM   588  C  CA  . LYS A 1 80 ? 5.836   -6.987  0.345   1.00 25.00 ? 80  LYS A CA  1 
ATOM   589  C  C   . LYS A 1 80 ? 5.644   -5.485  0.170   1.00 23.48 ? 80  LYS A C   1 
ATOM   590  O  O   . LYS A 1 80 ? 5.461   -4.977  -0.945  1.00 27.49 ? 80  LYS A O   1 
ATOM   591  C  CB  . LYS A 1 80 ? 7.306   -7.393  0.183   1.00 29.91 ? 80  LYS A CB  1 
ATOM   592  C  CG  . LYS A 1 80 ? 7.921   -7.178  -1.181  1.00 39.70 ? 80  LYS A CG  1 
ATOM   593  C  CD  . LYS A 1 80 ? 9.445   -7.339  -1.111  1.00 31.23 ? 80  LYS A CD  1 
ATOM   594  C  CE  . LYS A 1 80 ? 10.103  -6.120  -0.481  1.00 45.25 ? 80  LYS A CE  1 
ATOM   595  N  NZ  . LYS A 1 80 ? 11.603  -6.205  -0.479  1.00 32.76 ? 80  LYS A NZ  1 
ATOM   596  N  N   . PHE A 1 81 ? 5.640   -4.780  1.294   1.00 21.78 ? 81  PHE A N   1 
ATOM   597  C  CA  . PHE A 1 81 ? 5.451   -3.355  1.285   1.00 21.15 ? 81  PHE A CA  1 
ATOM   598  C  C   . PHE A 1 81 ? 6.724   -2.741  1.799   1.00 24.85 ? 81  PHE A C   1 
ATOM   599  O  O   . PHE A 1 81 ? 7.076   -2.949  2.964   1.00 24.39 ? 81  PHE A O   1 
ATOM   600  C  CB  . PHE A 1 81 ? 4.294   -2.963  2.217   1.00 24.84 ? 81  PHE A CB  1 
ATOM   601  C  CG  . PHE A 1 81 ? 2.990   -3.594  1.862   1.00 28.31 ? 81  PHE A CG  1 
ATOM   602  C  CD1 . PHE A 1 81 ? 2.669   -4.872  2.332   1.00 32.14 ? 81  PHE A CD1 1 
ATOM   603  C  CD2 . PHE A 1 81 ? 2.071   -2.910  1.065   1.00 25.73 ? 81  PHE A CD2 1 
ATOM   604  C  CE1 . PHE A 1 81 ? 1.437   -5.463  2.012   1.00 36.20 ? 81  PHE A CE1 1 
ATOM   605  C  CE2 . PHE A 1 81 ? 0.838   -3.481  0.735   1.00 25.84 ? 81  PHE A CE2 1 
ATOM   606  C  CZ  . PHE A 1 81 ? 0.517   -4.758  1.210   1.00 33.67 ? 81  PHE A CZ  1 
ATOM   607  N  N   . SER A 1 82 ? 7.425   -2.008  0.936   1.00 21.70 ? 82  SER A N   1 
ATOM   608  C  CA  . SER A 1 82 ? 8.644   -1.325  1.362   1.00 18.50 ? 82  SER A CA  1 
ATOM   609  C  C   . SER A 1 82 ? 8.161   0.041   1.817   1.00 23.09 ? 82  SER A C   1 
ATOM   610  O  O   . SER A 1 82 ? 7.548   0.777   1.046   1.00 23.35 ? 82  SER A O   1 
ATOM   611  C  CB  . SER A 1 82 ? 9.619   -1.158  0.191   1.00 27.98 ? 82  SER A CB  1 
ATOM   612  O  OG  . SER A 1 82 ? 10.037  -2.414  -0.285  1.00 39.61 ? 82  SER A OG  1 
ATOM   613  N  N   . ILE A 1 83 ? 8.451   0.381   3.064   1.00 25.32 ? 83  ILE A N   1 
ATOM   614  C  CA  . ILE A 1 83 ? 7.999   1.644   3.638   1.00 16.63 ? 83  ILE A CA  1 
ATOM   615  C  C   . ILE A 1 83 ? 9.157   2.589   3.984   1.00 22.10 ? 83  ILE A C   1 
ATOM   616  O  O   . ILE A 1 83 ? 10.116  2.193   4.629   1.00 24.04 ? 83  ILE A O   1 
ATOM   617  C  CB  . ILE A 1 83 ? 7.200   1.359   4.915   1.00 20.83 ? 83  ILE A CB  1 
ATOM   618  C  CG1 . ILE A 1 83 ? 6.101   0.325   4.614   1.00 24.82 ? 83  ILE A CG1 1 
ATOM   619  C  CG2 . ILE A 1 83 ? 6.582   2.654   5.449   1.00 25.27 ? 83  ILE A CG2 1 
ATOM   620  C  CD1 . ILE A 1 83 ? 5.424   -0.200  5.819   1.00 24.26 ? 83  ILE A CD1 1 
ATOM   621  N  N   . LYS A 1 84 ? 9.063   3.843   3.576   1.00 23.33 ? 84  LYS A N   1 
ATOM   622  C  CA  . LYS A 1 84 ? 10.127  4.787   3.894   1.00 21.83 ? 84  LYS A CA  1 
ATOM   623  C  C   . LYS A 1 84 ? 9.562   6.015   4.570   1.00 23.43 ? 84  LYS A C   1 
ATOM   624  O  O   . LYS A 1 84 ? 8.466   6.439   4.276   1.00 23.37 ? 84  LYS A O   1 
ATOM   625  C  CB  . LYS A 1 84 ? 10.872  5.209   2.629   1.00 33.40 ? 84  LYS A CB  1 
ATOM   626  C  CG  . LYS A 1 84 ? 11.612  4.066   1.955   1.00 48.62 ? 84  LYS A CG  1 
ATOM   627  C  CD  . LYS A 1 84 ? 12.971  4.536   1.463   1.00 52.05 ? 84  LYS A CD  1 
ATOM   628  C  CE  . LYS A 1 84 ? 13.710  3.422   0.737   1.00 60.89 ? 84  LYS A CE  1 
ATOM   629  N  NZ  . LYS A 1 84 ? 14.826  3.974   -0.078  1.00 66.95 ? 84  LYS A NZ  1 
ATOM   630  N  N   . ALA A 1 85 ? 10.320  6.574   5.492   1.00 22.95 ? 85  ALA A N   1 
ATOM   631  C  CA  . ALA A 1 85 ? 9.887   7.768   6.200   1.00 27.85 ? 85  ALA A CA  1 
ATOM   632  C  C   . ALA A 1 85 ? 10.608  8.982   5.651   1.00 30.41 ? 85  ALA A C   1 
ATOM   633  O  O   . ALA A 1 85 ? 11.722  8.874   5.130   1.00 33.17 ? 85  ALA A O   1 
ATOM   634  C  CB  . ALA A 1 85 ? 10.207  7.640   7.671   1.00 27.18 ? 85  ALA A CB  1 
ATOM   635  N  N   . HIS A 1 86 ? 9.961   10.131  5.756   1.00 35.73 ? 86  HIS A N   1 
ATOM   636  C  CA  . HIS A 1 86 ? 10.596  11.378  5.363   1.00 36.80 ? 86  HIS A CA  1 
ATOM   637  C  C   . HIS A 1 86 ? 9.953   12.492  6.176   1.00 33.63 ? 86  HIS A C   1 
ATOM   638  O  O   . HIS A 1 86 ? 8.770   12.420  6.537   1.00 31.43 ? 86  HIS A O   1 
ATOM   639  C  CB  . HIS A 1 86 ? 10.483  11.629  3.855   1.00 47.43 ? 86  HIS A CB  1 
ATOM   640  C  CG  . HIS A 1 86 ? 9.145   12.125  3.407   1.00 52.30 ? 86  HIS A CG  1 
ATOM   641  N  ND1 . HIS A 1 86 ? 8.583   13.290  3.882   1.00 57.70 ? 86  HIS A ND1 1 
ATOM   642  C  CD2 . HIS A 1 86 ? 8.278   11.635  2.489   1.00 63.88 ? 86  HIS A CD2 1 
ATOM   643  C  CE1 . HIS A 1 86 ? 7.426   13.495  3.277   1.00 54.23 ? 86  HIS A CE1 1 
ATOM   644  N  NE2 . HIS A 1 86 ? 7.218   12.507  2.427   1.00 61.52 ? 86  HIS A NE2 1 
ATOM   645  N  N   . PRO A 1 87 ? 10.743  13.507  6.532   1.00 40.71 ? 87  PRO A N   1 
ATOM   646  C  CA  . PRO A 1 87 ? 10.218  14.622  7.315   1.00 30.45 ? 87  PRO A CA  1 
ATOM   647  C  C   . PRO A 1 87 ? 9.091   15.359  6.612   1.00 33.45 ? 87  PRO A C   1 
ATOM   648  O  O   . PRO A 1 87 ? 9.065   15.473  5.385   1.00 33.84 ? 87  PRO A O   1 
ATOM   649  C  CB  . PRO A 1 87 ? 11.448  15.503  7.510   1.00 45.64 ? 87  PRO A CB  1 
ATOM   650  C  CG  . PRO A 1 87 ? 12.544  14.498  7.619   1.00 50.95 ? 87  PRO A CG  1 
ATOM   651  C  CD  . PRO A 1 87 ? 12.217  13.540  6.500   1.00 43.59 ? 87  PRO A CD  1 
ATOM   652  N  N   . LEU A 1 88 ? 8.152   15.843  7.411   1.00 32.01 ? 88  LEU A N   1 
ATOM   653  C  CA  . LEU A 1 88 ? 7.025   16.604  6.909   1.00 42.20 ? 88  LEU A CA  1 
ATOM   654  C  C   . LEU A 1 88 ? 7.521   18.028  6.736   1.00 42.03 ? 88  LEU A C   1 
ATOM   655  O  O   . LEU A 1 88 ? 7.196   18.700  5.762   1.00 50.87 ? 88  LEU A O   1 
ATOM   656  C  CB  . LEU A 1 88 ? 5.874   16.590  7.918   1.00 44.84 ? 88  LEU A CB  1 
ATOM   657  C  CG  . LEU A 1 88 ? 5.032   15.319  8.079   1.00 41.55 ? 88  LEU A CG  1 
ATOM   658  C  CD1 . LEU A 1 88 ? 4.084   15.482  9.266   1.00 37.07 ? 88  LEU A CD1 1 
ATOM   659  C  CD2 . LEU A 1 88 ? 4.246   15.053  6.796   1.00 42.85 ? 88  LEU A CD2 1 
ATOM   660  N  N   . GLU A 1 89 ? 8.320   18.474  7.697   1.00 42.02 ? 89  GLU A N   1 
ATOM   661  C  CA  . GLU A 1 89 ? 8.866   19.828  7.692   1.00 45.23 ? 89  GLU A CA  1 
ATOM   662  C  C   . GLU A 1 89 ? 10.356  19.833  7.997   1.00 46.60 ? 89  GLU A C   1 
ATOM   663  O  O   . GLU A 1 89 ? 10.788  19.215  8.964   1.00 49.05 ? 89  GLU A O   1 
ATOM   664  C  CB  . GLU A 1 89 ? 8.159   20.674  8.762   1.00 35.01 ? 89  GLU A CB  1 
ATOM   665  C  CG  . GLU A 1 89 ? 6.810   21.223  8.364   1.00 50.69 ? 89  GLU A CG  1 
ATOM   666  C  CD  . GLU A 1 89 ? 6.949   22.277  7.295   1.00 62.06 ? 89  GLU A CD  1 
ATOM   667  O  OE1 . GLU A 1 89 ? 7.878   23.106  7.425   1.00 57.96 ? 89  GLU A OE1 1 
ATOM   668  O  OE2 . GLU A 1 89 ? 6.145   22.283  6.337   1.00 54.26 ? 89  GLU A OE2 1 
ATOM   669  N  N   . THR A 1 90 ? 11.137  20.526  7.170   1.00 57.54 ? 90  THR A N   1 
ATOM   670  C  CA  . THR A 1 90 ? 12.579  20.657  7.407   1.00 61.61 ? 90  THR A CA  1 
ATOM   671  C  C   . THR A 1 90 ? 13.008  22.070  7.045   1.00 64.18 ? 90  THR A C   1 
ATOM   672  O  O   . THR A 1 90 ? 12.196  22.770  6.410   1.00 60.24 ? 90  THR A O   1 
ATOM   673  C  CB  . THR A 1 90 ? 13.424  19.690  6.560   1.00 58.90 ? 90  THR A CB  1 
ATOM   674  O  OG1 . THR A 1 90 ? 13.212  19.966  5.170   1.00 61.22 ? 90  THR A OG1 1 
ATOM   675  C  CG2 . THR A 1 90 ? 13.075  18.252  6.876   1.00 55.05 ? 90  THR A CG2 1 
ATOM   676  N  N   . MET B 1 1  ? -7.558  14.365  -7.433  1.00 75.65 ? 1   MET B N   1 
ATOM   677  C  CA  . MET B 1 1  ? -7.109  13.150  -8.167  1.00 63.60 ? 1   MET B CA  1 
ATOM   678  C  C   . MET B 1 1  ? -8.249  12.428  -8.880  1.00 57.26 ? 1   MET B C   1 
ATOM   679  O  O   . MET B 1 1  ? -9.417  12.515  -8.493  1.00 56.91 ? 1   MET B O   1 
ATOM   680  C  CB  . MET B 1 1  ? -6.449  12.148  -7.209  1.00 65.94 ? 1   MET B CB  1 
ATOM   681  C  CG  . MET B 1 1  ? -5.091  12.529  -6.663  1.00 65.24 ? 1   MET B CG  1 
ATOM   682  S  SD  . MET B 1 1  ? -4.441  11.135  -5.707  1.00 76.15 ? 1   MET B SD  1 
ATOM   683  C  CE  . MET B 1 1  ? -2.849  11.713  -5.204  1.00 62.88 ? 1   MET B CE  1 
ATOM   684  N  N   . GLU B 1 2  ? -7.889  11.716  -9.937  1.00 56.87 ? 2   GLU B N   1 
ATOM   685  C  CA  . GLU B 1 2  ? -8.846  10.914  -10.675 1.00 39.97 ? 2   GLU B CA  1 
ATOM   686  C  C   . GLU B 1 2  ? -9.013  9.745   -9.726  1.00 43.94 ? 2   GLU B C   1 
ATOM   687  O  O   . GLU B 1 2  ? -8.100  9.455   -8.949  1.00 35.41 ? 2   GLU B O   1 
ATOM   688  C  CB  . GLU B 1 2  ? -8.235  10.425  -11.982 1.00 37.52 ? 2   GLU B CB  1 
ATOM   689  C  CG  . GLU B 1 2  ? -7.996  11.512  -13.011 1.00 48.19 ? 2   GLU B CG  1 
ATOM   690  C  CD  . GLU B 1 2  ? -9.269  11.963  -13.680 1.00 58.26 ? 2   GLU B CD  1 
ATOM   691  O  OE1 . GLU B 1 2  ? -10.141 11.100  -13.883 1.00 58.79 ? 2   GLU B OE1 1 
ATOM   692  O  OE2 . GLU B 1 2  ? -9.387  13.163  -14.016 1.00 66.56 ? 2   GLU B OE2 1 
ATOM   693  N  N   . THR B 1 3  ? -10.151 9.065   -9.784  1.00 32.00 ? 3   THR B N   1 
ATOM   694  C  CA  . THR B 1 3  ? -10.377 7.958   -8.864  1.00 36.80 ? 3   THR B CA  1 
ATOM   695  C  C   . THR B 1 3  ? -10.808 6.662   -9.516  1.00 37.46 ? 3   THR B C   1 
ATOM   696  O  O   . THR B 1 3  ? -11.601 6.659   -10.449 1.00 36.16 ? 3   THR B O   1 
ATOM   697  C  CB  . THR B 1 3  ? -11.441 8.337   -7.801  1.00 48.44 ? 3   THR B CB  1 
ATOM   698  O  OG1 . THR B 1 3  ? -11.067 9.567   -7.172  1.00 52.62 ? 3   THR B OG1 1 
ATOM   699  C  CG2 . THR B 1 3  ? -11.562 7.247   -6.726  1.00 45.93 ? 3   THR B CG2 1 
ATOM   700  N  N   . LEU B 1 4  ? -10.255 5.563   -9.018  1.00 31.40 ? 4   LEU B N   1 
ATOM   701  C  CA  . LEU B 1 4  ? -10.588 4.223   -9.499  1.00 23.38 ? 4   LEU B CA  1 
ATOM   702  C  C   . LEU B 1 4  ? -11.105 3.459   -8.289  1.00 28.97 ? 4   LEU B C   1 
ATOM   703  O  O   . LEU B 1 4  ? -10.439 3.421   -7.252  1.00 31.48 ? 4   LEU B O   1 
ATOM   704  C  CB  . LEU B 1 4  ? -9.339  3.524   -10.053 1.00 26.49 ? 4   LEU B CB  1 
ATOM   705  C  CG  . LEU B 1 4  ? -8.691  4.250   -11.243 1.00 42.77 ? 4   LEU B CG  1 
ATOM   706  C  CD1 . LEU B 1 4  ? -7.428  3.515   -11.693 1.00 32.90 ? 4   LEU B CD1 1 
ATOM   707  C  CD2 . LEU B 1 4  ? -9.700  4.336   -12.392 1.00 43.71 ? 4   LEU B CD2 1 
ATOM   708  N  N   . ARG B 1 5  ? -12.294 2.880   -8.399  1.00 26.23 ? 5   ARG B N   1 
ATOM   709  C  CA  . ARG B 1 5  ? -12.854 2.101   -7.294  1.00 29.25 ? 5   ARG B CA  1 
ATOM   710  C  C   . ARG B 1 5  ? -12.750 0.625   -7.634  1.00 37.74 ? 5   ARG B C   1 
ATOM   711  O  O   . ARG B 1 5  ? -13.338 0.154   -8.607  1.00 39.30 ? 5   ARG B O   1 
ATOM   712  C  CB  . ARG B 1 5  ? -14.315 2.467   -7.029  1.00 35.84 ? 5   ARG B CB  1 
ATOM   713  C  CG  . ARG B 1 5  ? -14.897 1.680   -5.846  1.00 47.38 ? 5   ARG B CG  1 
ATOM   714  C  CD  . ARG B 1 5  ? -16.203 2.258   -5.368  1.00 59.69 ? 5   ARG B CD  1 
ATOM   715  N  NE  . ARG B 1 5  ? -16.044 3.610   -4.842  1.00 61.49 ? 5   ARG B NE  1 
ATOM   716  C  CZ  . ARG B 1 5  ? -17.049 4.332   -4.359  1.00 66.51 ? 5   ARG B CZ  1 
ATOM   717  N  NH1 . ARG B 1 5  ? -18.271 3.820   -4.342  1.00 63.91 ? 5   ARG B NH1 1 
ATOM   718  N  NH2 . ARG B 1 5  ? -16.837 5.559   -3.897  1.00 64.94 ? 5   ARG B NH2 1 
ATOM   719  N  N   . VAL B 1 6  ? -12.007 -0.103  -6.807  1.00 20.90 ? 6   VAL B N   1 
ATOM   720  C  CA  . VAL B 1 6  ? -11.753 -1.525  -7.024  1.00 27.82 ? 6   VAL B CA  1 
ATOM   721  C  C   . VAL B 1 6  ? -12.724 -2.409  -6.279  1.00 35.18 ? 6   VAL B C   1 
ATOM   722  O  O   . VAL B 1 6  ? -13.049 -2.148  -5.117  1.00 31.91 ? 6   VAL B O   1 
ATOM   723  C  CB  . VAL B 1 6  ? -10.332 -1.924  -6.547  1.00 30.02 ? 6   VAL B CB  1 
ATOM   724  C  CG1 . VAL B 1 6  ? -10.123 -3.418  -6.718  1.00 32.95 ? 6   VAL B CG1 1 
ATOM   725  C  CG2 . VAL B 1 6  ? -9.294  -1.159  -7.322  1.00 35.03 ? 6   VAL B CG2 1 
ATOM   726  N  N   . SER B 1 7  ? -13.153 -3.469  -6.954  1.00 33.49 ? 7   SER B N   1 
ATOM   727  C  CA  . SER B 1 7  ? -14.077 -4.417  -6.372  1.00 35.42 ? 7   SER B CA  1 
ATOM   728  C  C   . SER B 1 7  ? -13.386 -5.729  -6.091  1.00 26.84 ? 7   SER B C   1 
ATOM   729  O  O   . SER B 1 7  ? -12.293 -5.997  -6.593  1.00 28.76 ? 7   SER B O   1 
ATOM   730  C  CB  . SER B 1 7  ? -15.250 -4.670  -7.314  1.00 49.33 ? 7   SER B CB  1 
ATOM   731  O  OG  . SER B 1 7  ? -15.983 -5.795  -6.872  1.00 62.36 ? 7   SER B OG  1 
ATOM   732  N  N   . SER B 1 8  ? -14.052 -6.544  -5.281  1.00 28.68 ? 8   SER B N   1 
ATOM   733  C  CA  . SER B 1 8  ? -13.573 -7.856  -4.890  1.00 35.39 ? 8   SER B CA  1 
ATOM   734  C  C   . SER B 1 8  ? -13.414 -8.738  -6.122  1.00 37.05 ? 8   SER B C   1 
ATOM   735  O  O   . SER B 1 8  ? -12.717 -9.750  -6.082  1.00 40.61 ? 8   SER B O   1 
ATOM   736  C  CB  . SER B 1 8  ? -14.584 -8.516  -3.959  1.00 42.87 ? 8   SER B CB  1 
ATOM   737  O  OG  . SER B 1 8  ? -15.774 -8.799  -4.670  1.00 46.68 ? 8   SER B OG  1 
ATOM   738  N  N   . LYS B 1 9  ? -14.059 -8.358  -7.218  1.00 32.76 ? 9   LYS B N   1 
ATOM   739  C  CA  . LYS B 1 9  ? -13.968 -9.158  -8.430  1.00 39.85 ? 9   LYS B CA  1 
ATOM   740  C  C   . LYS B 1 9  ? -13.135 -8.523  -9.533  1.00 39.68 ? 9   LYS B C   1 
ATOM   741  O  O   . LYS B 1 9  ? -13.021 -9.069  -10.621 1.00 43.41 ? 9   LYS B O   1 
ATOM   742  C  CB  . LYS B 1 9  ? -15.377 -9.492  -8.924  1.00 47.37 ? 9   LYS B CB  1 
ATOM   743  C  CG  . LYS B 1 9  ? -16.247 -10.214 -7.870  1.00 53.51 ? 9   LYS B CG  1 
ATOM   744  C  CD  . LYS B 1 9  ? -17.505 -10.856 -8.484  1.00 50.76 ? 9   LYS B CD  1 
ATOM   745  C  CE  . LYS B 1 9  ? -18.461 -9.828  -9.060  1.00 58.23 ? 9   LYS B CE  1 
ATOM   746  N  NZ  . LYS B 1 9  ? -19.054 -8.972  -7.994  1.00 67.56 ? 9   LYS B NZ  1 
ATOM   747  N  N   . SER B 1 10 ? -12.539 -7.372  -9.242  1.00 32.59 ? 10  SER B N   1 
ATOM   748  C  CA  . SER B 1 10 ? -11.699 -6.679  -10.216 1.00 28.59 ? 10  SER B CA  1 
ATOM   749  C  C   . SER B 1 10 ? -10.507 -7.546  -10.605 1.00 37.17 ? 10  SER B C   1 
ATOM   750  O  O   . SER B 1 10 ? -10.011 -8.319  -9.791  1.00 37.42 ? 10  SER B O   1 
ATOM   751  C  CB  . SER B 1 10 ? -11.169 -5.363  -9.622  1.00 25.21 ? 10  SER B CB  1 
ATOM   752  O  OG  . SER B 1 10 ? -12.217 -4.432  -9.429  1.00 39.79 ? 10  SER B OG  1 
ATOM   753  N  N   . ARG B 1 11 ? -10.062 -7.427  -11.856 1.00 28.74 ? 11  ARG B N   1 
ATOM   754  C  CA  . ARG B 1 11 ? -8.900  -8.153  -12.341 1.00 29.90 ? 11  ARG B CA  1 
ATOM   755  C  C   . ARG B 1 11 ? -7.732  -7.195  -12.137 1.00 33.65 ? 11  ARG B C   1 
ATOM   756  O  O   . ARG B 1 11 ? -7.684  -6.137  -12.768 1.00 38.27 ? 11  ARG B O   1 
ATOM   757  C  CB  . ARG B 1 11 ? -9.020  -8.451  -13.833 1.00 33.56 ? 11  ARG B CB  1 
ATOM   758  C  CG  . ARG B 1 11 ? -10.087 -9.434  -14.201 1.00 46.39 ? 11  ARG B CG  1 
ATOM   759  C  CD  . ARG B 1 11 ? -10.377 -9.341  -15.684 1.00 46.30 ? 11  ARG B CD  1 
ATOM   760  N  NE  . ARG B 1 11 ? -10.904 -8.026  -16.036 1.00 57.12 ? 11  ARG B NE  1 
ATOM   761  C  CZ  . ARG B 1 11 ? -11.297 -7.682  -17.258 1.00 60.30 ? 11  ARG B CZ  1 
ATOM   762  N  NH1 . ARG B 1 11 ? -11.217 -8.561  -18.252 1.00 46.61 ? 11  ARG B NH1 1 
ATOM   763  N  NH2 . ARG B 1 11 ? -11.776 -6.466  -17.484 1.00 62.81 ? 11  ARG B NH2 1 
ATOM   764  N  N   . PRO B 1 12 ? -6.778  -7.547  -11.253 1.00 30.25 ? 12  PRO B N   1 
ATOM   765  C  CA  . PRO B 1 12 ? -5.613  -6.698  -10.975 1.00 35.88 ? 12  PRO B CA  1 
ATOM   766  C  C   . PRO B 1 12 ? -4.911  -6.167  -12.226 1.00 30.69 ? 12  PRO B C   1 
ATOM   767  O  O   . PRO B 1 12 ? -4.537  -5.003  -12.305 1.00 31.99 ? 12  PRO B O   1 
ATOM   768  C  CB  . PRO B 1 12 ? -4.698  -7.618  -10.163 1.00 31.60 ? 12  PRO B CB  1 
ATOM   769  C  CG  . PRO B 1 12 ? -5.680  -8.425  -9.359  1.00 40.85 ? 12  PRO B CG  1 
ATOM   770  C  CD  . PRO B 1 12 ? -6.765  -8.755  -10.406 1.00 30.45 ? 12  PRO B CD  1 
ATOM   771  N  N   . ASN B 1 13 ? -4.717  -7.045  -13.198 1.00 33.98 ? 13  ASN B N   1 
ATOM   772  C  CA  . ASN B 1 13 ? -4.029  -6.659  -14.412 1.00 28.77 ? 13  ASN B CA  1 
ATOM   773  C  C   . ASN B 1 13 ? -4.695  -5.513  -15.184 1.00 39.09 ? 13  ASN B C   1 
ATOM   774  O  O   . ASN B 1 13 ? -4.006  -4.652  -15.724 1.00 39.64 ? 13  ASN B O   1 
ATOM   775  C  CB  . ASN B 1 13 ? -3.848  -7.883  -15.307 1.00 48.74 ? 13  ASN B CB  1 
ATOM   776  C  CG  . ASN B 1 13 ? -2.902  -7.622  -16.453 1.00 61.81 ? 13  ASN B CG  1 
ATOM   777  O  OD1 . ASN B 1 13 ? -1.860  -6.986  -16.277 1.00 63.36 ? 13  ASN B OD1 1 
ATOM   778  N  ND2 . ASN B 1 13 ? -3.250  -8.122  -17.637 1.00 60.71 ? 13  ASN B ND2 1 
ATOM   779  N  N   . SER B 1 14 ? -6.026  -5.490  -15.223 1.00 31.95 ? 14  SER B N   1 
ATOM   780  C  CA  . SER B 1 14 ? -6.767  -4.422  -15.922 1.00 33.37 ? 14  SER B CA  1 
ATOM   781  C  C   . SER B 1 14 ? -6.703  -3.115  -15.145 1.00 38.38 ? 14  SER B C   1 
ATOM   782  O  O   . SER B 1 14 ? -6.514  -2.042  -15.718 1.00 37.34 ? 14  SER B O   1 
ATOM   783  C  CB  . SER B 1 14 ? -8.234  -4.820  -16.087 1.00 47.75 ? 14  SER B CB  1 
ATOM   784  O  OG  . SER B 1 14 ? -8.339  -6.009  -16.843 1.00 55.95 ? 14  SER B OG  1 
ATOM   785  N  N   . VAL B 1 15 ? -6.880  -3.205  -13.832 1.00 32.15 ? 15  VAL B N   1 
ATOM   786  C  CA  . VAL B 1 15 ? -6.821  -2.014  -12.991 1.00 24.97 ? 15  VAL B CA  1 
ATOM   787  C  C   . VAL B 1 15 ? -5.423  -1.416  -13.072 1.00 24.27 ? 15  VAL B C   1 
ATOM   788  O  O   . VAL B 1 15 ? -5.243  -0.199  -13.064 1.00 29.83 ? 15  VAL B O   1 
ATOM   789  C  CB  . VAL B 1 15 ? -7.168  -2.359  -11.517 1.00 29.33 ? 15  VAL B CB  1 
ATOM   790  C  CG1 . VAL B 1 15 ? -6.978  -1.136  -10.628 1.00 25.20 ? 15  VAL B CG1 1 
ATOM   791  C  CG2 . VAL B 1 15 ? -8.623  -2.860  -11.432 1.00 37.99 ? 15  VAL B CG2 1 
ATOM   792  N  N   . ALA B 1 16 ? -4.421  -2.277  -13.176 1.00 29.72 ? 16  ALA B N   1 
ATOM   793  C  CA  . ALA B 1 16 ? -3.037  -1.805  -13.256 1.00 25.82 ? 16  ALA B CA  1 
ATOM   794  C  C   . ALA B 1 16 ? -2.805  -0.954  -14.497 1.00 24.12 ? 16  ALA B C   1 
ATOM   795  O  O   . ALA B 1 16 ? -2.034  0.009   -14.461 1.00 31.61 ? 16  ALA B O   1 
ATOM   796  C  CB  . ALA B 1 16 ? -2.090  -2.985  -13.259 1.00 29.96 ? 16  ALA B CB  1 
ATOM   797  N  N   . GLY B 1 17 ? -3.449  -1.329  -15.595 1.00 32.87 ? 17  GLY B N   1 
ATOM   798  C  CA  . GLY B 1 17 ? -3.312  -0.579  -16.839 1.00 28.74 ? 17  GLY B CA  1 
ATOM   799  C  C   . GLY B 1 17 ? -3.955  0.780   -16.675 1.00 31.60 ? 17  GLY B C   1 
ATOM   800  O  O   . GLY B 1 17 ? -3.450  1.783   -17.179 1.00 36.57 ? 17  GLY B O   1 
ATOM   801  N  N   . ALA B 1 18 ? -5.077  0.823   -15.965 1.00 29.45 ? 18  ALA B N   1 
ATOM   802  C  CA  . ALA B 1 18 ? -5.776  2.091   -15.723 1.00 23.37 ? 18  ALA B CA  1 
ATOM   803  C  C   . ALA B 1 18 ? -4.904  2.985   -14.856 1.00 35.35 ? 18  ALA B C   1 
ATOM   804  O  O   . ALA B 1 18 ? -4.775  4.189   -15.097 1.00 29.16 ? 18  ALA B O   1 
ATOM   805  C  CB  . ALA B 1 18 ? -7.110  1.831   -15.029 1.00 32.40 ? 18  ALA B CB  1 
ATOM   806  N  N   . ILE B 1 19 ? -4.296  2.385   -13.838 1.00 31.37 ? 19  ILE B N   1 
ATOM   807  C  CA  . ILE B 1 19 ? -3.422  3.129   -12.946 1.00 31.37 ? 19  ILE B CA  1 
ATOM   808  C  C   . ILE B 1 19 ? -2.215  3.693   -13.708 1.00 30.06 ? 19  ILE B C   1 
ATOM   809  O  O   . ILE B 1 19 ? -1.909  4.880   -13.620 1.00 30.94 ? 19  ILE B O   1 
ATOM   810  C  CB  . ILE B 1 19 ? -2.902  2.229   -11.798 1.00 27.14 ? 19  ILE B CB  1 
ATOM   811  C  CG1 . ILE B 1 19 ? -4.039  1.933   -10.807 1.00 25.18 ? 19  ILE B CG1 1 
ATOM   812  C  CG2 . ILE B 1 19 ? -1.734  2.918   -11.101 1.00 25.22 ? 19  ILE B CG2 1 
ATOM   813  C  CD1 . ILE B 1 19 ? -3.738  0.776   -9.860  1.00 29.56 ? 19  ILE B CD1 1 
ATOM   814  N  N   . ALA B 1 20 ? -1.527  2.832   -14.447 1.00 31.07 ? 20  ALA B N   1 
ATOM   815  C  CA  . ALA B 1 20 ? -0.351  3.266   -15.198 1.00 39.24 ? 20  ALA B CA  1 
ATOM   816  C  C   . ALA B 1 20 ? -0.666  4.392   -16.190 1.00 42.72 ? 20  ALA B C   1 
ATOM   817  O  O   . ALA B 1 20 ? 0.083   5.364   -16.298 1.00 43.20 ? 20  ALA B O   1 
ATOM   818  C  CB  . ALA B 1 20 ? 0.278   2.075   -15.922 1.00 36.59 ? 20  ALA B CB  1 
ATOM   819  N  N   . ALA B 1 21 ? -1.779  4.262   -16.905 1.00 39.85 ? 21  ALA B N   1 
ATOM   820  C  CA  . ALA B 1 21 ? -2.193  5.276   -17.873 1.00 42.48 ? 21  ALA B CA  1 
ATOM   821  C  C   . ALA B 1 21 ? -2.357  6.634   -17.181 1.00 47.49 ? 21  ALA B C   1 
ATOM   822  O  O   . ALA B 1 21 ? -1.874  7.660   -17.660 1.00 40.60 ? 21  ALA B O   1 
ATOM   823  C  CB  . ALA B 1 21 ? -3.504  4.849   -18.541 1.00 39.79 ? 21  ALA B CB  1 
ATOM   824  N  N   . MET B 1 22 ? -3.025  6.631   -16.032 1.00 35.69 ? 22  MET B N   1 
ATOM   825  C  CA  . MET B 1 22 ? -3.238  7.867   -15.284 1.00 35.20 ? 22  MET B CA  1 
ATOM   826  C  C   . MET B 1 22 ? -1.930  8.492   -14.767 1.00 40.25 ? 22  MET B C   1 
ATOM   827  O  O   . MET B 1 22 ? -1.721  9.701   -14.878 1.00 35.15 ? 22  MET B O   1 
ATOM   828  C  CB  . MET B 1 22 ? -4.171  7.601   -14.099 1.00 37.20 ? 22  MET B CB  1 
ATOM   829  C  CG  . MET B 1 22 ? -5.510  6.991   -14.467 1.00 49.42 ? 22  MET B CG  1 
ATOM   830  S  SD  . MET B 1 22 ? -6.417  8.090   -15.534 1.00 74.48 ? 22  MET B SD  1 
ATOM   831  C  CE  . MET B 1 22 ? -6.378  9.505   -14.562 1.00 70.96 ? 22  MET B CE  1 
ATOM   832  N  N   . LEU B 1 23 ? -1.058  7.670   -14.185 1.00 34.26 ? 23  LEU B N   1 
ATOM   833  C  CA  . LEU B 1 23 ? 0.209   8.175   -13.647 1.00 30.51 ? 23  LEU B CA  1 
ATOM   834  C  C   . LEU B 1 23 ? 1.096   8.812   -14.699 1.00 38.25 ? 23  LEU B C   1 
ATOM   835  O  O   . LEU B 1 23 ? 1.850   9.738   -14.407 1.00 38.23 ? 23  LEU B O   1 
ATOM   836  C  CB  . LEU B 1 23 ? 1.001   7.053   -12.999 1.00 32.37 ? 23  LEU B CB  1 
ATOM   837  C  CG  . LEU B 1 23 ? 0.422   6.546   -11.681 1.00 36.50 ? 23  LEU B CG  1 
ATOM   838  C  CD1 . LEU B 1 23 ? 1.292   5.377   -11.185 1.00 32.59 ? 23  LEU B CD1 1 
ATOM   839  C  CD2 . LEU B 1 23 ? 0.397   7.677   -10.672 1.00 27.29 ? 23  LEU B CD2 1 
ATOM   840  N  N   . ARG B 1 24 ? 1.027   8.267   -15.910 1.00 45.84 ? 24  ARG B N   1 
ATOM   841  C  CA  . ARG B 1 24 ? 1.823   8.759   -17.032 1.00 50.93 ? 24  ARG B CA  1 
ATOM   842  C  C   . ARG B 1 24 ? 1.281   10.087  -17.520 1.00 51.76 ? 24  ARG B C   1 
ATOM   843  O  O   . ARG B 1 24 ? 2.046   10.989  -17.871 1.00 59.36 ? 24  ARG B O   1 
ATOM   844  C  CB  . ARG B 1 24 ? 1.814   7.768   -18.214 1.00 39.45 ? 24  ARG B CB  1 
ATOM   845  C  CG  . ARG B 1 24 ? 2.774   6.607   -18.091 1.00 49.39 ? 24  ARG B CG  1 
ATOM   846  C  CD  . ARG B 1 24 ? 2.888   5.884   -19.410 1.00 59.72 ? 24  ARG B CD  1 
ATOM   847  N  NE  . ARG B 1 24 ? 1.573   5.545   -19.914 1.00 71.49 ? 24  ARG B NE  1 
ATOM   848  C  CZ  . ARG B 1 24 ? 1.300   4.415   -20.547 1.00 73.58 ? 24  ARG B CZ  1 
ATOM   849  N  NH1 . ARG B 1 24 ? 2.255   3.520   -20.759 1.00 67.50 ? 24  ARG B NH1 1 
ATOM   850  N  NH2 . ARG B 1 24 ? 0.067   4.175   -20.952 1.00 69.41 ? 24  ARG B NH2 1 
ATOM   851  N  N   . THR B 1 25 ? -0.043  10.203  -17.535 1.00 50.74 ? 25  THR B N   1 
ATOM   852  C  CA  . THR B 1 25 ? -0.691  11.410  -18.020 1.00 52.31 ? 25  THR B CA  1 
ATOM   853  C  C   . THR B 1 25 ? -0.892  12.491  -16.968 1.00 61.71 ? 25  THR B C   1 
ATOM   854  O  O   . THR B 1 25 ? -0.586  13.655  -17.219 1.00 58.56 ? 25  THR B O   1 
ATOM   855  C  CB  . THR B 1 25 ? -2.051  11.066  -18.666 1.00 49.82 ? 25  THR B CB  1 
ATOM   856  O  OG1 . THR B 1 25 ? -2.976  10.657  -17.652 1.00 65.65 ? 25  THR B OG1 1 
ATOM   857  C  CG2 . THR B 1 25 ? -1.890  9.929   -19.662 1.00 50.81 ? 25  THR B CG2 1 
ATOM   858  N  N   . LYS B 1 26 ? -1.407  12.119  -15.799 1.00 55.52 ? 26  LYS B N   1 
ATOM   859  C  CA  . LYS B 1 26 ? -1.637  13.098  -14.735 1.00 43.02 ? 26  LYS B CA  1 
ATOM   860  C  C   . LYS B 1 26 ? -0.581  13.032  -13.644 1.00 39.08 ? 26  LYS B C   1 
ATOM   861  O  O   . LYS B 1 26 ? -0.411  13.980  -12.872 1.00 44.69 ? 26  LYS B O   1 
ATOM   862  C  CB  . LYS B 1 26 ? -2.991  12.866  -14.087 1.00 41.44 ? 26  LYS B CB  1 
ATOM   863  C  CG  . LYS B 1 26 ? -4.098  12.609  -15.071 1.00 54.93 ? 26  LYS B CG  1 
ATOM   864  C  CD  . LYS B 1 26 ? -5.369  12.313  -14.298 1.00 58.11 ? 26  LYS B CD  1 
ATOM   865  N  N   . GLY B 1 27 ? 0.104   11.895  -13.561 1.00 39.84 ? 27  GLY B N   1 
ATOM   866  C  CA  . GLY B 1 27 ? 1.137   11.725  -12.560 1.00 34.39 ? 27  GLY B CA  1 
ATOM   867  C  C   . GLY B 1 27 ? 0.621   11.391  -11.169 1.00 34.33 ? 27  GLY B C   1 
ATOM   868  O  O   . GLY B 1 27 ? 1.390   11.413  -10.222 1.00 30.44 ? 27  GLY B O   1 
ATOM   869  N  N   . GLU B 1 28 ? -0.671  11.108  -11.041 1.00 29.47 ? 28  GLU B N   1 
ATOM   870  C  CA  . GLU B 1 28 ? -1.259  10.759  -9.747  1.00 33.41 ? 28  GLU B CA  1 
ATOM   871  C  C   . GLU B 1 28 ? -2.645  10.178  -9.947  1.00 29.48 ? 28  GLU B C   1 
ATOM   872  O  O   . GLU B 1 28 ? -3.323  10.488  -10.928 1.00 34.14 ? 28  GLU B O   1 
ATOM   873  C  CB  . GLU B 1 28 ? -1.343  11.985  -8.827  1.00 40.21 ? 28  GLU B CB  1 
ATOM   874  C  CG  . GLU B 1 28 ? -1.988  13.214  -9.453  1.00 47.88 ? 28  GLU B CG  1 
ATOM   875  C  CD  . GLU B 1 28 ? -2.230  14.321  -8.441  1.00 55.42 ? 28  GLU B CD  1 
ATOM   876  O  OE1 . GLU B 1 28 ? -1.292  14.652  -7.686  1.00 70.06 ? 28  GLU B OE1 1 
ATOM   877  O  OE2 . GLU B 1 28 ? -3.357  14.865  -8.406  1.00 67.54 ? 28  GLU B OE2 1 
ATOM   878  N  N   . VAL B 1 29 ? -3.057  9.310   -9.030  1.00 25.92 ? 29  VAL B N   1 
ATOM   879  C  CA  . VAL B 1 29 ? -4.377  8.699   -9.122  1.00 24.13 ? 29  VAL B CA  1 
ATOM   880  C  C   . VAL B 1 29 ? -4.731  8.184   -7.740  1.00 32.88 ? 29  VAL B C   1 
ATOM   881  O  O   . VAL B 1 29 ? -3.837  7.949   -6.917  1.00 26.38 ? 29  VAL B O   1 
ATOM   882  C  CB  . VAL B 1 29 ? -4.398  7.511   -10.145 1.00 29.61 ? 29  VAL B CB  1 
ATOM   883  C  CG1 . VAL B 1 29 ? -3.394  6.460   -9.757  1.00 33.07 ? 29  VAL B CG1 1 
ATOM   884  C  CG2 . VAL B 1 29 ? -5.782  6.876   -10.201 1.00 31.75 ? 29  VAL B CG2 1 
ATOM   885  N  N   . GLU B 1 30 ? -6.026  8.039   -7.482  1.00 22.25 ? 30  GLU B N   1 
ATOM   886  C  CA  . GLU B 1 30 ? -6.470  7.521   -6.197  1.00 22.99 ? 30  GLU B CA  1 
ATOM   887  C  C   . GLU B 1 30 ? -7.233  6.231   -6.405  1.00 26.97 ? 30  GLU B C   1 
ATOM   888  O  O   . GLU B 1 30 ? -8.105  6.153   -7.263  1.00 31.30 ? 30  GLU B O   1 
ATOM   889  C  CB  . GLU B 1 30 ? -7.377  8.533   -5.495  1.00 27.30 ? 30  GLU B CB  1 
ATOM   890  C  CG  . GLU B 1 30 ? -7.890  8.029   -4.190  1.00 42.09 ? 30  GLU B CG  1 
ATOM   891  C  CD  . GLU B 1 30 ? -8.901  8.969   -3.571  1.00 48.21 ? 30  GLU B CD  1 
ATOM   892  O  OE1 . GLU B 1 30 ? -8.638  10.188  -3.564  1.00 59.30 ? 30  GLU B OE1 1 
ATOM   893  O  OE2 . GLU B 1 30 ? -9.949  8.489   -3.091  1.00 50.70 ? 30  GLU B OE2 1 
ATOM   894  N  N   . VAL B 1 31 ? -6.922  5.215   -5.613  1.00 25.34 ? 31  VAL B N   1 
ATOM   895  C  CA  . VAL B 1 31 ? -7.629  3.953   -5.743  1.00 20.66 ? 31  VAL B CA  1 
ATOM   896  C  C   . VAL B 1 31 ? -8.427  3.715   -4.460  1.00 26.24 ? 31  VAL B C   1 
ATOM   897  O  O   . VAL B 1 31 ? -7.863  3.810   -3.364  1.00 21.92 ? 31  VAL B O   1 
ATOM   898  C  CB  . VAL B 1 31 ? -6.633  2.797   -5.966  1.00 23.84 ? 31  VAL B CB  1 
ATOM   899  C  CG1 . VAL B 1 31 ? -7.369  1.467   -6.004  1.00 24.80 ? 31  VAL B CG1 1 
ATOM   900  C  CG2 . VAL B 1 31 ? -5.897  3.024   -7.271  1.00 32.97 ? 31  VAL B CG2 1 
ATOM   901  N  N   . GLN B 1 32 ? -9.725  3.431   -4.585  1.00 20.71 ? 32  GLN B N   1 
ATOM   902  C  CA  . GLN B 1 32 ? -10.563 3.180   -3.392  1.00 23.51 ? 32  GLN B CA  1 
ATOM   903  C  C   . GLN B 1 32 ? -10.974 1.715   -3.310  1.00 26.28 ? 32  GLN B C   1 
ATOM   904  O  O   . GLN B 1 32 ? -11.249 1.085   -4.342  1.00 26.01 ? 32  GLN B O   1 
ATOM   905  C  CB  . GLN B 1 32 ? -11.839 4.019   -3.408  1.00 25.13 ? 32  GLN B CB  1 
ATOM   906  C  CG  . GLN B 1 32 ? -11.624 5.528   -3.389  1.00 30.19 ? 32  GLN B CG  1 
ATOM   907  C  CD  . GLN B 1 32 ? -12.925 6.278   -3.493  1.00 31.38 ? 32  GLN B CD  1 
ATOM   908  O  OE1 . GLN B 1 32 ? -13.923 5.742   -3.985  1.00 37.11 ? 32  GLN B OE1 1 
ATOM   909  N  NE2 . GLN B 1 32 ? -12.928 7.529   -3.043  1.00 37.88 ? 32  GLN B NE2 1 
ATOM   910  N  N   . ALA B 1 33 ? -11.022 1.170   -2.094  1.00 20.31 ? 33  ALA B N   1 
ATOM   911  C  CA  . ALA B 1 33 ? -11.403 -0.236  -1.936  1.00 21.94 ? 33  ALA B CA  1 
ATOM   912  C  C   . ALA B 1 33 ? -12.139 -0.379  -0.606  1.00 32.57 ? 33  ALA B C   1 
ATOM   913  O  O   . ALA B 1 33 ? -11.682 0.133   0.401   1.00 28.24 ? 33  ALA B O   1 
ATOM   914  C  CB  . ALA B 1 33 ? -10.159 -1.113  -1.949  1.00 23.69 ? 33  ALA B CB  1 
ATOM   915  N  N   . ILE B 1 34 ? -13.265 -1.080  -0.594  1.00 32.55 ? 34  ILE B N   1 
ATOM   916  C  CA  . ILE B 1 34 ? -14.019 -1.200  0.653   1.00 36.17 ? 34  ILE B CA  1 
ATOM   917  C  C   . ILE B 1 34 ? -13.855 -2.471  1.490   1.00 49.78 ? 34  ILE B C   1 
ATOM   918  O  O   . ILE B 1 34 ? -13.682 -2.374  2.707   1.00 62.03 ? 34  ILE B O   1 
ATOM   919  C  CB  . ILE B 1 34 ? -15.519 -0.941  0.398   1.00 47.76 ? 34  ILE B CB  1 
ATOM   920  C  CG1 . ILE B 1 34 ? -15.677 0.457   -0.197  1.00 45.29 ? 34  ILE B CG1 1 
ATOM   921  C  CG2 . ILE B 1 34 ? -16.302 -1.054  1.706   1.00 51.79 ? 34  ILE B CG2 1 
ATOM   922  C  CD1 . ILE B 1 34 ? -17.043 0.782   -0.703  1.00 58.38 ? 34  ILE B CD1 1 
ATOM   923  N  N   . GLY B 1 35 ? -13.896 -3.647  0.865   1.00 44.40 ? 35  GLY B N   1 
ATOM   924  C  CA  . GLY B 1 35 ? -13.736 -4.881  1.623   1.00 37.83 ? 35  GLY B CA  1 
ATOM   925  C  C   . GLY B 1 35 ? -12.343 -5.477  1.516   1.00 45.79 ? 35  GLY B C   1 
ATOM   926  O  O   . GLY B 1 35 ? -11.551 -5.024  0.681   1.00 39.33 ? 35  GLY B O   1 
ATOM   927  N  N   . PRO B 1 36 ? -12.021 -6.507  2.321   1.00 45.02 ? 36  PRO B N   1 
ATOM   928  C  CA  . PRO B 1 36 ? -10.707 -7.159  2.316   1.00 39.78 ? 36  PRO B CA  1 
ATOM   929  C  C   . PRO B 1 36 ? -10.250 -7.691  0.966   1.00 35.40 ? 36  PRO B C   1 
ATOM   930  O  O   . PRO B 1 36 ? -9.064  -7.622  0.628   1.00 31.97 ? 36  PRO B O   1 
ATOM   931  C  CB  . PRO B 1 36 ? -10.869 -8.285  3.343   1.00 44.37 ? 36  PRO B CB  1 
ATOM   932  C  CG  . PRO B 1 36 ? -11.960 -7.789  4.257   1.00 38.50 ? 36  PRO B CG  1 
ATOM   933  C  CD  . PRO B 1 36 ? -12.928 -7.170  3.278   1.00 45.52 ? 36  PRO B CD  1 
ATOM   934  N  N   . GLN B 1 37 ? -11.178 -8.246  0.199   1.00 30.37 ? 37  GLN B N   1 
ATOM   935  C  CA  . GLN B 1 37 ? -10.802 -8.800  -1.095  1.00 29.04 ? 37  GLN B CA  1 
ATOM   936  C  C   . GLN B 1 37 ? -10.456 -7.671  -2.055  1.00 21.96 ? 37  GLN B C   1 
ATOM   937  O  O   . GLN B 1 37 ? -9.465  -7.757  -2.778  1.00 32.03 ? 37  GLN B O   1 
ATOM   938  C  CB  . GLN B 1 37 ? -11.926 -9.643  -1.691  1.00 40.64 ? 37  GLN B CB  1 
ATOM   939  C  CG  . GLN B 1 37 ? -11.427 -10.548 -2.814  1.00 47.54 ? 37  GLN B CG  1 
ATOM   940  C  CD  . GLN B 1 37 ? -10.382 -11.527 -2.318  1.00 48.98 ? 37  GLN B CD  1 
ATOM   941  O  OE1 . GLN B 1 37 ? -10.682 -12.419 -1.526  1.00 67.04 ? 37  GLN B OE1 1 
ATOM   942  N  NE2 . GLN B 1 37 ? -9.146  -11.353 -2.766  1.00 47.79 ? 37  GLN B NE2 1 
ATOM   943  N  N   . ALA B 1 38 ? -11.273 -6.626  -2.062  1.00 23.75 ? 38  ALA B N   1 
ATOM   944  C  CA  . ALA B 1 38 ? -11.032 -5.471  -2.926  1.00 22.39 ? 38  ALA B CA  1 
ATOM   945  C  C   . ALA B 1 38 ? -9.688  -4.841  -2.527  1.00 22.77 ? 38  ALA B C   1 
ATOM   946  O  O   . ALA B 1 38 ? -8.913  -4.423  -3.385  1.00 23.59 ? 38  ALA B O   1 
ATOM   947  C  CB  . ALA B 1 38 ? -12.158 -4.467  -2.763  1.00 22.68 ? 38  ALA B CB  1 
ATOM   948  N  N   . VAL B 1 39 ? -9.402  -4.766  -1.223  1.00 21.35 ? 39  VAL B N   1 
ATOM   949  C  CA  . VAL B 1 39 ? -8.116  -4.198  -0.794  1.00 19.83 ? 39  VAL B CA  1 
ATOM   950  C  C   . VAL B 1 39 ? -6.983  -5.058  -1.380  1.00 24.42 ? 39  VAL B C   1 
ATOM   951  O  O   . VAL B 1 39 ? -5.991  -4.535  -1.928  1.00 18.80 ? 39  VAL B O   1 
ATOM   952  C  CB  . VAL B 1 39 ? -7.993  -4.132  0.766   1.00 22.29 ? 39  VAL B CB  1 
ATOM   953  C  CG1 . VAL B 1 39 ? -6.601  -3.665  1.181   1.00 25.17 ? 39  VAL B CG1 1 
ATOM   954  C  CG2 . VAL B 1 39 ? -9.021  -3.162  1.324   1.00 25.18 ? 39  VAL B CG2 1 
ATOM   955  N  N   . ASN B 1 40 ? -7.133  -6.373  -1.293  1.00 23.89 ? 40  ASN B N   1 
ATOM   956  C  CA  . ASN B 1 40 ? -6.117  -7.272  -1.843  1.00 21.33 ? 40  ASN B CA  1 
ATOM   957  C  C   . ASN B 1 40 ? -5.973  -7.013  -3.348  1.00 24.67 ? 40  ASN B C   1 
ATOM   958  O  O   . ASN B 1 40 ? -4.874  -6.839  -3.845  1.00 21.30 ? 40  ASN B O   1 
ATOM   959  C  CB  . ASN B 1 40 ? -6.496  -8.742  -1.580  1.00 25.89 ? 40  ASN B CB  1 
ATOM   960  C  CG  . ASN B 1 40 ? -5.374  -9.713  -1.950  1.00 41.64 ? 40  ASN B CG  1 
ATOM   961  O  OD1 . ASN B 1 40 ? -4.216  -9.519  -1.575  1.00 39.89 ? 40  ASN B OD1 1 
ATOM   962  N  ND2 . ASN B 1 40 ? -5.718  -10.762 -2.680  1.00 44.33 ? 40  ASN B ND2 1 
ATOM   963  N  N   . GLN B 1 41 ? -7.082  -6.936  -4.073  1.00 20.95 ? 41  GLN B N   1 
ATOM   964  C  CA  . GLN B 1 41 ? -6.987  -6.703  -5.514  1.00 23.03 ? 41  GLN B CA  1 
ATOM   965  C  C   . GLN B 1 41 ? -6.319  -5.370  -5.810  1.00 24.37 ? 41  GLN B C   1 
ATOM   966  O  O   . GLN B 1 41 ? -5.567  -5.264  -6.772  1.00 25.72 ? 41  GLN B O   1 
ATOM   967  C  CB  . GLN B 1 41 ? -8.366  -6.731  -6.167  1.00 27.77 ? 41  GLN B CB  1 
ATOM   968  C  CG  . GLN B 1 41 ? -9.076  -8.075  -6.044  1.00 36.49 ? 41  GLN B CG  1 
ATOM   969  C  CD  . GLN B 1 41 ? -8.416  -9.161  -6.873  1.00 49.22 ? 41  GLN B CD  1 
ATOM   970  O  OE1 . GLN B 1 41 ? -7.230  -9.450  -6.710  1.00 54.37 ? 41  GLN B OE1 1 
ATOM   971  N  NE2 . GLN B 1 41 ? -9.187  -9.770  -7.771  1.00 55.99 ? 41  GLN B NE2 1 
ATOM   972  N  N   . ALA B 1 42 ? -6.582  -4.357  -4.988  1.00 24.06 ? 42  ALA B N   1 
ATOM   973  C  CA  . ALA B 1 42 ? -5.986  -3.052  -5.231  1.00 16.60 ? 42  ALA B CA  1 
ATOM   974  C  C   . ALA B 1 42 ? -4.481  -3.073  -5.078  1.00 19.10 ? 42  ALA B C   1 
ATOM   975  O  O   . ALA B 1 42 ? -3.752  -2.508  -5.896  1.00 21.10 ? 42  ALA B O   1 
ATOM   976  C  CB  . ALA B 1 42 ? -6.573  -2.000  -4.290  1.00 18.44 ? 42  ALA B CB  1 
ATOM   977  N  N   . VAL B 1 43 ? -4.025  -3.692  -3.995  1.00 18.04 ? 43  VAL B N   1 
ATOM   978  C  CA  . VAL B 1 43 ? -2.596  -3.778  -3.732  1.00 18.66 ? 43  VAL B CA  1 
ATOM   979  C  C   . VAL B 1 43 ? -1.900  -4.515  -4.862  1.00 23.52 ? 43  VAL B C   1 
ATOM   980  O  O   . VAL B 1 43 ? -0.859  -4.083  -5.336  1.00 20.65 ? 43  VAL B O   1 
ATOM   981  C  CB  . VAL B 1 43 ? -2.324  -4.469  -2.384  1.00 19.29 ? 43  VAL B CB  1 
ATOM   982  C  CG1 . VAL B 1 43 ? -0.816  -4.618  -2.154  1.00 25.36 ? 43  VAL B CG1 1 
ATOM   983  C  CG2 . VAL B 1 43 ? -2.916  -3.621  -1.268  1.00 19.84 ? 43  VAL B CG2 1 
ATOM   984  N  N   . LYS B 1 44 ? -2.485  -5.620  -5.313  1.00 18.07 ? 44  LYS B N   1 
ATOM   985  C  CA  . LYS B 1 44 ? -1.885  -6.374  -6.411  1.00 24.82 ? 44  LYS B CA  1 
ATOM   986  C  C   . LYS B 1 44 ? -1.867  -5.517  -7.680  1.00 27.30 ? 44  LYS B C   1 
ATOM   987  O  O   . LYS B 1 44 ? -0.898  -5.552  -8.447  1.00 26.02 ? 44  LYS B O   1 
ATOM   988  C  CB  . LYS B 1 44 ? -2.668  -7.671  -6.669  1.00 19.67 ? 44  LYS B CB  1 
ATOM   989  C  CG  . LYS B 1 44 ? -2.427  -8.750  -5.635  1.00 27.26 ? 44  LYS B CG  1 
ATOM   990  C  CD  . LYS B 1 44 ? -3.286  -9.954  -5.922  1.00 32.29 ? 44  LYS B CD  1 
ATOM   991  C  CE  . LYS B 1 44 ? -3.259  -10.925 -4.775  1.00 43.33 ? 44  LYS B CE  1 
ATOM   992  N  NZ  . LYS B 1 44 ? -4.196  -12.045 -5.061  1.00 63.57 ? 44  LYS B NZ  1 
ATOM   993  N  N   . ALA B 1 45 ? -2.926  -4.738  -7.898  1.00 23.04 ? 45  ALA B N   1 
ATOM   994  C  CA  . ALA B 1 45 ? -2.994  -3.877  -9.086  1.00 21.88 ? 45  ALA B CA  1 
ATOM   995  C  C   . ALA B 1 45 ? -1.895  -2.810  -9.065  1.00 25.61 ? 45  ALA B C   1 
ATOM   996  O  O   . ALA B 1 45 ? -1.245  -2.536  -10.080 1.00 22.65 ? 45  ALA B O   1 
ATOM   997  C  CB  . ALA B 1 45 ? -4.378  -3.216  -9.176  1.00 26.84 ? 45  ALA B CB  1 
ATOM   998  N  N   . ILE B 1 46 ? -1.681  -2.207  -7.897  1.00 19.74 ? 46  ILE B N   1 
ATOM   999  C  CA  . ILE B 1 46 ? -0.650  -1.178  -7.763  1.00 17.28 ? 46  ILE B CA  1 
ATOM   1000 C  C   . ILE B 1 46 ? 0.742   -1.779  -8.008  1.00 31.86 ? 46  ILE B C   1 
ATOM   1001 O  O   . ILE B 1 46 ? 1.571   -1.177  -8.686  1.00 29.21 ? 46  ILE B O   1 
ATOM   1002 C  CB  . ILE B 1 46 ? -0.701  -0.539  -6.355  1.00 21.04 ? 46  ILE B CB  1 
ATOM   1003 C  CG1 . ILE B 1 46 ? -1.999  0.261   -6.199  1.00 21.61 ? 46  ILE B CG1 1 
ATOM   1004 C  CG2 . ILE B 1 46 ? 0.527   0.360   -6.134  1.00 25.69 ? 46  ILE B CG2 1 
ATOM   1005 C  CD1 . ILE B 1 46 ? -2.333  0.656   -4.724  1.00 21.98 ? 46  ILE B CD1 1 
ATOM   1006 N  N   . ALA B 1 47 ? 0.982   -2.977  -7.475  1.00 24.99 ? 47  ALA B N   1 
ATOM   1007 C  CA  . ALA B 1 47 ? 2.271   -3.641  -7.644  1.00 23.61 ? 47  ALA B CA  1 
ATOM   1008 C  C   . ALA B 1 47 ? 2.546   -3.928  -9.128  1.00 32.03 ? 47  ALA B C   1 
ATOM   1009 O  O   . ALA B 1 47 ? 3.650   -3.669  -9.610  1.00 32.46 ? 47  ALA B O   1 
ATOM   1010 C  CB  . ALA B 1 47 ? 2.308   -4.932  -6.832  1.00 20.84 ? 47  ALA B CB  1 
ATOM   1011 N  N   . ILE B 1 48 ? 1.554   -4.440  -9.851  1.00 33.21 ? 48  ILE B N   1 
ATOM   1012 C  CA  . ILE B 1 48 ? 1.731   -4.715  -11.288 1.00 32.89 ? 48  ILE B CA  1 
ATOM   1013 C  C   . ILE B 1 48 ? 1.932   -3.397  -12.071 1.00 39.38 ? 48  ILE B C   1 
ATOM   1014 O  O   . ILE B 1 48 ? 2.735   -3.337  -13.003 1.00 35.95 ? 48  ILE B O   1 
ATOM   1015 C  CB  . ILE B 1 48 ? 0.519   -5.486  -11.875 1.00 34.12 ? 48  ILE B CB  1 
ATOM   1016 C  CG1 . ILE B 1 48 ? 0.374   -6.847  -11.181 1.00 29.96 ? 48  ILE B CG1 1 
ATOM   1017 C  CG2 . ILE B 1 48 ? 0.712   -5.701  -13.373 1.00 34.35 ? 48  ILE B CG2 1 
ATOM   1018 C  CD1 . ILE B 1 48 ? -1.000  -7.480  -11.335 1.00 33.06 ? 48  ILE B CD1 1 
ATOM   1019 N  N   . ALA B 1 49 ? 1.217   -2.338  -11.686 1.00 22.60 ? 49  ALA B N   1 
ATOM   1020 C  CA  . ALA B 1 49 ? 1.356   -1.050  -12.351 1.00 25.46 ? 49  ALA B CA  1 
ATOM   1021 C  C   . ALA B 1 49 ? 2.797   -0.520  -12.314 1.00 32.77 ? 49  ALA B C   1 
ATOM   1022 O  O   . ALA B 1 49 ? 3.227   0.186   -13.226 1.00 29.80 ? 49  ALA B O   1 
ATOM   1023 C  CB  . ALA B 1 49 ? 0.422   -0.029  -11.722 1.00 22.02 ? 49  ALA B CB  1 
ATOM   1024 N  N   . ARG B 1 50 ? 3.539   -0.837  -11.261 1.00 30.06 ? 50  ARG B N   1 
ATOM   1025 C  CA  . ARG B 1 50 ? 4.927   -0.384  -11.159 1.00 34.85 ? 50  ARG B CA  1 
ATOM   1026 C  C   . ARG B 1 50 ? 5.748   -0.890  -12.348 1.00 42.42 ? 50  ARG B C   1 
ATOM   1027 O  O   . ARG B 1 50 ? 6.670   -0.219  -12.814 1.00 38.17 ? 50  ARG B O   1 
ATOM   1028 C  CB  . ARG B 1 50 ? 5.565   -0.889  -9.858  1.00 34.65 ? 50  ARG B CB  1 
ATOM   1029 C  CG  . ARG B 1 50 ? 4.904   -0.371  -8.582  1.00 30.46 ? 50  ARG B CG  1 
ATOM   1030 C  CD  . ARG B 1 50 ? 5.678   -0.844  -7.354  1.00 31.87 ? 50  ARG B CD  1 
ATOM   1031 N  NE  . ARG B 1 50 ? 7.049   -0.335  -7.338  1.00 37.40 ? 50  ARG B NE  1 
ATOM   1032 C  CZ  . ARG B 1 50 ? 8.060   -0.961  -6.743  1.00 39.28 ? 50  ARG B CZ  1 
ATOM   1033 N  NH1 . ARG B 1 50 ? 7.846   -2.113  -6.126  1.00 36.56 ? 50  ARG B NH1 1 
ATOM   1034 N  NH2 . ARG B 1 50 ? 9.277   -0.441  -6.763  1.00 36.53 ? 50  ARG B NH2 1 
ATOM   1035 N  N   . GLY B 1 51 ? 5.410   -2.085  -12.819 1.00 30.86 ? 51  GLY B N   1 
ATOM   1036 C  CA  . GLY B 1 51 ? 6.117   -2.678  -13.944 1.00 40.52 ? 51  GLY B CA  1 
ATOM   1037 C  C   . GLY B 1 51 ? 5.718   -2.029  -15.253 1.00 47.95 ? 51  GLY B C   1 
ATOM   1038 O  O   . GLY B 1 51 ? 6.479   -2.055  -16.227 1.00 47.31 ? 51  GLY B O   1 
ATOM   1039 N  N   . TYR B 1 52 ? 4.524   -1.442  -15.273 1.00 41.25 ? 52  TYR B N   1 
ATOM   1040 C  CA  . TYR B 1 52 ? 4.022   -0.775  -16.462 1.00 38.31 ? 52  TYR B CA  1 
ATOM   1041 C  C   . TYR B 1 52 ? 4.606   0.605   -16.700 1.00 50.02 ? 52  TYR B C   1 
ATOM   1042 O  O   . TYR B 1 52 ? 4.532   1.118   -17.819 1.00 59.60 ? 52  TYR B O   1 
ATOM   1043 C  CB  . TYR B 1 52 ? 2.492   -0.662  -16.425 1.00 51.21 ? 52  TYR B CB  1 
ATOM   1044 C  CG  . TYR B 1 52 ? 1.800   -1.949  -16.782 1.00 49.12 ? 52  TYR B CG  1 
ATOM   1045 C  CD1 . TYR B 1 52 ? 2.450   -2.900  -17.566 1.00 62.08 ? 52  TYR B CD1 1 
ATOM   1046 C  CD2 . TYR B 1 52 ? 0.514   -2.230  -16.334 1.00 47.81 ? 52  TYR B CD2 1 
ATOM   1047 C  CE1 . TYR B 1 52 ? 1.842   -4.097  -17.888 1.00 51.70 ? 52  TYR B CE1 1 
ATOM   1048 C  CE2 . TYR B 1 52 ? -0.101  -3.430  -16.653 1.00 37.72 ? 52  TYR B CE2 1 
ATOM   1049 C  CZ  . TYR B 1 52 ? 0.576   -4.351  -17.423 1.00 48.76 ? 52  TYR B CZ  1 
ATOM   1050 O  OH  . TYR B 1 52 ? 0.008   -5.562  -17.693 1.00 57.46 ? 52  TYR B OH  1 
ATOM   1051 N  N   . ILE B 1 53 ? 5.197   1.201   -15.670 1.00 43.01 ? 53  ILE B N   1 
ATOM   1052 C  CA  . ILE B 1 53 ? 5.759   2.539   -15.803 1.00 45.63 ? 53  ILE B CA  1 
ATOM   1053 C  C   . ILE B 1 53 ? 7.276   2.589   -15.608 1.00 45.91 ? 53  ILE B C   1 
ATOM   1054 O  O   . ILE B 1 53 ? 7.915   3.623   -15.845 1.00 39.92 ? 53  ILE B O   1 
ATOM   1055 C  CB  . ILE B 1 53 ? 5.084   3.497   -14.792 1.00 44.38 ? 53  ILE B CB  1 
ATOM   1056 C  CG1 . ILE B 1 53 ? 5.455   3.109   -13.355 1.00 35.17 ? 53  ILE B CG1 1 
ATOM   1057 C  CG2 . ILE B 1 53 ? 3.574   3.436   -14.957 1.00 45.72 ? 53  ILE B CG2 1 
ATOM   1058 C  CD1 . ILE B 1 53 ? 4.811   4.022   -12.292 1.00 31.13 ? 53  ILE B CD1 1 
ATOM   1059 N  N   . ALA B 1 54 ? 7.830   1.459   -15.170 1.00 42.26 ? 54  ALA B N   1 
ATOM   1060 C  CA  . ALA B 1 54 ? 9.265   1.343   -14.938 1.00 53.49 ? 54  ALA B CA  1 
ATOM   1061 C  C   . ALA B 1 54 ? 10.069  1.595   -16.203 1.00 55.33 ? 54  ALA B C   1 
ATOM   1062 O  O   . ALA B 1 54 ? 11.103  2.274   -16.162 1.00 64.48 ? 54  ALA B O   1 
ATOM   1063 C  CB  . ALA B 1 54 ? 9.618   -0.022  -14.381 1.00 58.94 ? 54  ALA B CB  1 
ATOM   1064 N  N   . PRO B 1 55 ? 9.600   1.076   -17.348 1.00 51.19 ? 55  PRO B N   1 
ATOM   1065 C  CA  . PRO B 1 55 ? 10.340  1.289   -18.592 1.00 56.61 ? 55  PRO B CA  1 
ATOM   1066 C  C   . PRO B 1 55 ? 10.662  2.764   -18.778 1.00 64.38 ? 55  PRO B C   1 
ATOM   1067 O  O   . PRO B 1 55 ? 11.805  3.137   -19.076 1.00 73.17 ? 55  PRO B O   1 
ATOM   1068 C  CB  . PRO B 1 55 ? 9.386   0.757   -19.653 1.00 54.88 ? 55  PRO B CB  1 
ATOM   1069 C  CG  . PRO B 1 55 ? 8.718   -0.367  -18.958 1.00 55.83 ? 55  PRO B CG  1 
ATOM   1070 C  CD  . PRO B 1 55 ? 8.412   0.240   -17.593 1.00 59.57 ? 55  PRO B CD  1 
ATOM   1071 N  N   . ASP B 1 56 ? 9.649   3.600   -18.573 1.00 55.38 ? 56  ASP B N   1 
ATOM   1072 C  CA  . ASP B 1 56 ? 9.789   5.042   -18.718 1.00 44.24 ? 56  ASP B CA  1 
ATOM   1073 C  C   . ASP B 1 56 ? 10.551  5.735   -17.589 1.00 42.92 ? 56  ASP B C   1 
ATOM   1074 O  O   . ASP B 1 56 ? 10.368  6.923   -17.362 1.00 52.03 ? 56  ASP B O   1 
ATOM   1075 C  CB  . ASP B 1 56 ? 8.403   5.676   -18.876 1.00 44.41 ? 56  ASP B CB  1 
ATOM   1076 C  CG  . ASP B 1 56 ? 7.617   5.078   -20.031 1.00 73.06 ? 56  ASP B CG  1 
ATOM   1077 O  OD1 . ASP B 1 56 ? 8.248   4.721   -21.048 1.00 79.55 ? 56  ASP B OD1 1 
ATOM   1078 O  OD2 . ASP B 1 56 ? 6.371   4.988   -19.935 1.00 79.25 ? 56  ASP B OD2 1 
ATOM   1079 N  N   . ASN B 1 57 ? 11.407  4.999   -16.890 1.00 51.71 ? 57  ASN B N   1 
ATOM   1080 C  CA  . ASN B 1 57 ? 12.196  5.583   -15.805 1.00 55.28 ? 57  ASN B CA  1 
ATOM   1081 C  C   . ASN B 1 57 ? 11.271  6.299   -14.813 1.00 49.06 ? 57  ASN B C   1 
ATOM   1082 O  O   . ASN B 1 57 ? 11.558  7.404   -14.330 1.00 41.13 ? 57  ASN B O   1 
ATOM   1083 C  CB  . ASN B 1 57 ? 13.242  6.551   -16.392 1.00 54.15 ? 57  ASN B CB  1 
ATOM   1084 C  CG  . ASN B 1 57 ? 14.194  7.097   -15.346 1.00 56.54 ? 57  ASN B CG  1 
ATOM   1085 O  OD1 . ASN B 1 57 ? 14.808  6.341   -14.586 1.00 61.62 ? 57  ASN B OD1 1 
ATOM   1086 N  ND2 . ASN B 1 57 ? 14.328  8.417   -15.302 1.00 60.57 ? 57  ASN B ND2 1 
ATOM   1087 N  N   . LEU B 1 58 ? 10.149  5.648   -14.523 1.00 52.30 ? 58  LEU B N   1 
ATOM   1088 C  CA  . LEU B 1 58 ? 9.157   6.168   -13.587 1.00 46.93 ? 58  LEU B CA  1 
ATOM   1089 C  C   . LEU B 1 58 ? 8.725   5.084   -12.601 1.00 43.96 ? 58  LEU B C   1 
ATOM   1090 O  O   . LEU B 1 58 ? 8.547   3.927   -12.979 1.00 39.97 ? 58  LEU B O   1 
ATOM   1091 C  CB  . LEU B 1 58 ? 7.891   6.636   -14.308 1.00 55.88 ? 58  LEU B CB  1 
ATOM   1092 C  CG  . LEU B 1 58 ? 7.646   7.988   -14.972 1.00 51.06 ? 58  LEU B CG  1 
ATOM   1093 C  CD1 . LEU B 1 58 ? 6.155   8.050   -15.286 1.00 59.79 ? 58  LEU B CD1 1 
ATOM   1094 C  CD2 . LEU B 1 58 ? 8.021   9.142   -14.062 1.00 60.33 ? 58  LEU B CD2 1 
ATOM   1095 N  N   . ASP B 1 59 ? 8.570   5.457   -11.338 1.00 35.71 ? 59  ASP B N   1 
ATOM   1096 C  CA  . ASP B 1 59 ? 8.091   4.500   -10.353 1.00 40.36 ? 59  ASP B CA  1 
ATOM   1097 C  C   . ASP B 1 59 ? 6.925   5.190   -9.660  1.00 39.06 ? 59  ASP B C   1 
ATOM   1098 O  O   . ASP B 1 59 ? 6.486   6.259   -10.091 1.00 36.59 ? 59  ASP B O   1 
ATOM   1099 C  CB  . ASP B 1 59 ? 9.178   4.132   -9.334  1.00 46.57 ? 59  ASP B CB  1 
ATOM   1100 C  CG  . ASP B 1 59 ? 8.864   2.817   -8.594  1.00 62.82 ? 59  ASP B CG  1 
ATOM   1101 O  OD1 . ASP B 1 59 ? 7.774   2.231   -8.802  1.00 57.14 ? 59  ASP B OD1 1 
ATOM   1102 O  OD2 . ASP B 1 59 ? 9.709   2.363   -7.801  1.00 57.21 ? 59  ASP B OD2 1 
ATOM   1103 N  N   . LEU B 1 60 ? 6.418   4.603   -8.585  1.00 29.77 ? 60  LEU B N   1 
ATOM   1104 C  CA  . LEU B 1 60 ? 5.299   5.219   -7.891  1.00 28.43 ? 60  LEU B CA  1 
ATOM   1105 C  C   . LEU B 1 60 ? 5.478   5.073   -6.389  1.00 28.55 ? 60  LEU B C   1 
ATOM   1106 O  O   . LEU B 1 60 ? 6.293   4.271   -5.922  1.00 34.99 ? 60  LEU B O   1 
ATOM   1107 C  CB  . LEU B 1 60 ? 3.989   4.571   -8.345  1.00 26.21 ? 60  LEU B CB  1 
ATOM   1108 C  CG  . LEU B 1 60 ? 3.905   3.051   -8.206  1.00 28.63 ? 60  LEU B CG  1 
ATOM   1109 C  CD1 . LEU B 1 60 ? 3.553   2.676   -6.755  1.00 26.73 ? 60  LEU B CD1 1 
ATOM   1110 C  CD2 . LEU B 1 60 ? 2.842   2.508   -9.170  1.00 26.02 ? 60  LEU B CD2 1 
ATOM   1111 N  N   . VAL B 1 61 ? 4.759   5.906   -5.653  1.00 27.30 ? 61  VAL B N   1 
ATOM   1112 C  CA  . VAL B 1 61 ? 4.768   5.882   -4.207  1.00 26.22 ? 61  VAL B CA  1 
ATOM   1113 C  C   . VAL B 1 61 ? 3.300   5.933   -3.810  1.00 27.37 ? 61  VAL B C   1 
ATOM   1114 O  O   . VAL B 1 61 ? 2.495   6.569   -4.487  1.00 27.82 ? 61  VAL B O   1 
ATOM   1115 C  CB  . VAL B 1 61 ? 5.510   7.090   -3.606  1.00 34.89 ? 61  VAL B CB  1 
ATOM   1116 C  CG1 . VAL B 1 61 ? 7.010   6.886   -3.739  1.00 43.93 ? 61  VAL B CG1 1 
ATOM   1117 C  CG2 . VAL B 1 61 ? 5.072   8.367   -4.300  1.00 35.61 ? 61  VAL B CG2 1 
ATOM   1118 N  N   . VAL B 1 62 ? 2.963   5.253   -2.720  1.00 22.42 ? 62  VAL B N   1 
ATOM   1119 C  CA  . VAL B 1 62 ? 1.584   5.190   -2.258  1.00 19.78 ? 62  VAL B CA  1 
ATOM   1120 C  C   . VAL B 1 62 ? 1.479   5.623   -0.805  1.00 24.67 ? 62  VAL B C   1 
ATOM   1121 O  O   . VAL B 1 62 ? 2.406   5.424   -0.018  1.00 25.04 ? 62  VAL B O   1 
ATOM   1122 C  CB  . VAL B 1 62 ? 1.045   3.733   -2.331  1.00 31.34 ? 62  VAL B CB  1 
ATOM   1123 C  CG1 . VAL B 1 62 ? -0.418  3.693   -1.943  1.00 29.66 ? 62  VAL B CG1 1 
ATOM   1124 C  CG2 . VAL B 1 62 ? 1.277   3.161   -3.715  1.00 36.47 ? 62  VAL B CG2 1 
ATOM   1125 N  N   . LYS B 1 63 ? 0.354   6.245   -0.472  1.00 24.51 ? 63  LYS B N   1 
ATOM   1126 C  CA  . LYS B 1 63 ? 0.064   6.651   0.893   1.00 20.60 ? 63  LYS B CA  1 
ATOM   1127 C  C   . LYS B 1 63 ? -1.363  6.181   1.113   1.00 23.45 ? 63  LYS B C   1 
ATOM   1128 O  O   . LYS B 1 63 ? -2.301  6.683   0.470   1.00 25.37 ? 63  LYS B O   1 
ATOM   1129 C  CB  . LYS B 1 63 ? 0.144   8.165   1.064   1.00 26.45 ? 63  LYS B CB  1 
ATOM   1130 C  CG  . LYS B 1 63 ? 1.568   8.695   1.122   1.00 32.89 ? 63  LYS B CG  1 
ATOM   1131 C  CD  . LYS B 1 63 ? 1.551   10.204  1.275   1.00 30.51 ? 63  LYS B CD  1 
ATOM   1132 C  CE  . LYS B 1 63 ? 2.930   10.753  1.582   1.00 38.11 ? 63  LYS B CE  1 
ATOM   1133 N  NZ  . LYS B 1 63 ? 2.766   12.115  2.154   1.00 51.42 ? 63  LYS B NZ  1 
ATOM   1134 N  N   . PRO B 1 64 ? -1.538  5.182   1.988   1.00 23.86 ? 64  PRO B N   1 
ATOM   1135 C  CA  . PRO B 1 64 ? -2.870  4.661   2.266   1.00 19.21 ? 64  PRO B CA  1 
ATOM   1136 C  C   . PRO B 1 64 ? -3.546  5.454   3.369   1.00 24.56 ? 64  PRO B C   1 
ATOM   1137 O  O   . PRO B 1 64 ? -2.885  6.096   4.203   1.00 24.95 ? 64  PRO B O   1 
ATOM   1138 C  CB  . PRO B 1 64 ? -2.612  3.197   2.621   1.00 24.48 ? 64  PRO B CB  1 
ATOM   1139 C  CG  . PRO B 1 64 ? -1.193  3.161   3.128   1.00 31.67 ? 64  PRO B CG  1 
ATOM   1140 C  CD  . PRO B 1 64 ? -0.493  4.439   2.719   1.00 25.23 ? 64  PRO B CD  1 
ATOM   1141 N  N   . ALA B 1 65 ? -4.867  5.420   3.379   1.00 22.33 ? 65  ALA B N   1 
ATOM   1142 C  CA  . ALA B 1 65 ? -5.591  6.162   4.391   1.00 27.03 ? 65  ALA B CA  1 
ATOM   1143 C  C   . ALA B 1 65 ? -7.003  5.636   4.526   1.00 27.63 ? 65  ALA B C   1 
ATOM   1144 O  O   . ALA B 1 65 ? -7.552  5.068   3.579   1.00 24.36 ? 65  ALA B O   1 
ATOM   1145 C  CB  . ALA B 1 65 ? -5.648  7.643   4.000   1.00 24.58 ? 65  ALA B CB  1 
ATOM   1146 N  N   . PHE B 1 66 ? -7.582  5.809   5.706   1.00 21.92 ? 66  PHE B N   1 
ATOM   1147 C  CA  . PHE B 1 66 ? -8.977  5.408   5.876   1.00 25.52 ? 66  PHE B CA  1 
ATOM   1148 C  C   . PHE B 1 66 ? -9.782  6.585   5.351   1.00 26.24 ? 66  PHE B C   1 
ATOM   1149 O  O   . PHE B 1 66 ? -9.353  7.730   5.448   1.00 30.76 ? 66  PHE B O   1 
ATOM   1150 C  CB  . PHE B 1 66 ? -9.331  5.197   7.347   1.00 22.15 ? 66  PHE B CB  1 
ATOM   1151 C  CG  . PHE B 1 66 ? -8.776  3.929   7.924   1.00 27.01 ? 66  PHE B CG  1 
ATOM   1152 C  CD1 . PHE B 1 66 ? -9.394  2.706   7.669   1.00 30.06 ? 66  PHE B CD1 1 
ATOM   1153 C  CD2 . PHE B 1 66 ? -7.618  3.954   8.698   1.00 30.55 ? 66  PHE B CD2 1 
ATOM   1154 C  CE1 . PHE B 1 66 ? -8.866  1.513   8.182   1.00 39.05 ? 66  PHE B CE1 1 
ATOM   1155 C  CE2 . PHE B 1 66 ? -7.081  2.777   9.215   1.00 29.07 ? 66  PHE B CE2 1 
ATOM   1156 C  CZ  . PHE B 1 66 ? -7.706  1.550   8.957   1.00 39.48 ? 66  PHE B CZ  1 
ATOM   1157 N  N   . VAL B 1 67 ? -10.951 6.314   4.790   1.00 24.69 ? 67  VAL B N   1 
ATOM   1158 C  CA  . VAL B 1 67 ? -11.797 7.402   4.302   1.00 23.78 ? 67  VAL B CA  1 
ATOM   1159 C  C   . VAL B 1 67 ? -13.241 6.931   4.447   1.00 26.62 ? 67  VAL B C   1 
ATOM   1160 O  O   . VAL B 1 67 ? -13.533 5.744   4.296   1.00 27.07 ? 67  VAL B O   1 
ATOM   1161 C  CB  . VAL B 1 67 ? -11.507 7.721   2.823   1.00 33.54 ? 67  VAL B CB  1 
ATOM   1162 C  CG1 . VAL B 1 67 ? -11.861 6.518   1.961   1.00 34.62 ? 67  VAL B CG1 1 
ATOM   1163 C  CG2 . VAL B 1 67 ? -12.304 8.946   2.374   1.00 37.38 ? 67  VAL B CG2 1 
ATOM   1164 N  N   . LYS B 1 68 ? -14.132 7.847   4.788   1.00 23.51 ? 68  LYS B N   1 
ATOM   1165 C  CA  . LYS B 1 68 ? -15.540 7.478   4.905   1.00 28.34 ? 68  LYS B CA  1 
ATOM   1166 C  C   . LYS B 1 68 ? -16.171 7.749   3.557   1.00 33.19 ? 68  LYS B C   1 
ATOM   1167 O  O   . LYS B 1 68 ? -16.038 8.852   3.013   1.00 26.02 ? 68  LYS B O   1 
ATOM   1168 C  CB  . LYS B 1 68 ? -16.221 8.289   6.011   1.00 28.24 ? 68  LYS B CB  1 
ATOM   1169 C  CG  . LYS B 1 68 ? -15.779 7.828   7.388   1.00 39.94 ? 68  LYS B CG  1 
ATOM   1170 C  CD  . LYS B 1 68 ? -16.555 8.499   8.503   1.00 55.79 ? 68  LYS B CD  1 
ATOM   1171 C  CE  . LYS B 1 68 ? -16.308 7.772   9.824   1.00 56.70 ? 68  LYS B CE  1 
ATOM   1172 N  NZ  . LYS B 1 68 ? -17.098 8.340   10.954  1.00 61.38 ? 68  LYS B NZ  1 
ATOM   1173 N  N   . LEU B 1 69 ? -16.835 6.730   3.011   1.00 24.16 ? 69  LEU B N   1 
ATOM   1174 C  CA  . LEU B 1 69 ? -17.461 6.843   1.700   1.00 26.53 ? 69  LEU B CA  1 
ATOM   1175 C  C   . LEU B 1 69 ? -18.959 6.564   1.780   1.00 32.24 ? 69  LEU B C   1 
ATOM   1176 O  O   . LEU B 1 69 ? -19.440 5.873   2.679   1.00 29.12 ? 69  LEU B O   1 
ATOM   1177 C  CB  . LEU B 1 69 ? -16.821 5.847   0.710   1.00 29.09 ? 69  LEU B CB  1 
ATOM   1178 C  CG  . LEU B 1 69 ? -15.313 5.875   0.389   1.00 38.05 ? 69  LEU B CG  1 
ATOM   1179 C  CD1 . LEU B 1 69 ? -14.937 4.704   -0.531  1.00 37.70 ? 69  LEU B CD1 1 
ATOM   1180 C  CD2 . LEU B 1 69 ? -14.952 7.183   -0.297  1.00 37.01 ? 69  LEU B CD2 1 
ATOM   1181 N  N   . GLU B 1 70 ? -19.698 7.096   0.817   1.00 34.00 ? 70  GLU B N   1 
ATOM   1182 C  CA  . GLU B 1 70 ? -21.132 6.869   0.798   1.00 37.80 ? 70  GLU B CA  1 
ATOM   1183 C  C   . GLU B 1 70 ? -21.461 5.829   -0.259  1.00 31.78 ? 70  GLU B C   1 
ATOM   1184 O  O   . GLU B 1 70 ? -21.021 5.913   -1.399  1.00 37.09 ? 70  GLU B O   1 
ATOM   1185 C  CB  . GLU B 1 70 ? -21.855 8.165   0.506   1.00 46.74 ? 70  GLU B CB  1 
ATOM   1186 C  CG  . GLU B 1 70 ? -23.228 8.239   1.069   1.00 50.22 ? 70  GLU B CG  1 
ATOM   1187 C  CD  . GLU B 1 70 ? -23.551 9.652   1.434   1.00 67.19 ? 70  GLU B CD  1 
ATOM   1188 O  OE1 . GLU B 1 70 ? -22.673 10.301  2.039   1.00 73.50 ? 70  GLU B OE1 1 
ATOM   1189 O  OE2 . GLU B 1 70 ? -24.670 10.111  1.131   1.00 77.89 ? 70  GLU B OE2 1 
ATOM   1190 N  N   . LEU B 1 71 ? -22.199 4.808   0.151   1.00 30.03 ? 71  LEU B N   1 
ATOM   1191 C  CA  . LEU B 1 71 ? -22.604 3.733   -0.747  1.00 34.46 ? 71  LEU B CA  1 
ATOM   1192 C  C   . LEU B 1 71 ? -24.090 3.686   -0.552  1.00 33.53 ? 71  LEU B C   1 
ATOM   1193 O  O   . LEU B 1 71 ? -24.559 3.239   0.492   1.00 31.71 ? 71  LEU B O   1 
ATOM   1194 C  CB  . LEU B 1 71 ? -21.996 2.392   -0.329  1.00 34.03 ? 71  LEU B CB  1 
ATOM   1195 C  CG  . LEU B 1 71 ? -20.560 2.037   -0.699  1.00 60.25 ? 71  LEU B CG  1 
ATOM   1196 C  CD1 . LEU B 1 71 ? -20.393 0.528   -0.498  1.00 68.56 ? 71  LEU B CD1 1 
ATOM   1197 C  CD2 . LEU B 1 71 ? -20.261 2.400   -2.157  1.00 60.62 ? 71  LEU B CD2 1 
ATOM   1198 N  N   . GLU B 1 72 ? -24.818 4.154   -1.556  1.00 35.23 ? 72  GLU B N   1 
ATOM   1199 C  CA  . GLU B 1 72 ? -26.272 4.236   -1.514  1.00 37.35 ? 72  GLU B CA  1 
ATOM   1200 C  C   . GLU B 1 72 ? -26.649 5.079   -0.287  1.00 33.87 ? 72  GLU B C   1 
ATOM   1201 O  O   . GLU B 1 72 ? -26.221 6.225   -0.210  1.00 35.29 ? 72  GLU B O   1 
ATOM   1202 C  CB  . GLU B 1 72 ? -26.913 2.839   -1.520  1.00 44.43 ? 72  GLU B CB  1 
ATOM   1203 C  CG  . GLU B 1 72 ? -26.509 2.004   -2.753  1.00 46.83 ? 72  GLU B CG  1 
ATOM   1204 C  CD  . GLU B 1 72 ? -27.477 0.859   -3.085  1.00 58.30 ? 72  GLU B CD  1 
ATOM   1205 O  OE1 . GLU B 1 72 ? -28.095 0.284   -2.159  1.00 37.59 ? 72  GLU B OE1 1 
ATOM   1206 O  OE2 . GLU B 1 72 ? -27.609 0.522   -4.283  1.00 52.56 ? 72  GLU B OE2 1 
ATOM   1207 N  N   . ASN B 1 73 ? -27.427 4.571   0.664   1.00 28.61 ? 73  ASN B N   1 
ATOM   1208 C  CA  . ASN B 1 73 ? -27.764 5.430   1.807   1.00 31.62 ? 73  ASN B CA  1 
ATOM   1209 C  C   . ASN B 1 73 ? -26.887 5.173   3.039   1.00 36.14 ? 73  ASN B C   1 
ATOM   1210 O  O   . ASN B 1 73 ? -27.207 5.609   4.140   1.00 34.15 ? 73  ASN B O   1 
ATOM   1211 C  CB  . ASN B 1 73 ? -29.259 5.297   2.183   1.00 33.44 ? 73  ASN B CB  1 
ATOM   1212 C  CG  . ASN B 1 73 ? -29.623 3.920   2.729   1.00 33.87 ? 73  ASN B CG  1 
ATOM   1213 O  OD1 . ASN B 1 73 ? -29.014 2.921   2.362   1.00 36.43 ? 73  ASN B OD1 1 
ATOM   1214 N  ND2 . ASN B 1 73 ? -30.640 3.864   3.594   1.00 31.71 ? 73  ASN B ND2 1 
ATOM   1215 N  N   . GLU B 1 74 ? -25.776 4.476   2.829   1.00 23.58 ? 74  GLU B N   1 
ATOM   1216 C  CA  . GLU B 1 74 ? -24.844 4.131   3.902   1.00 25.29 ? 74  GLU B CA  1 
ATOM   1217 C  C   . GLU B 1 74 ? -23.490 4.822   3.821   1.00 33.27 ? 74  GLU B C   1 
ATOM   1218 O  O   . GLU B 1 74 ? -22.963 5.063   2.735   1.00 28.78 ? 74  GLU B O   1 
ATOM   1219 C  CB  . GLU B 1 74 ? -24.563 2.616   3.909   1.00 25.55 ? 74  GLU B CB  1 
ATOM   1220 C  CG  . GLU B 1 74 ? -25.715 1.776   4.357   1.00 27.82 ? 74  GLU B CG  1 
ATOM   1221 C  CD  . GLU B 1 74 ? -25.477 0.309   4.104   1.00 35.30 ? 74  GLU B CD  1 
ATOM   1222 O  OE1 . GLU B 1 74 ? -24.296 -0.101  4.096   1.00 28.55 ? 74  GLU B OE1 1 
ATOM   1223 O  OE2 . GLU B 1 74 ? -26.461 -0.432  3.926   1.00 33.56 ? 74  GLU B OE2 1 
ATOM   1224 N  N   . GLU B 1 75 ? -22.940 5.123   4.996   1.00 24.04 ? 75  GLU B N   1 
ATOM   1225 C  CA  . GLU B 1 75 ? -21.602 5.694   5.105   1.00 28.93 ? 75  GLU B CA  1 
ATOM   1226 C  C   . GLU B 1 75 ? -20.765 4.459   5.432   1.00 32.29 ? 75  GLU B C   1 
ATOM   1227 O  O   . GLU B 1 75 ? -21.151 3.666   6.277   1.00 33.77 ? 75  GLU B O   1 
ATOM   1228 C  CB  . GLU B 1 75 ? -21.534 6.699   6.265   1.00 31.59 ? 75  GLU B CB  1 
ATOM   1229 C  CG  . GLU B 1 75 ? -20.147 7.322   6.468   1.00 39.26 ? 75  GLU B CG  1 
ATOM   1230 C  CD  . GLU B 1 75 ? -20.204 8.561   7.343   1.00 37.52 ? 75  GLU B CD  1 
ATOM   1231 O  OE1 . GLU B 1 75 ? -20.831 9.552   6.921   1.00 48.69 ? 75  GLU B OE1 1 
ATOM   1232 O  OE2 . GLU B 1 75 ? -19.633 8.538   8.453   1.00 59.87 ? 75  GLU B OE2 1 
ATOM   1233 N  N   . ARG B 1 76 ? -19.625 4.290   4.779   1.00 25.35 ? 76  ARG B N   1 
ATOM   1234 C  CA  . ARG B 1 76 ? -18.807 3.114   4.998   1.00 32.51 ? 76  ARG B CA  1 
ATOM   1235 C  C   . ARG B 1 76 ? -17.348 3.526   5.123   1.00 30.18 ? 76  ARG B C   1 
ATOM   1236 O  O   . ARG B 1 76 ? -16.913 4.435   4.453   1.00 26.64 ? 76  ARG B O   1 
ATOM   1237 C  CB  . ARG B 1 76 ? -18.955 2.171   3.796   1.00 39.58 ? 76  ARG B CB  1 
ATOM   1238 C  CG  . ARG B 1 76 ? -20.412 1.777   3.458   1.00 37.76 ? 76  ARG B CG  1 
ATOM   1239 C  CD  . ARG B 1 76 ? -20.981 0.722   4.423   1.00 48.48 ? 76  ARG B CD  1 
ATOM   1240 N  NE  . ARG B 1 76 ? -20.310 -0.557  4.214   1.00 50.26 ? 76  ARG B NE  1 
ATOM   1241 C  CZ  . ARG B 1 76 ? -20.688 -1.472  3.324   1.00 58.87 ? 76  ARG B CZ  1 
ATOM   1242 N  NH1 . ARG B 1 76 ? -21.761 -1.295  2.550   1.00 44.57 ? 76  ARG B NH1 1 
ATOM   1243 N  NH2 . ARG B 1 76 ? -19.962 -2.568  3.189   1.00 62.22 ? 76  ARG B NH2 1 
ATOM   1244 N  N   . THR B 1 77 ? -16.601 2.862   5.992   1.00 29.50 ? 77  THR B N   1 
ATOM   1245 C  CA  . THR B 1 77 ? -15.183 3.188   6.128   1.00 29.75 ? 77  THR B CA  1 
ATOM   1246 C  C   . THR B 1 77 ? -14.483 2.315   5.094   1.00 31.52 ? 77  THR B C   1 
ATOM   1247 O  O   . THR B 1 77 ? -14.662 1.098   5.053   1.00 34.92 ? 77  THR B O   1 
ATOM   1248 C  CB  . THR B 1 77 ? -14.626 2.847   7.509   1.00 39.49 ? 77  THR B CB  1 
ATOM   1249 O  OG1 . THR B 1 77 ? -14.557 1.427   7.663   1.00 58.97 ? 77  THR B OG1 1 
ATOM   1250 C  CG2 . THR B 1 77 ? -15.504 3.425   8.575   1.00 34.10 ? 77  THR B CG2 1 
ATOM   1251 N  N   . ALA B 1 78 ? -13.703 2.954   4.245   1.00 28.46 ? 78  ALA B N   1 
ATOM   1252 C  CA  . ALA B 1 78 ? -13.010 2.260   3.180   1.00 28.96 ? 78  ALA B CA  1 
ATOM   1253 C  C   . ALA B 1 78 ? -11.535 2.604   3.268   1.00 27.37 ? 78  ALA B C   1 
ATOM   1254 O  O   . ALA B 1 78 ? -11.120 3.362   4.124   1.00 23.21 ? 78  ALA B O   1 
ATOM   1255 C  CB  . ALA B 1 78 ? -13.565 2.719   1.861   1.00 29.28 ? 78  ALA B CB  1 
ATOM   1256 N  N   . LEU B 1 79 ? -10.742 2.029   2.378   1.00 23.63 ? 79  LEU B N   1 
ATOM   1257 C  CA  . LEU B 1 79 ? -9.318  2.323   2.363   1.00 20.22 ? 79  LEU B CA  1 
ATOM   1258 C  C   . LEU B 1 79 ? -9.055  3.011   1.035   1.00 25.89 ? 79  LEU B C   1 
ATOM   1259 O  O   . LEU B 1 79 ? -9.647  2.665   0.015   1.00 24.91 ? 79  LEU B O   1 
ATOM   1260 C  CB  . LEU B 1 79 ? -8.491  1.034   2.467   1.00 26.54 ? 79  LEU B CB  1 
ATOM   1261 C  CG  . LEU B 1 79 ? -8.275  0.442   3.869   1.00 35.79 ? 79  LEU B CG  1 
ATOM   1262 C  CD1 . LEU B 1 79 ? -7.728  -0.971  3.783   1.00 34.79 ? 79  LEU B CD1 1 
ATOM   1263 C  CD2 . LEU B 1 79 ? -7.296  1.343   4.632   1.00 39.30 ? 79  LEU B CD2 1 
ATOM   1264 N  N   . LYS B 1 80 ? -8.231  4.043   1.053   1.00 23.87 ? 80  LYS B N   1 
ATOM   1265 C  CA  . LYS B 1 80 ? -7.907  4.676   -0.202  1.00 23.48 ? 80  LYS B CA  1 
ATOM   1266 C  C   . LYS B 1 80 ? -6.397  4.753   -0.286  1.00 25.21 ? 80  LYS B C   1 
ATOM   1267 O  O   . LYS B 1 80 ? -5.705  4.851   0.730   1.00 25.24 ? 80  LYS B O   1 
ATOM   1268 C  CB  . LYS B 1 80 ? -8.557  6.061   -0.323  1.00 27.96 ? 80  LYS B CB  1 
ATOM   1269 C  CG  . LYS B 1 80 ? -7.829  7.230   0.255   1.00 47.90 ? 80  LYS B CG  1 
ATOM   1270 C  CD  . LYS B 1 80 ? -8.609  8.501   -0.138  1.00 55.32 ? 80  LYS B CD  1 
ATOM   1271 C  CE  . LYS B 1 80 ? -7.758  9.756   -0.092  1.00 50.38 ? 80  LYS B CE  1 
ATOM   1272 N  NZ  . LYS B 1 80 ? -8.559  10.980  -0.414  1.00 44.44 ? 80  LYS B NZ  1 
ATOM   1273 N  N   . PHE B 1 81 ? -5.905  4.655   -1.510  1.00 19.31 ? 81  PHE B N   1 
ATOM   1274 C  CA  . PHE B 1 81 ? -4.486  4.706   -1.801  1.00 19.70 ? 81  PHE B CA  1 
ATOM   1275 C  C   . PHE B 1 81 ? -4.238  5.915   -2.691  1.00 23.79 ? 81  PHE B C   1 
ATOM   1276 O  O   . PHE B 1 81 ? -4.792  5.982   -3.801  1.00 27.25 ? 81  PHE B O   1 
ATOM   1277 C  CB  . PHE B 1 81 ? -4.042  3.451   -2.567  1.00 26.10 ? 81  PHE B CB  1 
ATOM   1278 C  CG  . PHE B 1 81 ? -4.304  2.158   -1.832  1.00 32.30 ? 81  PHE B CG  1 
ATOM   1279 C  CD1 . PHE B 1 81 ? -5.567  1.579   -1.840  1.00 32.53 ? 81  PHE B CD1 1 
ATOM   1280 C  CD2 . PHE B 1 81 ? -3.285  1.528   -1.129  1.00 28.61 ? 81  PHE B CD2 1 
ATOM   1281 C  CE1 . PHE B 1 81 ? -5.813  0.385   -1.156  1.00 38.40 ? 81  PHE B CE1 1 
ATOM   1282 C  CE2 . PHE B 1 81 ? -3.521  0.335   -0.441  1.00 30.23 ? 81  PHE B CE2 1 
ATOM   1283 C  CZ  . PHE B 1 81 ? -4.779  -0.233  -0.457  1.00 31.61 ? 81  PHE B CZ  1 
ATOM   1284 N  N   . SER B 1 82 ? -3.462  6.880   -2.204  1.00 19.28 ? 82  SER B N   1 
ATOM   1285 C  CA  . SER B 1 82 ? -3.125  8.048   -3.023  1.00 30.07 ? 82  SER B CA  1 
ATOM   1286 C  C   . SER B 1 82 ? -1.832  7.594   -3.688  1.00 28.35 ? 82  SER B C   1 
ATOM   1287 O  O   . SER B 1 82 ? -0.868  7.248   -2.998  1.00 26.30 ? 82  SER B O   1 
ATOM   1288 C  CB  . SER B 1 82 ? -2.871  9.294   -2.165  1.00 27.88 ? 82  SER B CB  1 
ATOM   1289 O  OG  . SER B 1 82 ? -3.991  9.577   -1.337  1.00 44.29 ? 82  SER B OG  1 
ATOM   1290 N  N   . ILE B 1 83 ? -1.825  7.580   -5.017  1.00 22.79 ? 83  ILE B N   1 
ATOM   1291 C  CA  . ILE B 1 83 ? -0.673  7.123   -5.760  1.00 23.76 ? 83  ILE B CA  1 
ATOM   1292 C  C   . ILE B 1 83 ? -0.078  8.251   -6.585  1.00 34.83 ? 83  ILE B C   1 
ATOM   1293 O  O   . ILE B 1 83 ? -0.785  8.937   -7.341  1.00 27.42 ? 83  ILE B O   1 
ATOM   1294 C  CB  . ILE B 1 83 ? -1.053  5.972   -6.695  1.00 28.09 ? 83  ILE B CB  1 
ATOM   1295 C  CG1 . ILE B 1 83 ? -1.859  4.917   -5.919  1.00 25.34 ? 83  ILE B CG1 1 
ATOM   1296 C  CG2 . ILE B 1 83 ? 0.210   5.338   -7.296  1.00 25.30 ? 83  ILE B CG2 1 
ATOM   1297 C  CD1 . ILE B 1 83 ? -2.352  3.793   -6.785  1.00 22.69 ? 83  ILE B CD1 1 
ATOM   1298 N  N   . LYS B 1 84 ? 1.221   8.457   -6.423  1.00 24.62 ? 84  LYS B N   1 
ATOM   1299 C  CA  . LYS B 1 84 ? 1.905   9.517   -7.171  1.00 27.63 ? 84  LYS B CA  1 
ATOM   1300 C  C   . LYS B 1 84 ? 3.081   8.969   -7.960  1.00 33.23 ? 84  LYS B C   1 
ATOM   1301 O  O   . LYS B 1 84 ? 3.800   8.098   -7.480  1.00 30.91 ? 84  LYS B O   1 
ATOM   1302 C  CB  . LYS B 1 84 ? 2.406   10.601  -6.210  1.00 31.59 ? 84  LYS B CB  1 
ATOM   1303 N  N   . ALA B 1 85 ? 3.267   9.481   -9.172  1.00 32.94 ? 85  ALA B N   1 
ATOM   1304 C  CA  . ALA B 1 85 ? 4.378   9.062   -10.005 1.00 41.80 ? 85  ALA B CA  1 
ATOM   1305 C  C   . ALA B 1 85 ? 5.626   9.652   -9.366  1.00 51.55 ? 85  ALA B C   1 
ATOM   1306 O  O   . ALA B 1 85 ? 5.632   10.775  -8.830  1.00 42.05 ? 85  ALA B O   1 
ATOM   1307 C  CB  . ALA B 1 85 ? 4.213   9.557   -11.437 1.00 52.82 ? 85  ALA B CB  1 
ATOM   1308 N  N   . HIS B 1 86 ? 6.684   8.858   -9.417  1.00 46.99 ? 86  HIS B N   1 
ATOM   1309 C  CA  . HIS B 1 86 ? 7.959   9.193   -8.811  1.00 52.79 ? 86  HIS B CA  1 
ATOM   1310 C  C   . HIS B 1 86 ? 9.017   8.778   -9.822  1.00 55.77 ? 86  HIS B C   1 
ATOM   1311 O  O   . HIS B 1 86 ? 9.272   7.594   -9.961  1.00 66.54 ? 86  HIS B O   1 
ATOM   1312 C  CB  . HIS B 1 86 ? 8.071   8.352   -7.527  1.00 54.34 ? 86  HIS B CB  1 
ATOM   1313 C  CG  . HIS B 1 86 ? 9.328   8.556   -6.738  1.00 64.44 ? 86  HIS B CG  1 
ATOM   1314 N  ND1 . HIS B 1 86 ? 9.543   9.667   -5.957  1.00 74.73 ? 86  HIS B ND1 1 
ATOM   1315 C  CD2 . HIS B 1 86 ? 10.370  7.719   -6.500  1.00 67.70 ? 86  HIS B CD2 1 
ATOM   1316 C  CE1 . HIS B 1 86 ? 10.657  9.505   -5.260  1.00 73.93 ? 86  HIS B CE1 1 
ATOM   1317 N  NE2 . HIS B 1 86 ? 11.174  8.330   -5.572  1.00 70.86 ? 86  HIS B NE2 1 
ATOM   1318 N  N   . PRO B 1 87 ? 9.619   9.729   -10.570 1.00 63.03 ? 87  PRO B N   1 
ATOM   1319 C  CA  . PRO B 1 87 ? 10.635  9.254   -11.520 1.00 69.48 ? 87  PRO B CA  1 
ATOM   1320 C  C   . PRO B 1 87 ? 11.716  8.434   -10.808 1.00 56.70 ? 87  PRO B C   1 
ATOM   1321 O  O   . PRO B 1 87 ? 12.365  8.908   -9.861  1.00 63.43 ? 87  PRO B O   1 
ATOM   1322 C  CB  . PRO B 1 87 ? 11.151  10.546  -12.155 1.00 65.52 ? 87  PRO B CB  1 
ATOM   1323 C  CG  . PRO B 1 87 ? 9.891   11.359  -12.251 1.00 70.14 ? 87  PRO B CG  1 
ATOM   1324 C  CD  . PRO B 1 87 ? 9.234   11.121  -10.873 1.00 77.70 ? 87  PRO B CD  1 
ATOM   1325 N  N   . LEU B 1 88 ? 11.846  7.188   -11.271 1.00 58.03 ? 88  LEU B N   1 
ATOM   1326 C  CA  . LEU B 1 88 ? 12.774  6.169   -10.760 1.00 63.34 ? 88  LEU B CA  1 
ATOM   1327 C  C   . LEU B 1 88 ? 14.112  6.641   -10.197 1.00 64.22 ? 88  LEU B C   1 
ATOM   1328 O  O   . LEU B 1 88 ? 14.515  7.761   -10.457 1.00 73.31 ? 88  LEU B O   1 
ATOM   1329 C  CB  . LEU B 1 88 ? 13.041  5.135   -11.859 1.00 60.65 ? 88  LEU B CB  1 
ATOM   1330 C  CG  . LEU B 1 88 ? 12.687  3.671   -11.577 1.00 54.90 ? 88  LEU B CG  1 
ATOM   1331 C  CD1 . LEU B 1 88 ? 13.557  2.816   -12.491 1.00 59.07 ? 88  LEU B CD1 1 
ATOM   1332 C  CD2 . LEU B 1 88 ? 12.935  3.286   -10.129 1.00 65.71 ? 88  LEU B CD2 1 
ATOM   1333 N  N   . GLU B 1 89 ? 14.800  5.769   -9.447  1.00 60.23 ? 89  GLU B N   1 
ATOM   1334 C  CA  . GLU B 1 89 ? 16.107  6.088   -8.850  1.00 61.90 ? 89  GLU B CA  1 
ATOM   1335 C  C   . GLU B 1 89 ? 16.932  4.809   -8.877  1.00 56.22 ? 89  GLU B C   1 
ATOM   1336 O  O   . GLU B 1 89 ? 16.464  3.767   -9.344  1.00 64.73 ? 89  GLU B O   1 
ATOM   1337 C  CB  . GLU B 1 89 ? 15.914  6.623   -7.407  1.00 54.10 ? 89  GLU B CB  1 
ATOM   1338 C  CG  . GLU B 1 89 ? 15.032  5.711   -6.547  1.00 58.21 ? 89  GLU B CG  1 
ATOM   1339 C  CD  . GLU B 1 89 ? 13.992  6.433   -5.676  1.00 57.80 ? 89  GLU B CD  1 
ATOM   1340 O  OE1 . GLU B 1 89 ? 13.528  7.538   -6.023  1.00 53.08 ? 89  GLU B OE1 1 
ATOM   1341 O  OE2 . GLU B 1 89 ? 13.619  5.861   -4.619  1.00 66.68 ? 89  GLU B OE2 1 
ATOM   1342 N  N   . THR B 1 90 ? 18.146  4.866   -8.349  1.00 51.90 ? 90  THR B N   1 
ATOM   1343 C  CA  . THR B 1 90 ? 19.062  3.760   -8.375  1.00 54.37 ? 90  THR B CA  1 
ATOM   1344 C  C   . THR B 1 90 ? 19.555  3.692   -6.969  1.00 52.59 ? 90  THR B C   1 
ATOM   1345 O  O   . THR B 1 90 ? 18.918  4.495   -6.208  1.00 68.69 ? 90  THR B O   1 
ATOM   1346 C  CB  . THR B 1 90 ? 20.206  4.133   -9.258  1.00 52.95 ? 90  THR B CB  1 
ATOM   1347 O  OG1 . THR B 1 90 ? 20.191  5.558   -9.351  1.00 62.96 ? 90  THR B OG1 1 
ATOM   1348 C  CG2 . THR B 1 90 ? 20.053  3.595   -10.680 1.00 49.43 ? 90  THR B CG2 1 
HETATM 1349 ZN ZN  . ZN  C 2 .  ? 2.072   -25.030 3.135   1.00 53.00 ? 102 ZN  A ZN  1 
HETATM 1350 ZN ZN  . ZN  D 2 .  ? -25.705 -2.286  3.559   1.00 36.32 ? 101 ZN  B ZN  1 
HETATM 1351 ZN ZN  . ZN  E 2 .  ? -21.311 11.671  7.766   0.50 51.61 ? 103 ZN  B ZN  1 
HETATM 1352 O  O   . HOH F 3 .  ? 14.842  -8.194  2.957   1.00 9.28  ? 103 HOH A O   1 
HETATM 1353 O  O   . HOH F 3 .  ? 16.077  -5.563  4.356   1.00 15.22 ? 104 HOH A O   1 
HETATM 1354 O  O   . HOH F 3 .  ? 7.299   12.822  19.462  1.00 23.52 ? 105 HOH A O   1 
HETATM 1355 O  O   . HOH F 3 .  ? 18.051  -6.130  6.510   1.00 28.76 ? 106 HOH A O   1 
HETATM 1356 O  O   . HOH F 3 .  ? 17.205  0.983   2.745   1.00 27.12 ? 107 HOH A O   1 
HETATM 1357 O  O   . HOH F 3 .  ? -6.085  -3.582  16.047  1.00 31.32 ? 108 HOH A O   1 
HETATM 1358 O  O   . HOH F 3 .  ? 8.950   14.914  20.715  1.00 34.64 ? 109 HOH A O   1 
HETATM 1359 O  O   . HOH F 3 .  ? 14.764  -0.881  8.642   1.00 34.10 ? 110 HOH A O   1 
HETATM 1360 O  O   . HOH F 3 .  ? 1.365   -13.425 5.890   1.00 33.85 ? 111 HOH A O   1 
HETATM 1361 O  O   . HOH F 3 .  ? 5.268   -22.775 -4.420  1.00 40.06 ? 112 HOH A O   1 
HETATM 1362 O  O   . HOH F 3 .  ? -0.532  -8.497  16.346  1.00 40.42 ? 113 HOH A O   1 
HETATM 1363 O  O   . HOH F 3 .  ? 5.986   -6.715  -8.100  1.00 38.60 ? 114 HOH A O   1 
HETATM 1364 O  O   . HOH F 3 .  ? 15.399  -23.328 3.306   1.00 42.85 ? 115 HOH A O   1 
HETATM 1365 O  O   . HOH F 3 .  ? 2.221   10.974  8.824   1.00 43.45 ? 116 HOH A O   1 
HETATM 1366 O  O   . HOH F 3 .  ? 10.419  17.902  20.976  1.00 41.39 ? 117 HOH A O   1 
HETATM 1367 O  O   . HOH F 3 .  ? 12.831  25.641  5.171   1.00 47.11 ? 118 HOH A O   1 
HETATM 1368 O  O   . HOH F 3 .  ? -6.210  -14.683 4.016   1.00 48.22 ? 119 HOH A O   1 
HETATM 1369 O  O   . HOH F 3 .  ? 8.774   -3.214  -2.559  1.00 42.78 ? 120 HOH A O   1 
HETATM 1370 O  O   . HOH F 3 .  ? 15.139  -3.222  15.326  1.00 39.99 ? 121 HOH A O   1 
HETATM 1371 O  O   . HOH F 3 .  ? 10.925  25.567  3.094   1.00 47.34 ? 122 HOH A O   1 
HETATM 1372 O  O   . HOH F 3 .  ? 14.667  -8.389  9.400   1.00 40.56 ? 123 HOH A O   1 
HETATM 1373 O  O   . HOH F 3 .  ? 1.849   -9.915  14.474  1.00 56.81 ? 124 HOH A O   1 
HETATM 1374 O  O   . HOH F 3 .  ? 11.353  -7.562  13.121  1.00 67.70 ? 125 HOH A O   1 
HETATM 1375 O  O   . HOH F 3 .  ? 13.039  24.787  1.653   1.00 66.35 ? 126 HOH A O   1 
HETATM 1376 O  O   . HOH F 3 .  ? -10.787 -1.984  10.807  1.00 63.38 ? 127 HOH A O   1 
HETATM 1377 O  O   . HOH F 3 .  ? 15.034  6.586   4.962   1.00 67.65 ? 128 HOH A O   1 
HETATM 1378 O  O   . HOH F 3 .  ? -0.335  -21.900 -2.304  1.00 68.12 ? 129 HOH A O   1 
HETATM 1379 O  O   . HOH F 3 .  ? 18.232  6.447   10.428  1.00 70.70 ? 130 HOH A O   1 
HETATM 1380 O  O   . HOH F 3 .  ? 19.563  5.090   13.446  1.00 71.97 ? 131 HOH A O   1 
HETATM 1381 O  O   . HOH F 3 .  ? 15.325  -0.961  15.589  1.00 36.66 ? 132 HOH A O   1 
HETATM 1382 O  O   . HOH F 3 .  ? 2.666   -9.034  17.597  1.00 55.57 ? 133 HOH A O   1 
HETATM 1383 O  O   . HOH F 3 .  ? 17.444  -0.228  8.153   1.00 39.61 ? 134 HOH A O   1 
HETATM 1384 O  O   . HOH F 3 .  ? 4.064   -14.303 6.939   1.00 67.10 ? 135 HOH A O   1 
HETATM 1385 O  O   . HOH F 3 .  ? 1.837   -11.154 19.962  1.00 45.81 ? 136 HOH A O   1 
HETATM 1386 O  O   . HOH F 3 .  ? 2.784   -15.753 7.852   1.00 54.50 ? 137 HOH A O   1 
HETATM 1387 O  O   . HOH F 3 .  ? 3.482   -14.971 10.672  1.00 65.61 ? 138 HOH A O   1 
HETATM 1388 O  O   . HOH F 3 .  ? 2.488   -16.259 11.822  1.00 61.00 ? 139 HOH A O   1 
HETATM 1389 O  O   . HOH F 3 .  ? 0.802   -17.142 12.974  1.00 56.76 ? 140 HOH A O   1 
HETATM 1390 O  O   . HOH F 3 .  ? 20.125  2.273   14.254  1.00 56.41 ? 141 HOH A O   1 
HETATM 1391 O  O   . HOH G 3 .  ? -12.658 9.056   -13.135 0.50 11.59 ? 104 HOH B O   1 
HETATM 1392 O  O   . HOH G 3 .  ? -29.298 -1.173  -4.660  1.00 19.09 ? 105 HOH B O   1 
HETATM 1393 O  O   . HOH G 3 .  ? -12.187 12.028  -14.299 1.00 19.54 ? 106 HOH B O   1 
HETATM 1394 O  O   . HOH G 3 .  ? -24.306 12.534  2.208   0.50 30.07 ? 107 HOH B O   1 
HETATM 1395 O  O   . HOH G 3 .  ? -30.435 -1.529  -7.389  1.00 38.23 ? 108 HOH B O   1 
HETATM 1396 O  O   . HOH G 3 .  ? -12.702 14.321  -12.298 0.50 42.32 ? 109 HOH B O   1 
HETATM 1397 O  O   . HOH G 3 .  ? -20.480 10.024  9.816   1.00 40.96 ? 110 HOH B O   1 
HETATM 1398 O  O   . HOH G 3 .  ? -3.265  9.771   1.518   1.00 49.78 ? 111 HOH B O   1 
HETATM 1399 O  O   . HOH G 3 .  ? -13.984 -7.275  -0.732  1.00 40.22 ? 112 HOH B O   1 
HETATM 1400 O  O   . HOH G 3 .  ? -6.009  -9.826  -13.654 1.00 49.23 ? 113 HOH B O   1 
HETATM 1401 O  O   . HOH G 3 .  ? -14.360 -1.670  -3.080  1.00 50.95 ? 114 HOH B O   1 
HETATM 1402 O  O   . HOH G 3 .  ? -18.082 0.596   7.917   1.00 56.06 ? 115 HOH B O   1 
HETATM 1403 O  O   . HOH G 3 .  ? -13.697 2.689   -11.333 1.00 50.40 ? 116 HOH B O   1 
HETATM 1404 O  O   . HOH G 3 .  ? -5.642  12.466  -10.600 1.00 53.72 ? 117 HOH B O   1 
HETATM 1405 O  O   . HOH G 3 .  ? 11.028  -1.137  -3.939  1.00 55.74 ? 118 HOH B O   1 
HETATM 1406 O  O   . HOH G 3 .  ? -25.603 7.782   -2.189  1.00 57.06 ? 119 HOH B O   1 
HETATM 1407 O  O   . HOH G 3 .  ? -4.108  -13.611 -3.113  1.00 63.80 ? 120 HOH B O   1 
HETATM 1408 O  O   . HOH G 3 .  ? -9.414  13.761  -5.843  1.00 61.81 ? 121 HOH B O   1 
HETATM 1409 O  O   . HOH G 3 .  ? -2.030  16.509  -6.069  1.00 53.60 ? 122 HOH B O   1 
HETATM 1410 O  O   . HOH G 3 .  ? -6.579  -6.486  -19.739 1.00 62.83 ? 123 HOH B O   1 
HETATM 1411 O  O   . HOH G 3 .  ? -11.621 -0.547  7.713   1.00 62.12 ? 124 HOH B O   1 
HETATM 1412 O  O   . HOH G 3 .  ? -26.472 11.949  0.202   1.00 58.91 ? 125 HOH B O   1 
HETATM 1413 O  O   . HOH G 3 .  ? -12.287 13.236  -9.015  1.00 66.92 ? 126 HOH B O   1 
HETATM 1414 O  O   . HOH G 3 .  ? 11.734  7.180   -3.355  1.00 62.93 ? 127 HOH B O   1 
HETATM 1415 O  O   . HOH G 3 .  ? -29.954 0.844   -5.644  1.00 75.70 ? 128 HOH B O   1 
HETATM 1416 O  O   . HOH G 3 .  ? 13.878  2.397   -16.028 1.00 66.97 ? 129 HOH B O   1 
HETATM 1417 O  O   . HOH G 3 .  ? 17.675  7.227   -13.980 1.00 61.36 ? 130 HOH B O   1 
HETATM 1418 O  O   . HOH G 3 .  ? -23.382 6.045   -3.860  1.00 46.15 ? 131 HOH B O   1 
HETATM 1419 O  O   . HOH G 3 .  ? -6.292  7.389   7.627   1.00 37.47 ? 132 HOH B O   1 
HETATM 1420 O  O   . HOH G 3 .  ? -14.570 7.131   12.614  1.00 58.06 ? 133 HOH B O   1 
HETATM 1421 O  O   . HOH G 3 .  ? 19.697  2.429   -5.099  1.00 32.97 ? 134 HOH B O   1 
# 
loop_
_pdbx_poly_seq_scheme.asym_id 
_pdbx_poly_seq_scheme.entity_id 
_pdbx_poly_seq_scheme.seq_id 
_pdbx_poly_seq_scheme.mon_id 
_pdbx_poly_seq_scheme.ndb_seq_num 
_pdbx_poly_seq_scheme.pdb_seq_num 
_pdbx_poly_seq_scheme.auth_seq_num 
_pdbx_poly_seq_scheme.pdb_mon_id 
_pdbx_poly_seq_scheme.auth_mon_id 
_pdbx_poly_seq_scheme.pdb_strand_id 
_pdbx_poly_seq_scheme.pdb_ins_code 
_pdbx_poly_seq_scheme.hetero 
A 1 1  MET 1  1  1  MET MET A . n 
A 1 2  GLU 2  2  2  GLU GLU A . n 
A 1 3  THR 3  3  3  THR THR A . n 
A 1 4  LEU 4  4  4  LEU LEU A . n 
A 1 5  ARG 5  5  5  ARG ARG A . n 
A 1 6  VAL 6  6  6  VAL VAL A . n 
A 1 7  SER 7  7  7  SER SER A . n 
A 1 8  SER 8  8  8  SER SER A . n 
A 1 9  LYS 9  9  9  LYS LYS A . n 
A 1 10 SER 10 10 10 SER SER A . n 
A 1 11 ARG 11 11 11 ARG ARG A . n 
A 1 12 PRO 12 12 12 PRO PRO A . n 
A 1 13 ASN 13 13 13 ASN ASN A . n 
A 1 14 SER 14 14 14 SER SER A . n 
A 1 15 VAL 15 15 15 VAL VAL A . n 
A 1 16 ALA 16 16 16 ALA ALA A . n 
A 1 17 GLY 17 17 17 GLY GLY A . n 
A 1 18 ALA 18 18 18 ALA ALA A . n 
A 1 19 ILE 19 19 19 ILE ILE A . n 
A 1 20 ALA 20 20 20 ALA ALA A . n 
A 1 21 ALA 21 21 21 ALA ALA A . n 
A 1 22 MET 22 22 22 MET MET A . n 
A 1 23 LEU 23 23 23 LEU LEU A . n 
A 1 24 ARG 24 24 24 ARG ARG A . n 
A 1 25 THR 25 25 25 THR THR A . n 
A 1 26 LYS 26 26 26 LYS LYS A . n 
A 1 27 GLY 27 27 27 GLY GLY A . n 
A 1 28 GLU 28 28 28 GLU GLU A . n 
A 1 29 VAL 29 29 29 VAL VAL A . n 
A 1 30 GLU 30 30 30 GLU GLU A . n 
A 1 31 VAL 31 31 31 VAL VAL A . n 
A 1 32 GLN 32 32 32 GLN GLN A . n 
A 1 33 ALA 33 33 33 ALA ALA A . n 
A 1 34 ILE 34 34 34 ILE ILE A . n 
A 1 35 GLY 35 35 35 GLY GLY A . n 
A 1 36 PRO 36 36 36 PRO PRO A . n 
A 1 37 GLN 37 37 37 GLN GLN A . n 
A 1 38 ALA 38 38 38 ALA ALA A . n 
A 1 39 VAL 39 39 39 VAL VAL A . n 
A 1 40 ASN 40 40 40 ASN ASN A . n 
A 1 41 GLN 41 41 41 GLN GLN A . n 
A 1 42 ALA 42 42 42 ALA ALA A . n 
A 1 43 VAL 43 43 43 VAL VAL A . n 
A 1 44 LYS 44 44 44 LYS LYS A . n 
A 1 45 ALA 45 45 45 ALA ALA A . n 
A 1 46 ILE 46 46 46 ILE ILE A . n 
A 1 47 ALA 47 47 47 ALA ALA A . n 
A 1 48 ILE 48 48 48 ILE ILE A . n 
A 1 49 ALA 49 49 49 ALA ALA A . n 
A 1 50 ARG 50 50 50 ARG ARG A . n 
A 1 51 GLY 51 51 51 GLY GLY A . n 
A 1 52 TYR 52 52 52 TYR TYR A . n 
A 1 53 ILE 53 53 53 ILE ILE A . n 
A 1 54 ALA 54 54 54 ALA ALA A . n 
A 1 55 PRO 55 55 55 PRO PRO A . n 
A 1 56 ASP 56 56 56 ASP ASP A . n 
A 1 57 ASN 57 57 57 ASN ASN A . n 
A 1 58 LEU 58 58 58 LEU LEU A . n 
A 1 59 ASP 59 59 59 ASP ASP A . n 
A 1 60 LEU 60 60 60 LEU LEU A . n 
A 1 61 VAL 61 61 61 VAL VAL A . n 
A 1 62 VAL 62 62 62 VAL VAL A . n 
A 1 63 LYS 63 63 63 LYS LYS A . n 
A 1 64 PRO 64 64 64 PRO PRO A . n 
A 1 65 ALA 65 65 65 ALA ALA A . n 
A 1 66 PHE 66 66 66 PHE PHE A . n 
A 1 67 VAL 67 67 67 VAL VAL A . n 
A 1 68 LYS 68 68 68 LYS LYS A . n 
A 1 69 LEU 69 69 69 LEU LEU A . n 
A 1 70 GLU 70 70 70 GLU GLU A . n 
A 1 71 LEU 71 71 71 LEU LEU A . n 
A 1 72 GLU 72 72 72 GLU GLU A . n 
A 1 73 ASN 73 73 73 ASN ASN A . n 
A 1 74 GLU 74 74 74 GLU GLU A . n 
A 1 75 GLU 75 75 75 GLU GLU A . n 
A 1 76 ARG 76 76 76 ARG ARG A . n 
A 1 77 THR 77 77 77 THR THR A . n 
A 1 78 ALA 78 78 78 ALA ALA A . n 
A 1 79 LEU 79 79 79 LEU LEU A . n 
A 1 80 LYS 80 80 80 LYS LYS A . n 
A 1 81 PHE 81 81 81 PHE PHE A . n 
A 1 82 SER 82 82 82 SER SER A . n 
A 1 83 ILE 83 83 83 ILE ILE A . n 
A 1 84 LYS 84 84 84 LYS LYS A . n 
A 1 85 ALA 85 85 85 ALA ALA A . n 
A 1 86 HIS 86 86 86 HIS HIS A . n 
A 1 87 PRO 87 87 87 PRO PRO A . n 
A 1 88 LEU 88 88 88 LEU LEU A . n 
A 1 89 GLU 89 89 89 GLU GLU A . n 
A 1 90 THR 90 90 90 THR THR A . n 
B 1 1  MET 1  1  1  MET MET B . n 
B 1 2  GLU 2  2  2  GLU GLU B . n 
B 1 3  THR 3  3  3  THR THR B . n 
B 1 4  LEU 4  4  4  LEU LEU B . n 
B 1 5  ARG 5  5  5  ARG ARG B . n 
B 1 6  VAL 6  6  6  VAL VAL B . n 
B 1 7  SER 7  7  7  SER SER B . n 
B 1 8  SER 8  8  8  SER SER B . n 
B 1 9  LYS 9  9  9  LYS LYS B . n 
B 1 10 SER 10 10 10 SER SER B . n 
B 1 11 ARG 11 11 11 ARG ARG B . n 
B 1 12 PRO 12 12 12 PRO PRO B . n 
B 1 13 ASN 13 13 13 ASN ASN B . n 
B 1 14 SER 14 14 14 SER SER B . n 
B 1 15 VAL 15 15 15 VAL VAL B . n 
B 1 16 ALA 16 16 16 ALA ALA B . n 
B 1 17 GLY 17 17 17 GLY GLY B . n 
B 1 18 ALA 18 18 18 ALA ALA B . n 
B 1 19 ILE 19 19 19 ILE ILE B . n 
B 1 20 ALA 20 20 20 ALA ALA B . n 
B 1 21 ALA 21 21 21 ALA ALA B . n 
B 1 22 MET 22 22 22 MET MET B . n 
B 1 23 LEU 23 23 23 LEU LEU B . n 
B 1 24 ARG 24 24 24 ARG ARG B . n 
B 1 25 THR 25 25 25 THR THR B . n 
B 1 26 LYS 26 26 26 LYS LYS B . n 
B 1 27 GLY 27 27 27 GLY GLY B . n 
B 1 28 GLU 28 28 28 GLU GLU B . n 
B 1 29 VAL 29 29 29 VAL VAL B . n 
B 1 30 GLU 30 30 30 GLU GLU B . n 
B 1 31 VAL 31 31 31 VAL VAL B . n 
B 1 32 GLN 32 32 32 GLN GLN B . n 
B 1 33 ALA 33 33 33 ALA ALA B . n 
B 1 34 ILE 34 34 34 ILE ILE B . n 
B 1 35 GLY 35 35 35 GLY GLY B . n 
B 1 36 PRO 36 36 36 PRO PRO B . n 
B 1 37 GLN 37 37 37 GLN GLN B . n 
B 1 38 ALA 38 38 38 ALA ALA B . n 
B 1 39 VAL 39 39 39 VAL VAL B . n 
B 1 40 ASN 40 40 40 ASN ASN B . n 
B 1 41 GLN 41 41 41 GLN GLN B . n 
B 1 42 ALA 42 42 42 ALA ALA B . n 
B 1 43 VAL 43 43 43 VAL VAL B . n 
B 1 44 LYS 44 44 44 LYS LYS B . n 
B 1 45 ALA 45 45 45 ALA ALA B . n 
B 1 46 ILE 46 46 46 ILE ILE B . n 
B 1 47 ALA 47 47 47 ALA ALA B . n 
B 1 48 ILE 48 48 48 ILE ILE B . n 
B 1 49 ALA 49 49 49 ALA ALA B . n 
B 1 50 ARG 50 50 50 ARG ARG B . n 
B 1 51 GLY 51 51 51 GLY GLY B . n 
B 1 52 TYR 52 52 52 TYR TYR B . n 
B 1 53 ILE 53 53 53 ILE ILE B . n 
B 1 54 ALA 54 54 54 ALA ALA B . n 
B 1 55 PRO 55 55 55 PRO PRO B . n 
B 1 56 ASP 56 56 56 ASP ASP B . n 
B 1 57 ASN 57 57 57 ASN ASN B . n 
B 1 58 LEU 58 58 58 LEU LEU B . n 
B 1 59 ASP 59 59 59 ASP ASP B . n 
B 1 60 LEU 60 60 60 LEU LEU B . n 
B 1 61 VAL 61 61 61 VAL VAL B . n 
B 1 62 VAL 62 62 62 VAL VAL B . n 
B 1 63 LYS 63 63 63 LYS LYS B . n 
B 1 64 PRO 64 64 64 PRO PRO B . n 
B 1 65 ALA 65 65 65 ALA ALA B . n 
B 1 66 PHE 66 66 66 PHE PHE B . n 
B 1 67 VAL 67 67 67 VAL VAL B . n 
B 1 68 LYS 68 68 68 LYS LYS B . n 
B 1 69 LEU 69 69 69 LEU LEU B . n 
B 1 70 GLU 70 70 70 GLU GLU B . n 
B 1 71 LEU 71 71 71 LEU LEU B . n 
B 1 72 GLU 72 72 72 GLU GLU B . n 
B 1 73 ASN 73 73 73 ASN ASN B . n 
B 1 74 GLU 74 74 74 GLU GLU B . n 
B 1 75 GLU 75 75 75 GLU GLU B . n 
B 1 76 ARG 76 76 76 ARG ARG B . n 
B 1 77 THR 77 77 77 THR THR B . n 
B 1 78 ALA 78 78 78 ALA ALA B . n 
B 1 79 LEU 79 79 79 LEU LEU B . n 
B 1 80 LYS 80 80 80 LYS LYS B . n 
B 1 81 PHE 81 81 81 PHE PHE B . n 
B 1 82 SER 82 82 82 SER SER B . n 
B 1 83 ILE 83 83 83 ILE ILE B . n 
B 1 84 LYS 84 84 84 LYS LYS B . n 
B 1 85 ALA 85 85 85 ALA ALA B . n 
B 1 86 HIS 86 86 86 HIS HIS B . n 
B 1 87 PRO 87 87 87 PRO PRO B . n 
B 1 88 LEU 88 88 88 LEU LEU B . n 
B 1 89 GLU 89 89 89 GLU GLU B . n 
B 1 90 THR 90 90 90 THR THR B . n 
# 
_pdbx_SG_project.id                    1 
_pdbx_SG_project.project_name          'NPPSFA, National Project on Protein Structural and Functional Analyses' 
_pdbx_SG_project.full_name_of_center   'RIKEN Structural Genomics/Proteomics Initiative' 
_pdbx_SG_project.initial_of_center     RSGI 
# 
loop_
_pdbx_nonpoly_scheme.asym_id 
_pdbx_nonpoly_scheme.entity_id 
_pdbx_nonpoly_scheme.mon_id 
_pdbx_nonpoly_scheme.ndb_seq_num 
_pdbx_nonpoly_scheme.pdb_seq_num 
_pdbx_nonpoly_scheme.auth_seq_num 
_pdbx_nonpoly_scheme.pdb_mon_id 
_pdbx_nonpoly_scheme.auth_mon_id 
_pdbx_nonpoly_scheme.pdb_strand_id 
_pdbx_nonpoly_scheme.pdb_ins_code 
C 2 ZN  1  102 2  ZN  ZN2 A . 
D 2 ZN  1  101 1  ZN  ZN2 B . 
E 2 ZN  1  103 3  ZN  ZN2 B . 
F 3 HOH 1  103 1  HOH HOH A . 
F 3 HOH 2  104 3  HOH HOH A . 
F 3 HOH 3  105 6  HOH HOH A . 
F 3 HOH 4  106 8  HOH HOH A . 
F 3 HOH 5  107 9  HOH HOH A . 
F 3 HOH 6  108 10 HOH HOH A . 
F 3 HOH 7  109 11 HOH HOH A . 
F 3 HOH 8  110 12 HOH HOH A . 
F 3 HOH 9  111 13 HOH HOH A . 
F 3 HOH 10 112 15 HOH HOH A . 
F 3 HOH 11 113 16 HOH HOH A . 
F 3 HOH 12 114 17 HOH HOH A . 
F 3 HOH 13 115 18 HOH HOH A . 
F 3 HOH 14 116 19 HOH HOH A . 
F 3 HOH 15 117 22 HOH HOH A . 
F 3 HOH 16 118 23 HOH HOH A . 
F 3 HOH 17 119 24 HOH HOH A . 
F 3 HOH 18 120 26 HOH HOH A . 
F 3 HOH 19 121 27 HOH HOH A . 
F 3 HOH 20 122 28 HOH HOH A . 
F 3 HOH 21 123 30 HOH HOH A . 
F 3 HOH 22 124 37 HOH HOH A . 
F 3 HOH 23 125 41 HOH HOH A . 
F 3 HOH 24 126 44 HOH HOH A . 
F 3 HOH 25 127 47 HOH HOH A . 
F 3 HOH 26 128 48 HOH HOH A . 
F 3 HOH 27 129 49 HOH HOH A . 
F 3 HOH 28 130 51 HOH HOH A . 
F 3 HOH 29 131 54 HOH HOH A . 
F 3 HOH 30 132 56 HOH HOH A . 
F 3 HOH 31 133 59 HOH HOH A . 
F 3 HOH 32 134 62 HOH HOH A . 
F 3 HOH 33 135 63 HOH HOH A . 
F 3 HOH 34 136 64 HOH HOH A . 
F 3 HOH 35 137 66 HOH HOH A . 
F 3 HOH 36 138 67 HOH HOH A . 
F 3 HOH 37 139 68 HOH HOH A . 
F 3 HOH 38 140 69 HOH HOH A . 
F 3 HOH 39 141 70 HOH HOH A . 
G 3 HOH 1  104 2  HOH HOH B . 
G 3 HOH 2  105 4  HOH HOH B . 
G 3 HOH 3  106 5  HOH HOH B . 
G 3 HOH 4  107 7  HOH HOH B . 
G 3 HOH 5  108 14 HOH HOH B . 
G 3 HOH 6  109 20 HOH HOH B . 
G 3 HOH 7  110 21 HOH HOH B . 
G 3 HOH 8  111 25 HOH HOH B . 
G 3 HOH 9  112 29 HOH HOH B . 
G 3 HOH 10 113 31 HOH HOH B . 
G 3 HOH 11 114 32 HOH HOH B . 
G 3 HOH 12 115 33 HOH HOH B . 
G 3 HOH 13 116 34 HOH HOH B . 
G 3 HOH 14 117 35 HOH HOH B . 
G 3 HOH 15 118 36 HOH HOH B . 
G 3 HOH 16 119 38 HOH HOH B . 
G 3 HOH 17 120 39 HOH HOH B . 
G 3 HOH 18 121 40 HOH HOH B . 
G 3 HOH 19 122 42 HOH HOH B . 
G 3 HOH 20 123 43 HOH HOH B . 
G 3 HOH 21 124 45 HOH HOH B . 
G 3 HOH 22 125 46 HOH HOH B . 
G 3 HOH 23 126 50 HOH HOH B . 
G 3 HOH 24 127 52 HOH HOH B . 
G 3 HOH 25 128 53 HOH HOH B . 
G 3 HOH 26 129 55 HOH HOH B . 
G 3 HOH 27 130 57 HOH HOH B . 
G 3 HOH 28 131 58 HOH HOH B . 
G 3 HOH 29 132 60 HOH HOH B . 
G 3 HOH 30 133 61 HOH HOH B . 
G 3 HOH 31 134 65 HOH HOH B . 
# 
loop_
_pdbx_struct_assembly.id 
_pdbx_struct_assembly.details 
_pdbx_struct_assembly.method_details 
_pdbx_struct_assembly.oligomeric_details 
_pdbx_struct_assembly.oligomeric_count 
1 author_and_software_defined_assembly PISA,PQS dimeric    2 
2 software_defined_assembly            PISA     tetrameric 4 
# 
loop_
_pdbx_struct_assembly_gen.assembly_id 
_pdbx_struct_assembly_gen.oper_expression 
_pdbx_struct_assembly_gen.asym_id_list 
1 1   A,B,C,D,E,F,G 
2 1,2 B,D,E,G       
2 3,4 A,C,F         
# 
loop_
_pdbx_struct_assembly_prop.biol_id 
_pdbx_struct_assembly_prop.type 
_pdbx_struct_assembly_prop.value 
_pdbx_struct_assembly_prop.details 
1 'ABSA (A^2)' 1960  ? 
1 MORE         -57   ? 
1 'SSA (A^2)'  9310  ? 
2 'ABSA (A^2)' 3110  ? 
2 MORE         -193  ? 
2 'SSA (A^2)'  19520 ? 
# 
loop_
_pdbx_struct_oper_list.id 
_pdbx_struct_oper_list.type 
_pdbx_struct_oper_list.name 
_pdbx_struct_oper_list.symmetry_operation 
_pdbx_struct_oper_list.matrix[1][1] 
_pdbx_struct_oper_list.matrix[1][2] 
_pdbx_struct_oper_list.matrix[1][3] 
_pdbx_struct_oper_list.vector[1] 
_pdbx_struct_oper_list.matrix[2][1] 
_pdbx_struct_oper_list.matrix[2][2] 
_pdbx_struct_oper_list.matrix[2][3] 
_pdbx_struct_oper_list.vector[2] 
_pdbx_struct_oper_list.matrix[3][1] 
_pdbx_struct_oper_list.matrix[3][2] 
_pdbx_struct_oper_list.matrix[3][3] 
_pdbx_struct_oper_list.vector[3] 
1 'identity operation'         1_555 x,y,z               1.0000000000  0.0000000000  0.0000000000  0.0000000000   0.0000000000  1.0000000000  0.0000000000  0.0000000000   0.0000000000  0.0000000000  1.0000000000  0.0000000000  
2 'crystal symmetry operation' 3_655 -x+1,y,-z+1/2       -0.5570120455 -0.1274161520 0.8206721059  -38.0637939773 -0.1274161520 -0.9633514284 -0.2360490408 22.0264937431  0.8206721059  -0.2360490408 0.5203634739  23.9661286970 
3 'crystal symmetry operation' 6_555 -x+1/2,-y+1/2,z+1/2 0.5568876973  0.1429887613  -0.8181872076 -30.5397153605 0.1429887613  -0.9868675269 -0.0751445178 -11.3339522470 -0.8181872076 -0.0751445178 -0.5700201705 13.7070663114 
4 'crystal symmetry operation' 8_555 x+1/2,-y+1/2,-z     -0.9998756518 -0.0155726094 -0.0024848983 -8.3596690978  -0.0155726094 0.9502189552  0.3111935587  33.6007859872  -0.0024848983 0.3111935587  -0.9503433034 8.7110613784  
# 
loop_
_pdbx_struct_special_symmetry.id 
_pdbx_struct_special_symmetry.PDB_model_num 
_pdbx_struct_special_symmetry.auth_asym_id 
_pdbx_struct_special_symmetry.auth_comp_id 
_pdbx_struct_special_symmetry.auth_seq_id 
_pdbx_struct_special_symmetry.PDB_ins_code 
_pdbx_struct_special_symmetry.label_asym_id 
_pdbx_struct_special_symmetry.label_comp_id 
_pdbx_struct_special_symmetry.label_seq_id 
1 1 B ZN  103 ? E ZN  . 
2 1 B HOH 104 ? G HOH . 
3 1 B HOH 107 ? G HOH . 
4 1 B HOH 109 ? G HOH . 
# 
loop_
_pdbx_struct_conn_angle.id 
_pdbx_struct_conn_angle.ptnr1_label_atom_id 
_pdbx_struct_conn_angle.ptnr1_label_alt_id 
_pdbx_struct_conn_angle.ptnr1_label_asym_id 
_pdbx_struct_conn_angle.ptnr1_label_comp_id 
_pdbx_struct_conn_angle.ptnr1_label_seq_id 
_pdbx_struct_conn_angle.ptnr1_auth_atom_id 
_pdbx_struct_conn_angle.ptnr1_auth_asym_id 
_pdbx_struct_conn_angle.ptnr1_auth_comp_id 
_pdbx_struct_conn_angle.ptnr1_auth_seq_id 
_pdbx_struct_conn_angle.ptnr1_PDB_ins_code 
_pdbx_struct_conn_angle.ptnr1_symmetry 
_pdbx_struct_conn_angle.ptnr2_label_atom_id 
_pdbx_struct_conn_angle.ptnr2_label_alt_id 
_pdbx_struct_conn_angle.ptnr2_label_asym_id 
_pdbx_struct_conn_angle.ptnr2_label_comp_id 
_pdbx_struct_conn_angle.ptnr2_label_seq_id 
_pdbx_struct_conn_angle.ptnr2_auth_atom_id 
_pdbx_struct_conn_angle.ptnr2_auth_asym_id 
_pdbx_struct_conn_angle.ptnr2_auth_comp_id 
_pdbx_struct_conn_angle.ptnr2_auth_seq_id 
_pdbx_struct_conn_angle.ptnr2_PDB_ins_code 
_pdbx_struct_conn_angle.ptnr2_symmetry 
_pdbx_struct_conn_angle.ptnr3_label_atom_id 
_pdbx_struct_conn_angle.ptnr3_label_alt_id 
_pdbx_struct_conn_angle.ptnr3_label_asym_id 
_pdbx_struct_conn_angle.ptnr3_label_comp_id 
_pdbx_struct_conn_angle.ptnr3_label_seq_id 
_pdbx_struct_conn_angle.ptnr3_auth_atom_id 
_pdbx_struct_conn_angle.ptnr3_auth_asym_id 
_pdbx_struct_conn_angle.ptnr3_auth_comp_id 
_pdbx_struct_conn_angle.ptnr3_auth_seq_id 
_pdbx_struct_conn_angle.ptnr3_PDB_ins_code 
_pdbx_struct_conn_angle.ptnr3_symmetry 
_pdbx_struct_conn_angle.value 
_pdbx_struct_conn_angle.value_esd 
1  OE1 ? A GLU 30 ? A GLU 30  ? 6_555 ZN ? D ZN . ? B ZN 101 ? 1_555 OE2 ? A GLU 30 ? A GLU 30  ? 6_555 53.2  ? 
2  OE1 ? A GLU 30 ? A GLU 30  ? 6_555 ZN ? D ZN . ? B ZN 101 ? 1_555 NZ  ? A LYS 80 ? A LYS 80  ? 6_555 80.1  ? 
3  OE2 ? A GLU 30 ? A GLU 30  ? 6_555 ZN ? D ZN . ? B ZN 101 ? 1_555 NZ  ? A LYS 80 ? A LYS 80  ? 6_555 133.2 ? 
4  OE1 ? A GLU 30 ? A GLU 30  ? 6_555 ZN ? D ZN . ? B ZN 101 ? 1_555 OE2 ? B GLU 74 ? B GLU 74  ? 1_555 112.0 ? 
5  OE2 ? A GLU 30 ? A GLU 30  ? 6_555 ZN ? D ZN . ? B ZN 101 ? 1_555 OE2 ? B GLU 74 ? B GLU 74  ? 1_555 76.2  ? 
6  NZ  ? A LYS 80 ? A LYS 80  ? 6_555 ZN ? D ZN . ? B ZN 101 ? 1_555 OE2 ? B GLU 74 ? B GLU 74  ? 1_555 126.3 ? 
7  OE1 ? A GLU 30 ? A GLU 30  ? 6_555 ZN ? D ZN . ? B ZN 101 ? 1_555 OE1 ? B GLU 74 ? B GLU 74  ? 1_555 155.9 ? 
8  OE2 ? A GLU 30 ? A GLU 30  ? 6_555 ZN ? D ZN . ? B ZN 101 ? 1_555 OE1 ? B GLU 74 ? B GLU 74  ? 1_555 127.4 ? 
9  NZ  ? A LYS 80 ? A LYS 80  ? 6_555 ZN ? D ZN . ? B ZN 101 ? 1_555 OE1 ? B GLU 74 ? B GLU 74  ? 1_555 93.4  ? 
10 OE2 ? B GLU 74 ? B GLU 74  ? 1_555 ZN ? D ZN . ? B ZN 101 ? 1_555 OE1 ? B GLU 74 ? B GLU 74  ? 1_555 53.9  ? 
11 OE2 ? A GLU 72 ? A GLU 72  ? 1_555 ZN ? C ZN . ? A ZN 102 ? 1_555 OE2 ? A GLU 74 ? A GLU 74  ? 1_555 86.2  ? 
12 OE2 ? A GLU 72 ? A GLU 72  ? 1_555 ZN ? C ZN . ? A ZN 102 ? 1_555 OE1 ? A GLU 74 ? A GLU 74  ? 1_555 87.2  ? 
13 OE2 ? A GLU 74 ? A GLU 74  ? 1_555 ZN ? C ZN . ? A ZN 102 ? 1_555 OE1 ? A GLU 74 ? A GLU 74  ? 1_555 58.2  ? 
14 OE2 ? A GLU 72 ? A GLU 72  ? 1_555 ZN ? C ZN . ? A ZN 102 ? 1_555 OE1 ? B GLU 30 ? B GLU 30  ? 8_455 88.6  ? 
15 OE2 ? A GLU 74 ? A GLU 74  ? 1_555 ZN ? C ZN . ? A ZN 102 ? 1_555 OE1 ? B GLU 30 ? B GLU 30  ? 8_455 117.4 ? 
16 OE1 ? A GLU 74 ? A GLU 74  ? 1_555 ZN ? C ZN . ? A ZN 102 ? 1_555 OE1 ? B GLU 30 ? B GLU 30  ? 8_455 174.1 ? 
17 OE2 ? A GLU 72 ? A GLU 72  ? 1_555 ZN ? C ZN . ? A ZN 102 ? 1_555 OE2 ? B GLU 30 ? B GLU 30  ? 8_455 103.4 ? 
18 OE2 ? A GLU 74 ? A GLU 74  ? 1_555 ZN ? C ZN . ? A ZN 102 ? 1_555 OE2 ? B GLU 30 ? B GLU 30  ? 8_455 64.9  ? 
19 OE1 ? A GLU 74 ? A GLU 74  ? 1_555 ZN ? C ZN . ? A ZN 102 ? 1_555 OE2 ? B GLU 30 ? B GLU 30  ? 8_455 121.1 ? 
20 OE1 ? B GLU 30 ? B GLU 30  ? 8_455 ZN ? C ZN . ? A ZN 102 ? 1_555 OE2 ? B GLU 30 ? B GLU 30  ? 8_455 56.0  ? 
21 OE2 ? A GLU 72 ? A GLU 72  ? 1_555 ZN ? C ZN . ? A ZN 102 ? 1_555 NZ  ? B LYS 80 ? B LYS 80  ? 8_455 140.6 ? 
22 OE2 ? A GLU 74 ? A GLU 74  ? 1_555 ZN ? C ZN . ? A ZN 102 ? 1_555 NZ  ? B LYS 80 ? B LYS 80  ? 8_455 124.7 ? 
23 OE1 ? A GLU 74 ? A GLU 74  ? 1_555 ZN ? C ZN . ? A ZN 102 ? 1_555 NZ  ? B LYS 80 ? B LYS 80  ? 8_455 89.8  ? 
24 OE1 ? B GLU 30 ? B GLU 30  ? 8_455 ZN ? C ZN . ? A ZN 102 ? 1_555 NZ  ? B LYS 80 ? B LYS 80  ? 8_455 96.0  ? 
25 OE2 ? B GLU 30 ? B GLU 30  ? 8_455 ZN ? C ZN . ? A ZN 102 ? 1_555 NZ  ? B LYS 80 ? B LYS 80  ? 8_455 111.5 ? 
26 OE1 ? A GLU 75 ? A GLU 75  ? 8_555 ZN ? E ZN . ? B ZN 103 ? 1_555 OE1 ? A GLU 75 ? A GLU 75  ? 6_555 174.7 ? 
27 OE1 ? A GLU 75 ? A GLU 75  ? 8_555 ZN ? E ZN . ? B ZN 103 ? 1_555 OE1 ? B GLU 75 ? B GLU 75  ? 1_555 89.6  ? 
28 OE1 ? A GLU 75 ? A GLU 75  ? 6_555 ZN ? E ZN . ? B ZN 103 ? 1_555 OE1 ? B GLU 75 ? B GLU 75  ? 1_555 89.7  ? 
29 OE1 ? A GLU 75 ? A GLU 75  ? 8_555 ZN ? E ZN . ? B ZN 103 ? 1_555 OE1 ? B GLU 75 ? B GLU 75  ? 3_655 89.8  ? 
30 OE1 ? A GLU 75 ? A GLU 75  ? 6_555 ZN ? E ZN . ? B ZN 103 ? 1_555 OE1 ? B GLU 75 ? B GLU 75  ? 3_655 89.9  ? 
31 OE1 ? B GLU 75 ? B GLU 75  ? 1_555 ZN ? E ZN . ? B ZN 103 ? 1_555 OE1 ? B GLU 75 ? B GLU 75  ? 3_655 169.0 ? 
32 OE1 ? A GLU 75 ? A GLU 75  ? 8_555 ZN ? E ZN . ? B ZN 103 ? 1_555 O   ? G HOH .  ? B HOH 110 ? 1_555 107.1 ? 
33 OE1 ? A GLU 75 ? A GLU 75  ? 6_555 ZN ? E ZN . ? B ZN 103 ? 1_555 O   ? G HOH .  ? B HOH 110 ? 1_555 77.7  ? 
34 OE1 ? B GLU 75 ? B GLU 75  ? 1_555 ZN ? E ZN . ? B ZN 103 ? 1_555 O   ? G HOH .  ? B HOH 110 ? 1_555 70.4  ? 
35 OE1 ? B GLU 75 ? B GLU 75  ? 3_655 ZN ? E ZN . ? B ZN 103 ? 1_555 O   ? G HOH .  ? B HOH 110 ? 1_555 120.2 ? 
36 OE1 ? A GLU 75 ? A GLU 75  ? 8_555 ZN ? E ZN . ? B ZN 103 ? 1_555 O   ? G HOH .  ? B HOH 110 ? 3_655 77.6  ? 
37 OE1 ? A GLU 75 ? A GLU 75  ? 6_555 ZN ? E ZN . ? B ZN 103 ? 1_555 O   ? G HOH .  ? B HOH 110 ? 3_655 107.2 ? 
38 OE1 ? B GLU 75 ? B GLU 75  ? 1_555 ZN ? E ZN . ? B ZN 103 ? 1_555 O   ? G HOH .  ? B HOH 110 ? 3_655 120.0 ? 
39 OE1 ? B GLU 75 ? B GLU 75  ? 3_655 ZN ? E ZN . ? B ZN 103 ? 1_555 O   ? G HOH .  ? B HOH 110 ? 3_655 70.5  ? 
40 O   ? G HOH .  ? B HOH 110 ? 1_555 ZN ? E ZN . ? B ZN 103 ? 1_555 O   ? G HOH .  ? B HOH 110 ? 3_655 58.8  ? 
# 
loop_
_pdbx_audit_revision_history.ordinal 
_pdbx_audit_revision_history.data_content_type 
_pdbx_audit_revision_history.major_revision 
_pdbx_audit_revision_history.minor_revision 
_pdbx_audit_revision_history.revision_date 
1 'Structure model' 1 0 2007-09-25 
2 'Structure model' 1 1 2011-07-13 
3 'Structure model' 1 2 2017-10-11 
4 'Structure model' 1 3 2021-11-10 
5 'Structure model' 1 4 2023-10-25 
# 
_pdbx_audit_revision_details.ordinal             1 
_pdbx_audit_revision_details.revision_ordinal    1 
_pdbx_audit_revision_details.data_content_type   'Structure model' 
_pdbx_audit_revision_details.provider            repository 
_pdbx_audit_revision_details.type                'Initial release' 
_pdbx_audit_revision_details.description         ? 
_pdbx_audit_revision_details.details             ? 
# 
loop_
_pdbx_audit_revision_group.ordinal 
_pdbx_audit_revision_group.revision_ordinal 
_pdbx_audit_revision_group.data_content_type 
_pdbx_audit_revision_group.group 
1 2 'Structure model' 'Derived calculations'      
2 2 'Structure model' 'Version format compliance' 
3 3 'Structure model' 'Refinement description'    
4 4 'Structure model' 'Database references'       
5 4 'Structure model' 'Derived calculations'      
6 5 'Structure model' 'Data collection'           
7 5 'Structure model' 'Refinement description'    
# 
loop_
_pdbx_audit_revision_category.ordinal 
_pdbx_audit_revision_category.revision_ordinal 
_pdbx_audit_revision_category.data_content_type 
_pdbx_audit_revision_category.category 
1 3 'Structure model' software                      
2 4 'Structure model' database_2                    
3 4 'Structure model' pdbx_struct_conn_angle        
4 4 'Structure model' struct_conn                   
5 4 'Structure model' struct_ref_seq_dif            
6 5 'Structure model' chem_comp_atom                
7 5 'Structure model' chem_comp_bond                
8 5 'Structure model' pdbx_initial_refinement_model 
# 
loop_
_pdbx_audit_revision_item.ordinal 
_pdbx_audit_revision_item.revision_ordinal 
_pdbx_audit_revision_item.data_content_type 
_pdbx_audit_revision_item.item 
1  3 'Structure model' '_software.classification'                    
2  3 'Structure model' '_software.contact_author'                    
3  3 'Structure model' '_software.contact_author_email'              
4  3 'Structure model' '_software.date'                              
5  3 'Structure model' '_software.language'                          
6  3 'Structure model' '_software.location'                          
7  3 'Structure model' '_software.name'                              
8  3 'Structure model' '_software.type'                              
9  3 'Structure model' '_software.version'                           
10 4 'Structure model' '_database_2.pdbx_DOI'                        
11 4 'Structure model' '_database_2.pdbx_database_accession'         
12 4 'Structure model' '_pdbx_struct_conn_angle.ptnr1_auth_asym_id'  
13 4 'Structure model' '_pdbx_struct_conn_angle.ptnr1_auth_comp_id'  
14 4 'Structure model' '_pdbx_struct_conn_angle.ptnr1_auth_seq_id'   
15 4 'Structure model' '_pdbx_struct_conn_angle.ptnr1_label_asym_id' 
16 4 'Structure model' '_pdbx_struct_conn_angle.ptnr1_label_atom_id' 
17 4 'Structure model' '_pdbx_struct_conn_angle.ptnr1_label_comp_id' 
18 4 'Structure model' '_pdbx_struct_conn_angle.ptnr1_label_seq_id'  
19 4 'Structure model' '_pdbx_struct_conn_angle.ptnr1_symmetry'      
20 4 'Structure model' '_pdbx_struct_conn_angle.ptnr2_auth_asym_id'  
21 4 'Structure model' '_pdbx_struct_conn_angle.ptnr2_auth_seq_id'   
22 4 'Structure model' '_pdbx_struct_conn_angle.ptnr2_label_asym_id' 
23 4 'Structure model' '_pdbx_struct_conn_angle.ptnr3_auth_asym_id'  
24 4 'Structure model' '_pdbx_struct_conn_angle.ptnr3_auth_comp_id'  
25 4 'Structure model' '_pdbx_struct_conn_angle.ptnr3_auth_seq_id'   
26 4 'Structure model' '_pdbx_struct_conn_angle.ptnr3_label_asym_id' 
27 4 'Structure model' '_pdbx_struct_conn_angle.ptnr3_label_atom_id' 
28 4 'Structure model' '_pdbx_struct_conn_angle.ptnr3_label_comp_id' 
29 4 'Structure model' '_pdbx_struct_conn_angle.ptnr3_label_seq_id'  
30 4 'Structure model' '_pdbx_struct_conn_angle.ptnr3_symmetry'      
31 4 'Structure model' '_pdbx_struct_conn_angle.value'               
32 4 'Structure model' '_struct_conn.pdbx_dist_value'                
33 4 'Structure model' '_struct_conn.ptnr1_auth_asym_id'             
34 4 'Structure model' '_struct_conn.ptnr1_auth_comp_id'             
35 4 'Structure model' '_struct_conn.ptnr1_auth_seq_id'              
36 4 'Structure model' '_struct_conn.ptnr1_label_asym_id'            
37 4 'Structure model' '_struct_conn.ptnr1_label_atom_id'            
38 4 'Structure model' '_struct_conn.ptnr1_label_comp_id'            
39 4 'Structure model' '_struct_conn.ptnr1_label_seq_id'             
40 4 'Structure model' '_struct_conn.ptnr1_symmetry'                 
41 4 'Structure model' '_struct_conn.ptnr2_auth_asym_id'             
42 4 'Structure model' '_struct_conn.ptnr2_auth_comp_id'             
43 4 'Structure model' '_struct_conn.ptnr2_auth_seq_id'              
44 4 'Structure model' '_struct_conn.ptnr2_label_asym_id'            
45 4 'Structure model' '_struct_conn.ptnr2_label_atom_id'            
46 4 'Structure model' '_struct_conn.ptnr2_label_comp_id'            
47 4 'Structure model' '_struct_conn.ptnr2_label_seq_id'             
48 4 'Structure model' '_struct_conn.ptnr2_symmetry'                 
49 4 'Structure model' '_struct_ref_seq_dif.details'                 
# 
_pdbx_phasing_MR.entry_id                     2EK0 
_pdbx_phasing_MR.method_rotation              ? 
_pdbx_phasing_MR.method_translation           ? 
_pdbx_phasing_MR.model_details                ? 
_pdbx_phasing_MR.R_factor                     0.448 
_pdbx_phasing_MR.R_rigid_body                 ? 
_pdbx_phasing_MR.correlation_coeff_Fo_to_Fc   0.574 
_pdbx_phasing_MR.correlation_coeff_Io_to_Ic   ? 
_pdbx_phasing_MR.d_res_high_rotation          3.000 
_pdbx_phasing_MR.d_res_low_rotation           40.460 
_pdbx_phasing_MR.d_res_high_translation       3.000 
_pdbx_phasing_MR.d_res_low_translation        40.460 
_pdbx_phasing_MR.packing                      ? 
_pdbx_phasing_MR.reflns_percent_rotation      ? 
_pdbx_phasing_MR.reflns_percent_translation   ? 
_pdbx_phasing_MR.sigma_F_rotation             ? 
_pdbx_phasing_MR.sigma_F_translation          ? 
_pdbx_phasing_MR.sigma_I_rotation             ? 
_pdbx_phasing_MR.sigma_I_translation          ? 
# 
loop_
_software.name 
_software.version 
_software.date 
_software.type 
_software.contact_author 
_software.contact_author_email 
_software.classification 
_software.location 
_software.language 
_software.citation_id 
_software.pdbx_ordinal 
DENZO       .       ?                package 'Zbyszek Otwinowski' zbyszek@mix.swmed.edu    'data reduction'  
http://www.lnls.br/infra/linhasluz/denzo-hkl.htm ?          ? 1 
SCALEPACK   .       ?                package 'Zbyszek Otwinowski' zbyszek@mix.swmed.edu    'data scaling'    
http://www.lnls.br/infra/linhasluz/denzo-hkl.htm ?          ? 2 
MOLREP      .       ?                other   'A. Vagin'           alexei@ysbl.york.ac.uk   phasing           
http://www.ccp4.ac.uk/dist/html/molrep.html      Fortran_77 ? 3 
REFMAC      .       ?                program 'Murshudov, G.N.'    ccp4@dl.ac.uk            refinement        
http://www.ccp4.ac.uk/main.html                  Fortran_77 ? 4 
PDB_EXTRACT 2.000   'April. 3, 2006' package PDB                  sw-help@rcsb.rutgers.edu 'data extraction' 
http://pdb.rutgers.edu/software/                 C++        ? 5 
ADSC        Quantum ?                ?       ?                    ?                        'data collection' ? ?          ? 6 
HKL-2000    .       ?                ?       ?                    ?                        'data reduction'  ? ?          ? 7 
CNS         1.1     ?                ?       ?                    ?                        refinement        ? ?          ? 8 
# 
loop_
_pdbx_validate_close_contact.id 
_pdbx_validate_close_contact.PDB_model_num 
_pdbx_validate_close_contact.auth_atom_id_1 
_pdbx_validate_close_contact.auth_asym_id_1 
_pdbx_validate_close_contact.auth_comp_id_1 
_pdbx_validate_close_contact.auth_seq_id_1 
_pdbx_validate_close_contact.PDB_ins_code_1 
_pdbx_validate_close_contact.label_alt_id_1 
_pdbx_validate_close_contact.auth_atom_id_2 
_pdbx_validate_close_contact.auth_asym_id_2 
_pdbx_validate_close_contact.auth_comp_id_2 
_pdbx_validate_close_contact.auth_seq_id_2 
_pdbx_validate_close_contact.PDB_ins_code_2 
_pdbx_validate_close_contact.label_alt_id_2 
_pdbx_validate_close_contact.dist 
1 1 O   A HOH 138 ? ? O A HOH 139 ? ? 1.99 
2 1 O   A HOH 135 ? ? O A HOH 137 ? ? 2.14 
3 1 OE2 A GLU 70  ? ? O A HOH 115 ? ? 2.15 
4 1 OE2 B GLU 75  ? ? O B HOH 110 ? ? 2.19 
# 
_pdbx_validate_symm_contact.id                1 
_pdbx_validate_symm_contact.PDB_model_num     1 
_pdbx_validate_symm_contact.auth_atom_id_1    OE2 
_pdbx_validate_symm_contact.auth_asym_id_1    A 
_pdbx_validate_symm_contact.auth_comp_id_1    GLU 
_pdbx_validate_symm_contact.auth_seq_id_1     89 
_pdbx_validate_symm_contact.PDB_ins_code_1    ? 
_pdbx_validate_symm_contact.label_alt_id_1    ? 
_pdbx_validate_symm_contact.site_symmetry_1   1_555 
_pdbx_validate_symm_contact.auth_atom_id_2    O 
_pdbx_validate_symm_contact.auth_asym_id_2    B 
_pdbx_validate_symm_contact.auth_comp_id_2    HOH 
_pdbx_validate_symm_contact.auth_seq_id_2     134 
_pdbx_validate_symm_contact.PDB_ins_code_2    ? 
_pdbx_validate_symm_contact.label_alt_id_2    ? 
_pdbx_validate_symm_contact.site_symmetry_2   3_654 
_pdbx_validate_symm_contact.dist              2.14 
# 
loop_
_pdbx_validate_torsion.id 
_pdbx_validate_torsion.PDB_model_num 
_pdbx_validate_torsion.auth_comp_id 
_pdbx_validate_torsion.auth_asym_id 
_pdbx_validate_torsion.auth_seq_id 
_pdbx_validate_torsion.PDB_ins_code 
_pdbx_validate_torsion.label_alt_id 
_pdbx_validate_torsion.phi 
_pdbx_validate_torsion.psi 
1 1 ASN A 73 ? ? 52.48  11.99   
2 1 ASP B 56 ? ? -74.31 24.26   
3 1 GLU B 72 ? ? 56.59  -121.60 
4 1 LEU B 88 ? ? -32.15 164.09  
# 
loop_
_pdbx_unobs_or_zero_occ_atoms.id 
_pdbx_unobs_or_zero_occ_atoms.PDB_model_num 
_pdbx_unobs_or_zero_occ_atoms.polymer_flag 
_pdbx_unobs_or_zero_occ_atoms.occupancy_flag 
_pdbx_unobs_or_zero_occ_atoms.auth_asym_id 
_pdbx_unobs_or_zero_occ_atoms.auth_comp_id 
_pdbx_unobs_or_zero_occ_atoms.auth_seq_id 
_pdbx_unobs_or_zero_occ_atoms.PDB_ins_code 
_pdbx_unobs_or_zero_occ_atoms.auth_atom_id 
_pdbx_unobs_or_zero_occ_atoms.label_alt_id 
_pdbx_unobs_or_zero_occ_atoms.label_asym_id 
_pdbx_unobs_or_zero_occ_atoms.label_comp_id 
_pdbx_unobs_or_zero_occ_atoms.label_seq_id 
_pdbx_unobs_or_zero_occ_atoms.label_atom_id 
1  1 Y 1 A LYS 26 ? CE ? A LYS 26 CE 
2  1 Y 1 A LYS 26 ? NZ ? A LYS 26 NZ 
3  1 Y 1 A LYS 68 ? CE ? A LYS 68 CE 
4  1 Y 1 A LYS 68 ? NZ ? A LYS 68 NZ 
5  1 Y 1 B LYS 26 ? CE ? B LYS 26 CE 
6  1 Y 1 B LYS 26 ? NZ ? B LYS 26 NZ 
7  1 Y 1 B LYS 84 ? CG ? B LYS 84 CG 
8  1 Y 1 B LYS 84 ? CD ? B LYS 84 CD 
9  1 Y 1 B LYS 84 ? CE ? B LYS 84 CE 
10 1 Y 1 B LYS 84 ? NZ ? B LYS 84 NZ 
# 
loop_
_chem_comp_atom.comp_id 
_chem_comp_atom.atom_id 
_chem_comp_atom.type_symbol 
_chem_comp_atom.pdbx_aromatic_flag 
_chem_comp_atom.pdbx_stereo_config 
_chem_comp_atom.pdbx_ordinal 
ALA N    N  N N 1   
ALA CA   C  N S 2   
ALA C    C  N N 3   
ALA O    O  N N 4   
ALA CB   C  N N 5   
ALA OXT  O  N N 6   
ALA H    H  N N 7   
ALA H2   H  N N 8   
ALA HA   H  N N 9   
ALA HB1  H  N N 10  
ALA HB2  H  N N 11  
ALA HB3  H  N N 12  
ALA HXT  H  N N 13  
ARG N    N  N N 14  
ARG CA   C  N S 15  
ARG C    C  N N 16  
ARG O    O  N N 17  
ARG CB   C  N N 18  
ARG CG   C  N N 19  
ARG CD   C  N N 20  
ARG NE   N  N N 21  
ARG CZ   C  N N 22  
ARG NH1  N  N N 23  
ARG NH2  N  N N 24  
ARG OXT  O  N N 25  
ARG H    H  N N 26  
ARG H2   H  N N 27  
ARG HA   H  N N 28  
ARG HB2  H  N N 29  
ARG HB3  H  N N 30  
ARG HG2  H  N N 31  
ARG HG3  H  N N 32  
ARG HD2  H  N N 33  
ARG HD3  H  N N 34  
ARG HE   H  N N 35  
ARG HH11 H  N N 36  
ARG HH12 H  N N 37  
ARG HH21 H  N N 38  
ARG HH22 H  N N 39  
ARG HXT  H  N N 40  
ASN N    N  N N 41  
ASN CA   C  N S 42  
ASN C    C  N N 43  
ASN O    O  N N 44  
ASN CB   C  N N 45  
ASN CG   C  N N 46  
ASN OD1  O  N N 47  
ASN ND2  N  N N 48  
ASN OXT  O  N N 49  
ASN H    H  N N 50  
ASN H2   H  N N 51  
ASN HA   H  N N 52  
ASN HB2  H  N N 53  
ASN HB3  H  N N 54  
ASN HD21 H  N N 55  
ASN HD22 H  N N 56  
ASN HXT  H  N N 57  
ASP N    N  N N 58  
ASP CA   C  N S 59  
ASP C    C  N N 60  
ASP O    O  N N 61  
ASP CB   C  N N 62  
ASP CG   C  N N 63  
ASP OD1  O  N N 64  
ASP OD2  O  N N 65  
ASP OXT  O  N N 66  
ASP H    H  N N 67  
ASP H2   H  N N 68  
ASP HA   H  N N 69  
ASP HB2  H  N N 70  
ASP HB3  H  N N 71  
ASP HD2  H  N N 72  
ASP HXT  H  N N 73  
GLN N    N  N N 74  
GLN CA   C  N S 75  
GLN C    C  N N 76  
GLN O    O  N N 77  
GLN CB   C  N N 78  
GLN CG   C  N N 79  
GLN CD   C  N N 80  
GLN OE1  O  N N 81  
GLN NE2  N  N N 82  
GLN OXT  O  N N 83  
GLN H    H  N N 84  
GLN H2   H  N N 85  
GLN HA   H  N N 86  
GLN HB2  H  N N 87  
GLN HB3  H  N N 88  
GLN HG2  H  N N 89  
GLN HG3  H  N N 90  
GLN HE21 H  N N 91  
GLN HE22 H  N N 92  
GLN HXT  H  N N 93  
GLU N    N  N N 94  
GLU CA   C  N S 95  
GLU C    C  N N 96  
GLU O    O  N N 97  
GLU CB   C  N N 98  
GLU CG   C  N N 99  
GLU CD   C  N N 100 
GLU OE1  O  N N 101 
GLU OE2  O  N N 102 
GLU OXT  O  N N 103 
GLU H    H  N N 104 
GLU H2   H  N N 105 
GLU HA   H  N N 106 
GLU HB2  H  N N 107 
GLU HB3  H  N N 108 
GLU HG2  H  N N 109 
GLU HG3  H  N N 110 
GLU HE2  H  N N 111 
GLU HXT  H  N N 112 
GLY N    N  N N 113 
GLY CA   C  N N 114 
GLY C    C  N N 115 
GLY O    O  N N 116 
GLY OXT  O  N N 117 
GLY H    H  N N 118 
GLY H2   H  N N 119 
GLY HA2  H  N N 120 
GLY HA3  H  N N 121 
GLY HXT  H  N N 122 
HIS N    N  N N 123 
HIS CA   C  N S 124 
HIS C    C  N N 125 
HIS O    O  N N 126 
HIS CB   C  N N 127 
HIS CG   C  Y N 128 
HIS ND1  N  Y N 129 
HIS CD2  C  Y N 130 
HIS CE1  C  Y N 131 
HIS NE2  N  Y N 132 
HIS OXT  O  N N 133 
HIS H    H  N N 134 
HIS H2   H  N N 135 
HIS HA   H  N N 136 
HIS HB2  H  N N 137 
HIS HB3  H  N N 138 
HIS HD1  H  N N 139 
HIS HD2  H  N N 140 
HIS HE1  H  N N 141 
HIS HE2  H  N N 142 
HIS HXT  H  N N 143 
HOH O    O  N N 144 
HOH H1   H  N N 145 
HOH H2   H  N N 146 
ILE N    N  N N 147 
ILE CA   C  N S 148 
ILE C    C  N N 149 
ILE O    O  N N 150 
ILE CB   C  N S 151 
ILE CG1  C  N N 152 
ILE CG2  C  N N 153 
ILE CD1  C  N N 154 
ILE OXT  O  N N 155 
ILE H    H  N N 156 
ILE H2   H  N N 157 
ILE HA   H  N N 158 
ILE HB   H  N N 159 
ILE HG12 H  N N 160 
ILE HG13 H  N N 161 
ILE HG21 H  N N 162 
ILE HG22 H  N N 163 
ILE HG23 H  N N 164 
ILE HD11 H  N N 165 
ILE HD12 H  N N 166 
ILE HD13 H  N N 167 
ILE HXT  H  N N 168 
LEU N    N  N N 169 
LEU CA   C  N S 170 
LEU C    C  N N 171 
LEU O    O  N N 172 
LEU CB   C  N N 173 
LEU CG   C  N N 174 
LEU CD1  C  N N 175 
LEU CD2  C  N N 176 
LEU OXT  O  N N 177 
LEU H    H  N N 178 
LEU H2   H  N N 179 
LEU HA   H  N N 180 
LEU HB2  H  N N 181 
LEU HB3  H  N N 182 
LEU HG   H  N N 183 
LEU HD11 H  N N 184 
LEU HD12 H  N N 185 
LEU HD13 H  N N 186 
LEU HD21 H  N N 187 
LEU HD22 H  N N 188 
LEU HD23 H  N N 189 
LEU HXT  H  N N 190 
LYS N    N  N N 191 
LYS CA   C  N S 192 
LYS C    C  N N 193 
LYS O    O  N N 194 
LYS CB   C  N N 195 
LYS CG   C  N N 196 
LYS CD   C  N N 197 
LYS CE   C  N N 198 
LYS NZ   N  N N 199 
LYS OXT  O  N N 200 
LYS H    H  N N 201 
LYS H2   H  N N 202 
LYS HA   H  N N 203 
LYS HB2  H  N N 204 
LYS HB3  H  N N 205 
LYS HG2  H  N N 206 
LYS HG3  H  N N 207 
LYS HD2  H  N N 208 
LYS HD3  H  N N 209 
LYS HE2  H  N N 210 
LYS HE3  H  N N 211 
LYS HZ1  H  N N 212 
LYS HZ2  H  N N 213 
LYS HZ3  H  N N 214 
LYS HXT  H  N N 215 
MET N    N  N N 216 
MET CA   C  N S 217 
MET C    C  N N 218 
MET O    O  N N 219 
MET CB   C  N N 220 
MET CG   C  N N 221 
MET SD   S  N N 222 
MET CE   C  N N 223 
MET OXT  O  N N 224 
MET H    H  N N 225 
MET H2   H  N N 226 
MET HA   H  N N 227 
MET HB2  H  N N 228 
MET HB3  H  N N 229 
MET HG2  H  N N 230 
MET HG3  H  N N 231 
MET HE1  H  N N 232 
MET HE2  H  N N 233 
MET HE3  H  N N 234 
MET HXT  H  N N 235 
PHE N    N  N N 236 
PHE CA   C  N S 237 
PHE C    C  N N 238 
PHE O    O  N N 239 
PHE CB   C  N N 240 
PHE CG   C  Y N 241 
PHE CD1  C  Y N 242 
PHE CD2  C  Y N 243 
PHE CE1  C  Y N 244 
PHE CE2  C  Y N 245 
PHE CZ   C  Y N 246 
PHE OXT  O  N N 247 
PHE H    H  N N 248 
PHE H2   H  N N 249 
PHE HA   H  N N 250 
PHE HB2  H  N N 251 
PHE HB3  H  N N 252 
PHE HD1  H  N N 253 
PHE HD2  H  N N 254 
PHE HE1  H  N N 255 
PHE HE2  H  N N 256 
PHE HZ   H  N N 257 
PHE HXT  H  N N 258 
PRO N    N  N N 259 
PRO CA   C  N S 260 
PRO C    C  N N 261 
PRO O    O  N N 262 
PRO CB   C  N N 263 
PRO CG   C  N N 264 
PRO CD   C  N N 265 
PRO OXT  O  N N 266 
PRO H    H  N N 267 
PRO HA   H  N N 268 
PRO HB2  H  N N 269 
PRO HB3  H  N N 270 
PRO HG2  H  N N 271 
PRO HG3  H  N N 272 
PRO HD2  H  N N 273 
PRO HD3  H  N N 274 
PRO HXT  H  N N 275 
SER N    N  N N 276 
SER CA   C  N S 277 
SER C    C  N N 278 
SER O    O  N N 279 
SER CB   C  N N 280 
SER OG   O  N N 281 
SER OXT  O  N N 282 
SER H    H  N N 283 
SER H2   H  N N 284 
SER HA   H  N N 285 
SER HB2  H  N N 286 
SER HB3  H  N N 287 
SER HG   H  N N 288 
SER HXT  H  N N 289 
THR N    N  N N 290 
THR CA   C  N S 291 
THR C    C  N N 292 
THR O    O  N N 293 
THR CB   C  N R 294 
THR OG1  O  N N 295 
THR CG2  C  N N 296 
THR OXT  O  N N 297 
THR H    H  N N 298 
THR H2   H  N N 299 
THR HA   H  N N 300 
THR HB   H  N N 301 
THR HG1  H  N N 302 
THR HG21 H  N N 303 
THR HG22 H  N N 304 
THR HG23 H  N N 305 
THR HXT  H  N N 306 
TYR N    N  N N 307 
TYR CA   C  N S 308 
TYR C    C  N N 309 
TYR O    O  N N 310 
TYR CB   C  N N 311 
TYR CG   C  Y N 312 
TYR CD1  C  Y N 313 
TYR CD2  C  Y N 314 
TYR CE1  C  Y N 315 
TYR CE2  C  Y N 316 
TYR CZ   C  Y N 317 
TYR OH   O  N N 318 
TYR OXT  O  N N 319 
TYR H    H  N N 320 
TYR H2   H  N N 321 
TYR HA   H  N N 322 
TYR HB2  H  N N 323 
TYR HB3  H  N N 324 
TYR HD1  H  N N 325 
TYR HD2  H  N N 326 
TYR HE1  H  N N 327 
TYR HE2  H  N N 328 
TYR HH   H  N N 329 
TYR HXT  H  N N 330 
VAL N    N  N N 331 
VAL CA   C  N S 332 
VAL C    C  N N 333 
VAL O    O  N N 334 
VAL CB   C  N N 335 
VAL CG1  C  N N 336 
VAL CG2  C  N N 337 
VAL OXT  O  N N 338 
VAL H    H  N N 339 
VAL H2   H  N N 340 
VAL HA   H  N N 341 
VAL HB   H  N N 342 
VAL HG11 H  N N 343 
VAL HG12 H  N N 344 
VAL HG13 H  N N 345 
VAL HG21 H  N N 346 
VAL HG22 H  N N 347 
VAL HG23 H  N N 348 
VAL HXT  H  N N 349 
ZN  ZN   ZN N N 350 
# 
loop_
_chem_comp_bond.comp_id 
_chem_comp_bond.atom_id_1 
_chem_comp_bond.atom_id_2 
_chem_comp_bond.value_order 
_chem_comp_bond.pdbx_aromatic_flag 
_chem_comp_bond.pdbx_stereo_config 
_chem_comp_bond.pdbx_ordinal 
ALA N   CA   sing N N 1   
ALA N   H    sing N N 2   
ALA N   H2   sing N N 3   
ALA CA  C    sing N N 4   
ALA CA  CB   sing N N 5   
ALA CA  HA   sing N N 6   
ALA C   O    doub N N 7   
ALA C   OXT  sing N N 8   
ALA CB  HB1  sing N N 9   
ALA CB  HB2  sing N N 10  
ALA CB  HB3  sing N N 11  
ALA OXT HXT  sing N N 12  
ARG N   CA   sing N N 13  
ARG N   H    sing N N 14  
ARG N   H2   sing N N 15  
ARG CA  C    sing N N 16  
ARG CA  CB   sing N N 17  
ARG CA  HA   sing N N 18  
ARG C   O    doub N N 19  
ARG C   OXT  sing N N 20  
ARG CB  CG   sing N N 21  
ARG CB  HB2  sing N N 22  
ARG CB  HB3  sing N N 23  
ARG CG  CD   sing N N 24  
ARG CG  HG2  sing N N 25  
ARG CG  HG3  sing N N 26  
ARG CD  NE   sing N N 27  
ARG CD  HD2  sing N N 28  
ARG CD  HD3  sing N N 29  
ARG NE  CZ   sing N N 30  
ARG NE  HE   sing N N 31  
ARG CZ  NH1  sing N N 32  
ARG CZ  NH2  doub N N 33  
ARG NH1 HH11 sing N N 34  
ARG NH1 HH12 sing N N 35  
ARG NH2 HH21 sing N N 36  
ARG NH2 HH22 sing N N 37  
ARG OXT HXT  sing N N 38  
ASN N   CA   sing N N 39  
ASN N   H    sing N N 40  
ASN N   H2   sing N N 41  
ASN CA  C    sing N N 42  
ASN CA  CB   sing N N 43  
ASN CA  HA   sing N N 44  
ASN C   O    doub N N 45  
ASN C   OXT  sing N N 46  
ASN CB  CG   sing N N 47  
ASN CB  HB2  sing N N 48  
ASN CB  HB3  sing N N 49  
ASN CG  OD1  doub N N 50  
ASN CG  ND2  sing N N 51  
ASN ND2 HD21 sing N N 52  
ASN ND2 HD22 sing N N 53  
ASN OXT HXT  sing N N 54  
ASP N   CA   sing N N 55  
ASP N   H    sing N N 56  
ASP N   H2   sing N N 57  
ASP CA  C    sing N N 58  
ASP CA  CB   sing N N 59  
ASP CA  HA   sing N N 60  
ASP C   O    doub N N 61  
ASP C   OXT  sing N N 62  
ASP CB  CG   sing N N 63  
ASP CB  HB2  sing N N 64  
ASP CB  HB3  sing N N 65  
ASP CG  OD1  doub N N 66  
ASP CG  OD2  sing N N 67  
ASP OD2 HD2  sing N N 68  
ASP OXT HXT  sing N N 69  
GLN N   CA   sing N N 70  
GLN N   H    sing N N 71  
GLN N   H2   sing N N 72  
GLN CA  C    sing N N 73  
GLN CA  CB   sing N N 74  
GLN CA  HA   sing N N 75  
GLN C   O    doub N N 76  
GLN C   OXT  sing N N 77  
GLN CB  CG   sing N N 78  
GLN CB  HB2  sing N N 79  
GLN CB  HB3  sing N N 80  
GLN CG  CD   sing N N 81  
GLN CG  HG2  sing N N 82  
GLN CG  HG3  sing N N 83  
GLN CD  OE1  doub N N 84  
GLN CD  NE2  sing N N 85  
GLN NE2 HE21 sing N N 86  
GLN NE2 HE22 sing N N 87  
GLN OXT HXT  sing N N 88  
GLU N   CA   sing N N 89  
GLU N   H    sing N N 90  
GLU N   H2   sing N N 91  
GLU CA  C    sing N N 92  
GLU CA  CB   sing N N 93  
GLU CA  HA   sing N N 94  
GLU C   O    doub N N 95  
GLU C   OXT  sing N N 96  
GLU CB  CG   sing N N 97  
GLU CB  HB2  sing N N 98  
GLU CB  HB3  sing N N 99  
GLU CG  CD   sing N N 100 
GLU CG  HG2  sing N N 101 
GLU CG  HG3  sing N N 102 
GLU CD  OE1  doub N N 103 
GLU CD  OE2  sing N N 104 
GLU OE2 HE2  sing N N 105 
GLU OXT HXT  sing N N 106 
GLY N   CA   sing N N 107 
GLY N   H    sing N N 108 
GLY N   H2   sing N N 109 
GLY CA  C    sing N N 110 
GLY CA  HA2  sing N N 111 
GLY CA  HA3  sing N N 112 
GLY C   O    doub N N 113 
GLY C   OXT  sing N N 114 
GLY OXT HXT  sing N N 115 
HIS N   CA   sing N N 116 
HIS N   H    sing N N 117 
HIS N   H2   sing N N 118 
HIS CA  C    sing N N 119 
HIS CA  CB   sing N N 120 
HIS CA  HA   sing N N 121 
HIS C   O    doub N N 122 
HIS C   OXT  sing N N 123 
HIS CB  CG   sing N N 124 
HIS CB  HB2  sing N N 125 
HIS CB  HB3  sing N N 126 
HIS CG  ND1  sing Y N 127 
HIS CG  CD2  doub Y N 128 
HIS ND1 CE1  doub Y N 129 
HIS ND1 HD1  sing N N 130 
HIS CD2 NE2  sing Y N 131 
HIS CD2 HD2  sing N N 132 
HIS CE1 NE2  sing Y N 133 
HIS CE1 HE1  sing N N 134 
HIS NE2 HE2  sing N N 135 
HIS OXT HXT  sing N N 136 
HOH O   H1   sing N N 137 
HOH O   H2   sing N N 138 
ILE N   CA   sing N N 139 
ILE N   H    sing N N 140 
ILE N   H2   sing N N 141 
ILE CA  C    sing N N 142 
ILE CA  CB   sing N N 143 
ILE CA  HA   sing N N 144 
ILE C   O    doub N N 145 
ILE C   OXT  sing N N 146 
ILE CB  CG1  sing N N 147 
ILE CB  CG2  sing N N 148 
ILE CB  HB   sing N N 149 
ILE CG1 CD1  sing N N 150 
ILE CG1 HG12 sing N N 151 
ILE CG1 HG13 sing N N 152 
ILE CG2 HG21 sing N N 153 
ILE CG2 HG22 sing N N 154 
ILE CG2 HG23 sing N N 155 
ILE CD1 HD11 sing N N 156 
ILE CD1 HD12 sing N N 157 
ILE CD1 HD13 sing N N 158 
ILE OXT HXT  sing N N 159 
LEU N   CA   sing N N 160 
LEU N   H    sing N N 161 
LEU N   H2   sing N N 162 
LEU CA  C    sing N N 163 
LEU CA  CB   sing N N 164 
LEU CA  HA   sing N N 165 
LEU C   O    doub N N 166 
LEU C   OXT  sing N N 167 
LEU CB  CG   sing N N 168 
LEU CB  HB2  sing N N 169 
LEU CB  HB3  sing N N 170 
LEU CG  CD1  sing N N 171 
LEU CG  CD2  sing N N 172 
LEU CG  HG   sing N N 173 
LEU CD1 HD11 sing N N 174 
LEU CD1 HD12 sing N N 175 
LEU CD1 HD13 sing N N 176 
LEU CD2 HD21 sing N N 177 
LEU CD2 HD22 sing N N 178 
LEU CD2 HD23 sing N N 179 
LEU OXT HXT  sing N N 180 
LYS N   CA   sing N N 181 
LYS N   H    sing N N 182 
LYS N   H2   sing N N 183 
LYS CA  C    sing N N 184 
LYS CA  CB   sing N N 185 
LYS CA  HA   sing N N 186 
LYS C   O    doub N N 187 
LYS C   OXT  sing N N 188 
LYS CB  CG   sing N N 189 
LYS CB  HB2  sing N N 190 
LYS CB  HB3  sing N N 191 
LYS CG  CD   sing N N 192 
LYS CG  HG2  sing N N 193 
LYS CG  HG3  sing N N 194 
LYS CD  CE   sing N N 195 
LYS CD  HD2  sing N N 196 
LYS CD  HD3  sing N N 197 
LYS CE  NZ   sing N N 198 
LYS CE  HE2  sing N N 199 
LYS CE  HE3  sing N N 200 
LYS NZ  HZ1  sing N N 201 
LYS NZ  HZ2  sing N N 202 
LYS NZ  HZ3  sing N N 203 
LYS OXT HXT  sing N N 204 
MET N   CA   sing N N 205 
MET N   H    sing N N 206 
MET N   H2   sing N N 207 
MET CA  C    sing N N 208 
MET CA  CB   sing N N 209 
MET CA  HA   sing N N 210 
MET C   O    doub N N 211 
MET C   OXT  sing N N 212 
MET CB  CG   sing N N 213 
MET CB  HB2  sing N N 214 
MET CB  HB3  sing N N 215 
MET CG  SD   sing N N 216 
MET CG  HG2  sing N N 217 
MET CG  HG3  sing N N 218 
MET SD  CE   sing N N 219 
MET CE  HE1  sing N N 220 
MET CE  HE2  sing N N 221 
MET CE  HE3  sing N N 222 
MET OXT HXT  sing N N 223 
PHE N   CA   sing N N 224 
PHE N   H    sing N N 225 
PHE N   H2   sing N N 226 
PHE CA  C    sing N N 227 
PHE CA  CB   sing N N 228 
PHE CA  HA   sing N N 229 
PHE C   O    doub N N 230 
PHE C   OXT  sing N N 231 
PHE CB  CG   sing N N 232 
PHE CB  HB2  sing N N 233 
PHE CB  HB3  sing N N 234 
PHE CG  CD1  doub Y N 235 
PHE CG  CD2  sing Y N 236 
PHE CD1 CE1  sing Y N 237 
PHE CD1 HD1  sing N N 238 
PHE CD2 CE2  doub Y N 239 
PHE CD2 HD2  sing N N 240 
PHE CE1 CZ   doub Y N 241 
PHE CE1 HE1  sing N N 242 
PHE CE2 CZ   sing Y N 243 
PHE CE2 HE2  sing N N 244 
PHE CZ  HZ   sing N N 245 
PHE OXT HXT  sing N N 246 
PRO N   CA   sing N N 247 
PRO N   CD   sing N N 248 
PRO N   H    sing N N 249 
PRO CA  C    sing N N 250 
PRO CA  CB   sing N N 251 
PRO CA  HA   sing N N 252 
PRO C   O    doub N N 253 
PRO C   OXT  sing N N 254 
PRO CB  CG   sing N N 255 
PRO CB  HB2  sing N N 256 
PRO CB  HB3  sing N N 257 
PRO CG  CD   sing N N 258 
PRO CG  HG2  sing N N 259 
PRO CG  HG3  sing N N 260 
PRO CD  HD2  sing N N 261 
PRO CD  HD3  sing N N 262 
PRO OXT HXT  sing N N 263 
SER N   CA   sing N N 264 
SER N   H    sing N N 265 
SER N   H2   sing N N 266 
SER CA  C    sing N N 267 
SER CA  CB   sing N N 268 
SER CA  HA   sing N N 269 
SER C   O    doub N N 270 
SER C   OXT  sing N N 271 
SER CB  OG   sing N N 272 
SER CB  HB2  sing N N 273 
SER CB  HB3  sing N N 274 
SER OG  HG   sing N N 275 
SER OXT HXT  sing N N 276 
THR N   CA   sing N N 277 
THR N   H    sing N N 278 
THR N   H2   sing N N 279 
THR CA  C    sing N N 280 
THR CA  CB   sing N N 281 
THR CA  HA   sing N N 282 
THR C   O    doub N N 283 
THR C   OXT  sing N N 284 
THR CB  OG1  sing N N 285 
THR CB  CG2  sing N N 286 
THR CB  HB   sing N N 287 
THR OG1 HG1  sing N N 288 
THR CG2 HG21 sing N N 289 
THR CG2 HG22 sing N N 290 
THR CG2 HG23 sing N N 291 
THR OXT HXT  sing N N 292 
TYR N   CA   sing N N 293 
TYR N   H    sing N N 294 
TYR N   H2   sing N N 295 
TYR CA  C    sing N N 296 
TYR CA  CB   sing N N 297 
TYR CA  HA   sing N N 298 
TYR C   O    doub N N 299 
TYR C   OXT  sing N N 300 
TYR CB  CG   sing N N 301 
TYR CB  HB2  sing N N 302 
TYR CB  HB3  sing N N 303 
TYR CG  CD1  doub Y N 304 
TYR CG  CD2  sing Y N 305 
TYR CD1 CE1  sing Y N 306 
TYR CD1 HD1  sing N N 307 
TYR CD2 CE2  doub Y N 308 
TYR CD2 HD2  sing N N 309 
TYR CE1 CZ   doub Y N 310 
TYR CE1 HE1  sing N N 311 
TYR CE2 CZ   sing Y N 312 
TYR CE2 HE2  sing N N 313 
TYR CZ  OH   sing N N 314 
TYR OH  HH   sing N N 315 
TYR OXT HXT  sing N N 316 
VAL N   CA   sing N N 317 
VAL N   H    sing N N 318 
VAL N   H2   sing N N 319 
VAL CA  C    sing N N 320 
VAL CA  CB   sing N N 321 
VAL CA  HA   sing N N 322 
VAL C   O    doub N N 323 
VAL C   OXT  sing N N 324 
VAL CB  CG1  sing N N 325 
VAL CB  CG2  sing N N 326 
VAL CB  HB   sing N N 327 
VAL CG1 HG11 sing N N 328 
VAL CG1 HG12 sing N N 329 
VAL CG1 HG13 sing N N 330 
VAL CG2 HG21 sing N N 331 
VAL CG2 HG22 sing N N 332 
VAL CG2 HG23 sing N N 333 
VAL OXT HXT  sing N N 334 
# 
loop_
_pdbx_entity_nonpoly.entity_id 
_pdbx_entity_nonpoly.name 
_pdbx_entity_nonpoly.comp_id 
2 'ZINC ION' ZN  
3 water      HOH 
# 
_pdbx_initial_refinement_model.id               1 
_pdbx_initial_refinement_model.entity_id_list   ? 
_pdbx_initial_refinement_model.type             'experimental model' 
_pdbx_initial_refinement_model.source_name      PDB 
_pdbx_initial_refinement_model.accession_code   2EH1 
_pdbx_initial_refinement_model.details          ? 
# 
